data_2F42
# 
_entry.id   2F42 
# 
_audit_conform.dict_name       mmcif_pdbx.dic 
_audit_conform.dict_version    5.387 
_audit_conform.dict_location   http://mmcif.pdb.org/dictionaries/ascii/mmcif_pdbx.dic 
# 
loop_
_database_2.database_id 
_database_2.database_code 
_database_2.pdbx_database_accession 
_database_2.pdbx_DOI 
PDB   2F42         pdb_00002f42 10.2210/pdb2f42/pdb 
RCSB  RCSB035426   ?            ?                   
WWPDB D_1000035426 ?            ?                   
# 
loop_
_pdbx_audit_revision_history.ordinal 
_pdbx_audit_revision_history.data_content_type 
_pdbx_audit_revision_history.major_revision 
_pdbx_audit_revision_history.minor_revision 
_pdbx_audit_revision_history.revision_date 
1 'Structure model' 1 0 2006-05-02 
2 'Structure model' 1 1 2008-05-01 
3 'Structure model' 1 2 2011-07-13 
4 'Structure model' 1 3 2024-02-14 
# 
_pdbx_audit_revision_details.ordinal             1 
_pdbx_audit_revision_details.revision_ordinal    1 
_pdbx_audit_revision_details.data_content_type   'Structure model' 
_pdbx_audit_revision_details.provider            repository 
_pdbx_audit_revision_details.type                'Initial release' 
_pdbx_audit_revision_details.description         ? 
_pdbx_audit_revision_details.details             ? 
# 
loop_
_pdbx_audit_revision_group.ordinal 
_pdbx_audit_revision_group.revision_ordinal 
_pdbx_audit_revision_group.data_content_type 
_pdbx_audit_revision_group.group 
1 2 'Structure model' 'Version format compliance' 
2 3 'Structure model' 'Derived calculations'      
3 3 'Structure model' 'Version format compliance' 
4 4 'Structure model' 'Data collection'           
5 4 'Structure model' 'Database references'       
6 4 'Structure model' 'Derived calculations'      
# 
loop_
_pdbx_audit_revision_category.ordinal 
_pdbx_audit_revision_category.revision_ordinal 
_pdbx_audit_revision_category.data_content_type 
_pdbx_audit_revision_category.category 
1 4 'Structure model' chem_comp_atom     
2 4 'Structure model' chem_comp_bond     
3 4 'Structure model' database_2         
4 4 'Structure model' struct_ref_seq_dif 
5 4 'Structure model' struct_site        
# 
loop_
_pdbx_audit_revision_item.ordinal 
_pdbx_audit_revision_item.revision_ordinal 
_pdbx_audit_revision_item.data_content_type 
_pdbx_audit_revision_item.item 
1 4 'Structure model' '_database_2.pdbx_DOI'                
2 4 'Structure model' '_database_2.pdbx_database_accession' 
3 4 'Structure model' '_struct_ref_seq_dif.details'         
4 4 'Structure model' '_struct_site.pdbx_auth_asym_id'      
5 4 'Structure model' '_struct_site.pdbx_auth_comp_id'      
6 4 'Structure model' '_struct_site.pdbx_auth_seq_id'       
# 
_pdbx_database_status.entry_id                        2F42 
_pdbx_database_status.deposit_site                    RCSB 
_pdbx_database_status.process_site                    RCSB 
_pdbx_database_status.recvd_initial_deposition_date   2005-11-22 
_pdbx_database_status.status_code                     REL 
_pdbx_database_status.status_code_sf                  REL 
_pdbx_database_status.status_code_mr                  ? 
_pdbx_database_status.SG_entry                        ? 
_pdbx_database_status.pdb_format_compatible           Y 
_pdbx_database_status.status_code_cs                  ? 
_pdbx_database_status.status_code_nmr_data            ? 
_pdbx_database_status.methods_development_category    ? 
# 
loop_
_audit_author.name 
_audit_author.pdbx_ordinal 
'Xu, Z.'    1 
'Nix, J.C.' 2 
'Misra, S.' 3 
# 
_citation.id                        primary 
_citation.title                     
'Structure and Interactions of the Helical and U-Box Domains of CHIP, the C Terminus of HSP70 Interacting Protein.' 
_citation.journal_abbrev            Biochemistry 
_citation.journal_volume            45 
_citation.page_first                4749 
_citation.page_last                 4759 
_citation.year                      2006 
_citation.journal_id_ASTM           BICHAW 
_citation.country                   US 
_citation.journal_id_ISSN           0006-2960 
_citation.journal_id_CSD            0033 
_citation.book_publisher            ? 
_citation.pdbx_database_id_PubMed   16605243 
_citation.pdbx_database_id_DOI      10.1021/bi0601508 
# 
loop_
_citation_author.citation_id 
_citation_author.name 
_citation_author.ordinal 
_citation_author.identifier_ORCID 
primary 'Xu, Z.'       1 ? 
primary 'Devlin, K.I.' 2 ? 
primary 'Ford, M.G.'   3 ? 
primary 'Nix, J.C.'    4 ? 
primary 'Qin, J.'      5 ? 
primary 'Misra, S.'    6 ? 
# 
loop_
_entity.id 
_entity.type 
_entity.src_method 
_entity.pdbx_description 
_entity.formula_weight 
_entity.pdbx_number_of_molecules 
_entity.pdbx_ec 
_entity.pdbx_mutation 
_entity.pdbx_fragment 
_entity.details 
1 polymer     man 'STIP1 homology and U-box containing protein 1' 21005.748 1  ? ? 'C-terminal domain, Dimerization domain, U-box' 
? 
2 non-polymer syn 'CHLORIDE ION'                                  35.453    1  ? ? ?                                               
? 
3 water       nat water                                           18.015    71 ? ? ?                                               
? 
# 
_entity_poly.entity_id                      1 
_entity_poly.type                           'polypeptide(L)' 
_entity_poly.nstd_linkage                   no 
_entity_poly.nstd_monomer                   no 
_entity_poly.pdbx_seq_one_letter_code       
;GIDPFTQRLNFGDDIPSALRIAKKKRWNSIEEKRISQENELHAYLSKLILAEKERELDDRVKQSDDSQNGGDISKMKSKH
DKYLMDMDELFSQVDEKRKKREIPDYLCGKISFELMREPCITPSGITYDRKDIEEHLQRVGHFDPVTRSPLTQDQLIPNL
AMKEVIDAFIQENGWVEDY
;
_entity_poly.pdbx_seq_one_letter_code_can   
;GIDPFTQRLNFGDDIPSALRIAKKKRWNSIEEKRISQENELHAYLSKLILAEKERELDDRVKQSDDSQNGGDISKMKSKH
DKYLMDMDELFSQVDEKRKKREIPDYLCGKISFELMREPCITPSGITYDRKDIEEHLQRVGHFDPVTRSPLTQDQLIPNL
AMKEVIDAFIQENGWVEDY
;
_entity_poly.pdbx_strand_id                 A 
_entity_poly.pdbx_target_identifier         ? 
# 
loop_
_pdbx_entity_nonpoly.entity_id 
_pdbx_entity_nonpoly.name 
_pdbx_entity_nonpoly.comp_id 
2 'CHLORIDE ION' CL  
3 water          HOH 
# 
loop_
_entity_poly_seq.entity_id 
_entity_poly_seq.num 
_entity_poly_seq.mon_id 
_entity_poly_seq.hetero 
1 1   GLY n 
1 2   ILE n 
1 3   ASP n 
1 4   PRO n 
1 5   PHE n 
1 6   THR n 
1 7   GLN n 
1 8   ARG n 
1 9   LEU n 
1 10  ASN n 
1 11  PHE n 
1 12  GLY n 
1 13  ASP n 
1 14  ASP n 
1 15  ILE n 
1 16  PRO n 
1 17  SER n 
1 18  ALA n 
1 19  LEU n 
1 20  ARG n 
1 21  ILE n 
1 22  ALA n 
1 23  LYS n 
1 24  LYS n 
1 25  LYS n 
1 26  ARG n 
1 27  TRP n 
1 28  ASN n 
1 29  SER n 
1 30  ILE n 
1 31  GLU n 
1 32  GLU n 
1 33  LYS n 
1 34  ARG n 
1 35  ILE n 
1 36  SER n 
1 37  GLN n 
1 38  GLU n 
1 39  ASN n 
1 40  GLU n 
1 41  LEU n 
1 42  HIS n 
1 43  ALA n 
1 44  TYR n 
1 45  LEU n 
1 46  SER n 
1 47  LYS n 
1 48  LEU n 
1 49  ILE n 
1 50  LEU n 
1 51  ALA n 
1 52  GLU n 
1 53  LYS n 
1 54  GLU n 
1 55  ARG n 
1 56  GLU n 
1 57  LEU n 
1 58  ASP n 
1 59  ASP n 
1 60  ARG n 
1 61  VAL n 
1 62  LYS n 
1 63  GLN n 
1 64  SER n 
1 65  ASP n 
1 66  ASP n 
1 67  SER n 
1 68  GLN n 
1 69  ASN n 
1 70  GLY n 
1 71  GLY n 
1 72  ASP n 
1 73  ILE n 
1 74  SER n 
1 75  LYS n 
1 76  MET n 
1 77  LYS n 
1 78  SER n 
1 79  LYS n 
1 80  HIS n 
1 81  ASP n 
1 82  LYS n 
1 83  TYR n 
1 84  LEU n 
1 85  MET n 
1 86  ASP n 
1 87  MET n 
1 88  ASP n 
1 89  GLU n 
1 90  LEU n 
1 91  PHE n 
1 92  SER n 
1 93  GLN n 
1 94  VAL n 
1 95  ASP n 
1 96  GLU n 
1 97  LYS n 
1 98  ARG n 
1 99  LYS n 
1 100 LYS n 
1 101 ARG n 
1 102 GLU n 
1 103 ILE n 
1 104 PRO n 
1 105 ASP n 
1 106 TYR n 
1 107 LEU n 
1 108 CYS n 
1 109 GLY n 
1 110 LYS n 
1 111 ILE n 
1 112 SER n 
1 113 PHE n 
1 114 GLU n 
1 115 LEU n 
1 116 MET n 
1 117 ARG n 
1 118 GLU n 
1 119 PRO n 
1 120 CYS n 
1 121 ILE n 
1 122 THR n 
1 123 PRO n 
1 124 SER n 
1 125 GLY n 
1 126 ILE n 
1 127 THR n 
1 128 TYR n 
1 129 ASP n 
1 130 ARG n 
1 131 LYS n 
1 132 ASP n 
1 133 ILE n 
1 134 GLU n 
1 135 GLU n 
1 136 HIS n 
1 137 LEU n 
1 138 GLN n 
1 139 ARG n 
1 140 VAL n 
1 141 GLY n 
1 142 HIS n 
1 143 PHE n 
1 144 ASP n 
1 145 PRO n 
1 146 VAL n 
1 147 THR n 
1 148 ARG n 
1 149 SER n 
1 150 PRO n 
1 151 LEU n 
1 152 THR n 
1 153 GLN n 
1 154 ASP n 
1 155 GLN n 
1 156 LEU n 
1 157 ILE n 
1 158 PRO n 
1 159 ASN n 
1 160 LEU n 
1 161 ALA n 
1 162 MET n 
1 163 LYS n 
1 164 GLU n 
1 165 VAL n 
1 166 ILE n 
1 167 ASP n 
1 168 ALA n 
1 169 PHE n 
1 170 ILE n 
1 171 GLN n 
1 172 GLU n 
1 173 ASN n 
1 174 GLY n 
1 175 TRP n 
1 176 VAL n 
1 177 GLU n 
1 178 ASP n 
1 179 TYR n 
# 
_entity_src_gen.entity_id                          1 
_entity_src_gen.pdbx_src_id                        1 
_entity_src_gen.pdbx_alt_source_flag               sample 
_entity_src_gen.pdbx_seq_type                      ? 
_entity_src_gen.pdbx_beg_seq_num                   ? 
_entity_src_gen.pdbx_end_seq_num                   ? 
_entity_src_gen.gene_src_common_name               zebrafish 
_entity_src_gen.gene_src_genus                     Danio 
_entity_src_gen.pdbx_gene_src_gene                 'stub1 (amino acids 112-284)' 
_entity_src_gen.gene_src_species                   ? 
_entity_src_gen.gene_src_strain                    ? 
_entity_src_gen.gene_src_tissue                    ? 
_entity_src_gen.gene_src_tissue_fraction           ? 
_entity_src_gen.gene_src_details                   ? 
_entity_src_gen.pdbx_gene_src_fragment             ? 
_entity_src_gen.pdbx_gene_src_scientific_name      'Danio rerio' 
_entity_src_gen.pdbx_gene_src_ncbi_taxonomy_id     7955 
_entity_src_gen.pdbx_gene_src_variant              ? 
_entity_src_gen.pdbx_gene_src_cell_line            ? 
_entity_src_gen.pdbx_gene_src_atcc                 ? 
_entity_src_gen.pdbx_gene_src_organ                ? 
_entity_src_gen.pdbx_gene_src_organelle            ? 
_entity_src_gen.pdbx_gene_src_cell                 ? 
_entity_src_gen.pdbx_gene_src_cellular_location    ? 
_entity_src_gen.host_org_common_name               ? 
_entity_src_gen.pdbx_host_org_scientific_name      'Escherichia coli' 
_entity_src_gen.pdbx_host_org_ncbi_taxonomy_id     562 
_entity_src_gen.host_org_genus                     Escherichia 
_entity_src_gen.pdbx_host_org_gene                 ? 
_entity_src_gen.pdbx_host_org_organ                ? 
_entity_src_gen.host_org_species                   ? 
_entity_src_gen.pdbx_host_org_tissue               ? 
_entity_src_gen.pdbx_host_org_tissue_fraction      ? 
_entity_src_gen.pdbx_host_org_strain               'Rosetta2(DE3)' 
_entity_src_gen.pdbx_host_org_variant              ? 
_entity_src_gen.pdbx_host_org_cell_line            ? 
_entity_src_gen.pdbx_host_org_atcc                 ? 
_entity_src_gen.pdbx_host_org_culture_collection   ? 
_entity_src_gen.pdbx_host_org_cell                 ? 
_entity_src_gen.pdbx_host_org_organelle            ? 
_entity_src_gen.pdbx_host_org_cellular_location    ? 
_entity_src_gen.pdbx_host_org_vector_type          Plasmid 
_entity_src_gen.pdbx_host_org_vector               ? 
_entity_src_gen.host_org_details                   ? 
_entity_src_gen.expression_system_id               ? 
_entity_src_gen.plasmid_name                       PET151-D-TOPO 
_entity_src_gen.plasmid_details                    ? 
_entity_src_gen.pdbx_description                   ? 
# 
loop_
_chem_comp.id 
_chem_comp.type 
_chem_comp.mon_nstd_flag 
_chem_comp.name 
_chem_comp.pdbx_synonyms 
_chem_comp.formula 
_chem_comp.formula_weight 
ALA 'L-peptide linking' y ALANINE         ? 'C3 H7 N O2'     89.093  
ARG 'L-peptide linking' y ARGININE        ? 'C6 H15 N4 O2 1' 175.209 
ASN 'L-peptide linking' y ASPARAGINE      ? 'C4 H8 N2 O3'    132.118 
ASP 'L-peptide linking' y 'ASPARTIC ACID' ? 'C4 H7 N O4'     133.103 
CL  non-polymer         . 'CHLORIDE ION'  ? 'Cl -1'          35.453  
CYS 'L-peptide linking' y CYSTEINE        ? 'C3 H7 N O2 S'   121.158 
GLN 'L-peptide linking' y GLUTAMINE       ? 'C5 H10 N2 O3'   146.144 
GLU 'L-peptide linking' y 'GLUTAMIC ACID' ? 'C5 H9 N O4'     147.129 
GLY 'peptide linking'   y GLYCINE         ? 'C2 H5 N O2'     75.067  
HIS 'L-peptide linking' y HISTIDINE       ? 'C6 H10 N3 O2 1' 156.162 
HOH non-polymer         . WATER           ? 'H2 O'           18.015  
ILE 'L-peptide linking' y ISOLEUCINE      ? 'C6 H13 N O2'    131.173 
LEU 'L-peptide linking' y LEUCINE         ? 'C6 H13 N O2'    131.173 
LYS 'L-peptide linking' y LYSINE          ? 'C6 H15 N2 O2 1' 147.195 
MET 'L-peptide linking' y METHIONINE      ? 'C5 H11 N O2 S'  149.211 
PHE 'L-peptide linking' y PHENYLALANINE   ? 'C9 H11 N O2'    165.189 
PRO 'L-peptide linking' y PROLINE         ? 'C5 H9 N O2'     115.130 
SER 'L-peptide linking' y SERINE          ? 'C3 H7 N O3'     105.093 
THR 'L-peptide linking' y THREONINE       ? 'C4 H9 N O3'     119.119 
TRP 'L-peptide linking' y TRYPTOPHAN      ? 'C11 H12 N2 O2'  204.225 
TYR 'L-peptide linking' y TYROSINE        ? 'C9 H11 N O3'    181.189 
VAL 'L-peptide linking' y VALINE          ? 'C5 H11 N O2'    117.146 
# 
loop_
_pdbx_poly_seq_scheme.asym_id 
_pdbx_poly_seq_scheme.entity_id 
_pdbx_poly_seq_scheme.seq_id 
_pdbx_poly_seq_scheme.mon_id 
_pdbx_poly_seq_scheme.ndb_seq_num 
_pdbx_poly_seq_scheme.pdb_seq_num 
_pdbx_poly_seq_scheme.auth_seq_num 
_pdbx_poly_seq_scheme.pdb_mon_id 
_pdbx_poly_seq_scheme.auth_mon_id 
_pdbx_poly_seq_scheme.pdb_strand_id 
_pdbx_poly_seq_scheme.pdb_ins_code 
_pdbx_poly_seq_scheme.hetero 
A 1 1   GLY 1   106 ?   ?   ?   A . n 
A 1 2   ILE 2   107 ?   ?   ?   A . n 
A 1 3   ASP 3   108 ?   ?   ?   A . n 
A 1 4   PRO 4   109 ?   ?   ?   A . n 
A 1 5   PHE 5   110 ?   ?   ?   A . n 
A 1 6   THR 6   111 ?   ?   ?   A . n 
A 1 7   GLN 7   112 ?   ?   ?   A . n 
A 1 8   ARG 8   113 ?   ?   ?   A . n 
A 1 9   LEU 9   114 ?   ?   ?   A . n 
A 1 10  ASN 10  115 ?   ?   ?   A . n 
A 1 11  PHE 11  116 ?   ?   ?   A . n 
A 1 12  GLY 12  117 ?   ?   ?   A . n 
A 1 13  ASP 13  118 ?   ?   ?   A . n 
A 1 14  ASP 14  119 ?   ?   ?   A . n 
A 1 15  ILE 15  120 ?   ?   ?   A . n 
A 1 16  PRO 16  121 ?   ?   ?   A . n 
A 1 17  SER 17  122 ?   ?   ?   A . n 
A 1 18  ALA 18  123 ?   ?   ?   A . n 
A 1 19  LEU 19  124 ?   ?   ?   A . n 
A 1 20  ARG 20  125 ?   ?   ?   A . n 
A 1 21  ILE 21  126 ?   ?   ?   A . n 
A 1 22  ALA 22  127 127 ALA ALA A . n 
A 1 23  LYS 23  128 128 LYS LYS A . n 
A 1 24  LYS 24  129 129 LYS LYS A . n 
A 1 25  LYS 25  130 130 LYS LYS A . n 
A 1 26  ARG 26  131 131 ARG ARG A . n 
A 1 27  TRP 27  132 132 TRP TRP A . n 
A 1 28  ASN 28  133 133 ASN ASN A . n 
A 1 29  SER 29  134 134 SER SER A . n 
A 1 30  ILE 30  135 135 ILE ILE A . n 
A 1 31  GLU 31  136 136 GLU GLU A . n 
A 1 32  GLU 32  137 137 GLU GLU A . n 
A 1 33  LYS 33  138 138 LYS LYS A . n 
A 1 34  ARG 34  139 139 ARG ARG A . n 
A 1 35  ILE 35  140 140 ILE ILE A . n 
A 1 36  SER 36  141 141 SER SER A . n 
A 1 37  GLN 37  142 142 GLN GLN A . n 
A 1 38  GLU 38  143 143 GLU GLU A . n 
A 1 39  ASN 39  144 144 ASN ASN A . n 
A 1 40  GLU 40  145 145 GLU GLU A . n 
A 1 41  LEU 41  146 146 LEU LEU A . n 
A 1 42  HIS 42  147 147 HIS HIS A . n 
A 1 43  ALA 43  148 148 ALA ALA A . n 
A 1 44  TYR 44  149 149 TYR TYR A . n 
A 1 45  LEU 45  150 150 LEU LEU A . n 
A 1 46  SER 46  151 151 SER SER A . n 
A 1 47  LYS 47  152 152 LYS LYS A . n 
A 1 48  LEU 48  153 153 LEU LEU A . n 
A 1 49  ILE 49  154 154 ILE ILE A . n 
A 1 50  LEU 50  155 155 LEU LEU A . n 
A 1 51  ALA 51  156 156 ALA ALA A . n 
A 1 52  GLU 52  157 157 GLU GLU A . n 
A 1 53  LYS 53  158 158 LYS LYS A . n 
A 1 54  GLU 54  159 159 GLU GLU A . n 
A 1 55  ARG 55  160 160 ARG ARG A . n 
A 1 56  GLU 56  161 161 GLU GLU A . n 
A 1 57  LEU 57  162 162 LEU LEU A . n 
A 1 58  ASP 58  163 163 ASP ASP A . n 
A 1 59  ASP 59  164 164 ASP ASP A . n 
A 1 60  ARG 60  165 ?   ?   ?   A . n 
A 1 61  VAL 61  166 ?   ?   ?   A . n 
A 1 62  LYS 62  167 ?   ?   ?   A . n 
A 1 63  GLN 63  168 ?   ?   ?   A . n 
A 1 64  SER 64  169 ?   ?   ?   A . n 
A 1 65  ASP 65  170 ?   ?   ?   A . n 
A 1 66  ASP 66  171 ?   ?   ?   A . n 
A 1 67  SER 67  172 ?   ?   ?   A . n 
A 1 68  GLN 68  173 ?   ?   ?   A . n 
A 1 69  ASN 69  174 ?   ?   ?   A . n 
A 1 70  GLY 70  175 ?   ?   ?   A . n 
A 1 71  GLY 71  176 ?   ?   ?   A . n 
A 1 72  ASP 72  177 ?   ?   ?   A . n 
A 1 73  ILE 73  178 ?   ?   ?   A . n 
A 1 74  SER 74  179 ?   ?   ?   A . n 
A 1 75  LYS 75  180 ?   ?   ?   A . n 
A 1 76  MET 76  181 ?   ?   ?   A . n 
A 1 77  LYS 77  182 ?   ?   ?   A . n 
A 1 78  SER 78  183 183 SER SER A . n 
A 1 79  LYS 79  184 184 LYS LYS A . n 
A 1 80  HIS 80  185 185 HIS HIS A . n 
A 1 81  ASP 81  186 186 ASP ASP A . n 
A 1 82  LYS 82  187 187 LYS LYS A . n 
A 1 83  TYR 83  188 188 TYR TYR A . n 
A 1 84  LEU 84  189 189 LEU LEU A . n 
A 1 85  MET 85  190 190 MET MET A . n 
A 1 86  ASP 86  191 191 ASP ASP A . n 
A 1 87  MET 87  192 192 MET MET A . n 
A 1 88  ASP 88  193 193 ASP ASP A . n 
A 1 89  GLU 89  194 194 GLU GLU A . n 
A 1 90  LEU 90  195 195 LEU LEU A . n 
A 1 91  PHE 91  196 196 PHE PHE A . n 
A 1 92  SER 92  197 197 SER SER A . n 
A 1 93  GLN 93  198 198 GLN GLN A . n 
A 1 94  VAL 94  199 199 VAL VAL A . n 
A 1 95  ASP 95  200 200 ASP ASP A . n 
A 1 96  GLU 96  201 201 GLU GLU A . n 
A 1 97  LYS 97  202 202 LYS LYS A . n 
A 1 98  ARG 98  203 203 ARG ARG A . n 
A 1 99  LYS 99  204 204 LYS LYS A . n 
A 1 100 LYS 100 205 205 LYS LYS A . n 
A 1 101 ARG 101 206 206 ARG ARG A . n 
A 1 102 GLU 102 207 207 GLU GLU A . n 
A 1 103 ILE 103 208 208 ILE ILE A . n 
A 1 104 PRO 104 209 209 PRO PRO A . n 
A 1 105 ASP 105 210 210 ASP ASP A . n 
A 1 106 TYR 106 211 211 TYR TYR A . n 
A 1 107 LEU 107 212 212 LEU LEU A . n 
A 1 108 CYS 108 213 213 CYS CYS A . n 
A 1 109 GLY 109 214 214 GLY GLY A . n 
A 1 110 LYS 110 215 215 LYS LYS A . n 
A 1 111 ILE 111 216 216 ILE ILE A . n 
A 1 112 SER 112 217 217 SER SER A . n 
A 1 113 PHE 113 218 218 PHE PHE A . n 
A 1 114 GLU 114 219 219 GLU GLU A . n 
A 1 115 LEU 115 220 220 LEU LEU A . n 
A 1 116 MET 116 221 221 MET MET A . n 
A 1 117 ARG 117 222 222 ARG ALA A . n 
A 1 118 GLU 118 223 223 GLU GLU A . n 
A 1 119 PRO 119 224 224 PRO PRO A . n 
A 1 120 CYS 120 225 225 CYS CYS A . n 
A 1 121 ILE 121 226 226 ILE ILE A . n 
A 1 122 THR 122 227 227 THR THR A . n 
A 1 123 PRO 123 228 228 PRO PRO A . n 
A 1 124 SER 124 229 229 SER SER A . n 
A 1 125 GLY 125 230 230 GLY GLY A . n 
A 1 126 ILE 126 231 231 ILE ILE A . n 
A 1 127 THR 127 232 232 THR THR A . n 
A 1 128 TYR 128 233 233 TYR TYR A . n 
A 1 129 ASP 129 234 234 ASP ASP A . n 
A 1 130 ARG 130 235 235 ARG ARG A . n 
A 1 131 LYS 131 236 236 LYS LYS A . n 
A 1 132 ASP 132 237 237 ASP ASP A . n 
A 1 133 ILE 133 238 238 ILE ILE A . n 
A 1 134 GLU 134 239 239 GLU GLU A . n 
A 1 135 GLU 135 240 240 GLU GLU A . n 
A 1 136 HIS 136 241 241 HIS HIS A . n 
A 1 137 LEU 137 242 242 LEU LEU A . n 
A 1 138 GLN 138 243 243 GLN GLN A . n 
A 1 139 ARG 139 244 244 ARG ARG A . n 
A 1 140 VAL 140 245 245 VAL VAL A . n 
A 1 141 GLY 141 246 246 GLY GLY A . n 
A 1 142 HIS 142 247 247 HIS HIS A . n 
A 1 143 PHE 143 248 248 PHE PHE A . n 
A 1 144 ASP 144 249 249 ASP ASP A . n 
A 1 145 PRO 145 250 250 PRO PRO A . n 
A 1 146 VAL 146 251 251 VAL VAL A . n 
A 1 147 THR 147 252 252 THR THR A . n 
A 1 148 ARG 148 253 253 ARG ARG A . n 
A 1 149 SER 149 254 254 SER SER A . n 
A 1 150 PRO 150 255 255 PRO PRO A . n 
A 1 151 LEU 151 256 256 LEU LEU A . n 
A 1 152 THR 152 257 257 THR THR A . n 
A 1 153 GLN 153 258 258 GLN GLN A . n 
A 1 154 ASP 154 259 259 ASP ASP A . n 
A 1 155 GLN 155 260 260 GLN GLN A . n 
A 1 156 LEU 156 261 261 LEU LEU A . n 
A 1 157 ILE 157 262 262 ILE ILE A . n 
A 1 158 PRO 158 263 263 PRO PRO A . n 
A 1 159 ASN 159 264 264 ASN ASN A . n 
A 1 160 LEU 160 265 265 LEU LEU A . n 
A 1 161 ALA 161 266 266 ALA ALA A . n 
A 1 162 MET 162 267 267 MET MET A . n 
A 1 163 LYS 163 268 268 LYS LYS A . n 
A 1 164 GLU 164 269 269 GLU GLU A . n 
A 1 165 VAL 165 270 270 VAL VAL A . n 
A 1 166 ILE 166 271 271 ILE ILE A . n 
A 1 167 ASP 167 272 272 ASP ASP A . n 
A 1 168 ALA 168 273 273 ALA ALA A . n 
A 1 169 PHE 169 274 274 PHE PHE A . n 
A 1 170 ILE 170 275 275 ILE ILE A . n 
A 1 171 GLN 171 276 276 GLN GLN A . n 
A 1 172 GLU 172 277 277 GLU GLU A . n 
A 1 173 ASN 173 278 278 ASN ASN A . n 
A 1 174 GLY 174 279 279 GLY GLY A . n 
A 1 175 TRP 175 280 280 TRP TRP A . n 
A 1 176 VAL 176 281 281 VAL VAL A . n 
A 1 177 GLU 177 282 282 GLU GLU A . n 
A 1 178 ASP 178 283 ?   ?   ?   A . n 
A 1 179 TYR 179 284 ?   ?   ?   A . n 
# 
loop_
_pdbx_nonpoly_scheme.asym_id 
_pdbx_nonpoly_scheme.entity_id 
_pdbx_nonpoly_scheme.mon_id 
_pdbx_nonpoly_scheme.ndb_seq_num 
_pdbx_nonpoly_scheme.pdb_seq_num 
_pdbx_nonpoly_scheme.auth_seq_num 
_pdbx_nonpoly_scheme.pdb_mon_id 
_pdbx_nonpoly_scheme.auth_mon_id 
_pdbx_nonpoly_scheme.pdb_strand_id 
_pdbx_nonpoly_scheme.pdb_ins_code 
B 2 CL  1  572 572 CL  CL  A . 
C 3 HOH 1  501 501 HOH HOH A . 
C 3 HOH 2  502 502 HOH HOH A . 
C 3 HOH 3  503 503 HOH HOH A . 
C 3 HOH 4  504 504 HOH HOH A . 
C 3 HOH 5  505 505 HOH HOH A . 
C 3 HOH 6  506 506 HOH HOH A . 
C 3 HOH 7  507 507 HOH HOH A . 
C 3 HOH 8  508 508 HOH HOH A . 
C 3 HOH 9  509 509 HOH HOH A . 
C 3 HOH 10 510 510 HOH HOH A . 
C 3 HOH 11 511 511 HOH HOH A . 
C 3 HOH 12 512 512 HOH HOH A . 
C 3 HOH 13 513 513 HOH HOH A . 
C 3 HOH 14 514 514 HOH HOH A . 
C 3 HOH 15 515 515 HOH HOH A . 
C 3 HOH 16 516 516 HOH HOH A . 
C 3 HOH 17 517 517 HOH HOH A . 
C 3 HOH 18 518 518 HOH HOH A . 
C 3 HOH 19 519 519 HOH HOH A . 
C 3 HOH 20 520 520 HOH HOH A . 
C 3 HOH 21 521 521 HOH HOH A . 
C 3 HOH 22 522 522 HOH HOH A . 
C 3 HOH 23 523 523 HOH HOH A . 
C 3 HOH 24 524 524 HOH HOH A . 
C 3 HOH 25 525 525 HOH HOH A . 
C 3 HOH 26 526 526 HOH HOH A . 
C 3 HOH 27 527 527 HOH HOH A . 
C 3 HOH 28 528 528 HOH HOH A . 
C 3 HOH 29 529 529 HOH HOH A . 
C 3 HOH 30 530 530 HOH HOH A . 
C 3 HOH 31 531 531 HOH HOH A . 
C 3 HOH 32 532 532 HOH HOH A . 
C 3 HOH 33 533 533 HOH HOH A . 
C 3 HOH 34 534 534 HOH HOH A . 
C 3 HOH 35 535 535 HOH HOH A . 
C 3 HOH 36 536 536 HOH HOH A . 
C 3 HOH 37 537 537 HOH HOH A . 
C 3 HOH 38 538 538 HOH HOH A . 
C 3 HOH 39 539 539 HOH HOH A . 
C 3 HOH 40 540 540 HOH HOH A . 
C 3 HOH 41 541 541 HOH HOH A . 
C 3 HOH 42 542 542 HOH HOH A . 
C 3 HOH 43 543 543 HOH HOH A . 
C 3 HOH 44 544 544 HOH HOH A . 
C 3 HOH 45 545 545 HOH HOH A . 
C 3 HOH 46 546 546 HOH HOH A . 
C 3 HOH 47 547 547 HOH HOH A . 
C 3 HOH 48 548 548 HOH HOH A . 
C 3 HOH 49 549 549 HOH HOH A . 
C 3 HOH 50 550 550 HOH HOH A . 
C 3 HOH 51 551 551 HOH HOH A . 
C 3 HOH 52 552 552 HOH HOH A . 
C 3 HOH 53 553 553 HOH HOH A . 
C 3 HOH 54 554 554 HOH HOH A . 
C 3 HOH 55 555 555 HOH HOH A . 
C 3 HOH 56 556 556 HOH HOH A . 
C 3 HOH 57 557 557 HOH HOH A . 
C 3 HOH 58 558 558 HOH HOH A . 
C 3 HOH 59 559 559 HOH HOH A . 
C 3 HOH 60 560 560 HOH HOH A . 
C 3 HOH 61 561 561 HOH HOH A . 
C 3 HOH 62 562 562 HOH HOH A . 
C 3 HOH 63 563 563 HOH HOH A . 
C 3 HOH 64 564 564 HOH HOH A . 
C 3 HOH 65 565 565 HOH HOH A . 
C 3 HOH 66 566 566 HOH HOH A . 
C 3 HOH 67 567 567 HOH HOH A . 
C 3 HOH 68 568 568 HOH HOH A . 
C 3 HOH 69 569 569 HOH HOH A . 
C 3 HOH 70 570 570 HOH HOH A . 
C 3 HOH 71 571 571 HOH HOH A . 
# 
loop_
_pdbx_unobs_or_zero_occ_atoms.id 
_pdbx_unobs_or_zero_occ_atoms.PDB_model_num 
_pdbx_unobs_or_zero_occ_atoms.polymer_flag 
_pdbx_unobs_or_zero_occ_atoms.occupancy_flag 
_pdbx_unobs_or_zero_occ_atoms.auth_asym_id 
_pdbx_unobs_or_zero_occ_atoms.auth_comp_id 
_pdbx_unobs_or_zero_occ_atoms.auth_seq_id 
_pdbx_unobs_or_zero_occ_atoms.PDB_ins_code 
_pdbx_unobs_or_zero_occ_atoms.auth_atom_id 
_pdbx_unobs_or_zero_occ_atoms.label_alt_id 
_pdbx_unobs_or_zero_occ_atoms.label_asym_id 
_pdbx_unobs_or_zero_occ_atoms.label_comp_id 
_pdbx_unobs_or_zero_occ_atoms.label_seq_id 
_pdbx_unobs_or_zero_occ_atoms.label_atom_id 
1 1 Y 1 A ARG 222 ? CG  ? A ARG 117 CG  
2 1 Y 1 A ARG 222 ? CD  ? A ARG 117 CD  
3 1 Y 1 A ARG 222 ? NE  ? A ARG 117 NE  
4 1 Y 1 A ARG 222 ? CZ  ? A ARG 117 CZ  
5 1 Y 1 A ARG 222 ? NH1 ? A ARG 117 NH1 
6 1 Y 1 A ARG 222 ? NH2 ? A ARG 117 NH2 
# 
loop_
_software.name 
_software.version 
_software.date 
_software.type 
_software.contact_author 
_software.contact_author_email 
_software.classification 
_software.location 
_software.language 
_software.citation_id 
_software.pdbx_ordinal 
d*TREK      9.4LDz 'Apr 24 2005'   package 'Pflugrath, J.W.'   jwp@RigakuMSC.com        'data scaling'    
http://www.msc.com/protein/dtrek.html ?          ? 1 
SOLVE       2.06   28-Dec-2003     program 'Tom Terwilliger'   terwilliger@LANL.gov     phasing           
http://www.solve.lanl.gov/            ?          ? 2 
RESOLVE     2.09   25-Apr-2005     program 'Terwilliger, T. C' terwilliger@LANL.gov     phasing           
http://www.solve.lanl.gov/            ?          ? 3 
CNS         1.1    ?               package 'Axel T. Brunger'   axel.brunger@yale.edu    refinement        
http://cns.csb.yale.edu/v1.1/         Fortran_77 ? 4 
PDB_EXTRACT 1.701  'OCT. 28, 2005' package PDB                 sw-help@rcsb.rutgers.edu 'data extraction' 
http://pdb.rutgers.edu/software/      C++        ? 5 
d*TREK      .      ?               ?       ?                   ?                        'data reduction'  ? ?          ? 6 
# 
_cell.entry_id           2F42 
_cell.length_a           100.499 
_cell.length_b           100.499 
_cell.length_c           74.311 
_cell.angle_alpha        90.00 
_cell.angle_beta         90.00 
_cell.angle_gamma        120.00 
_cell.Z_PDB              12 
_cell.pdbx_unique_axis   ? 
_cell.length_a_esd       ? 
_cell.length_b_esd       ? 
_cell.length_c_esd       ? 
_cell.angle_alpha_esd    ? 
_cell.angle_beta_esd     ? 
_cell.angle_gamma_esd    ? 
# 
_symmetry.entry_id                         2F42 
_symmetry.space_group_name_H-M             'P 65 2 2' 
_symmetry.pdbx_full_space_group_name_H-M   ? 
_symmetry.cell_setting                     ? 
_symmetry.Int_Tables_number                179 
_symmetry.space_group_name_Hall            ? 
# 
_exptl.entry_id          2F42 
_exptl.method            'X-RAY DIFFRACTION' 
_exptl.crystals_number   1 
# 
_exptl_crystal.id                    1 
_exptl_crystal.density_meas          ? 
_exptl_crystal.density_Matthews      2.58 
_exptl_crystal.density_percent_sol   52.28 
_exptl_crystal.description           ? 
_exptl_crystal.F_000                 ? 
_exptl_crystal.preparation           ? 
# 
_exptl_crystal_grow.crystal_id      1 
_exptl_crystal_grow.method          'VAPOR DIFFUSION, HANGING DROP' 
_exptl_crystal_grow.temp            293 
_exptl_crystal_grow.temp_details    ? 
_exptl_crystal_grow.pH              6.6 
_exptl_crystal_grow.pdbx_details    '9% PEG3350, 100mM Bis-Tris, pH 6.6, VAPOR DIFFUSION, HANGING DROP, temperature 293K' 
_exptl_crystal_grow.pdbx_pH_range   . 
# 
_diffrn.id                     1 
_diffrn.ambient_temp           100.0 
_diffrn.ambient_temp_details   ? 
_diffrn.crystal_id             1 
# 
_diffrn_detector.diffrn_id              1 
_diffrn_detector.detector               CCD 
_diffrn_detector.type                   NOIR-1 
_diffrn_detector.pdbx_collection_date   2005-11-05 
_diffrn_detector.details                ? 
# 
_diffrn_radiation.diffrn_id                        1 
_diffrn_radiation.wavelength_id                    1 
_diffrn_radiation.pdbx_monochromatic_or_laue_m_l   M 
_diffrn_radiation.monochromator                    'Double crystal monochromator' 
_diffrn_radiation.pdbx_diffrn_protocol             'SINGLE WAVELENGTH' 
_diffrn_radiation.pdbx_scattering_type             x-ray 
# 
loop_
_diffrn_radiation_wavelength.id 
_diffrn_radiation_wavelength.wavelength 
_diffrn_radiation_wavelength.wt 
1 1.2399 1.0 
2 0.9786 1.0 
# 
_diffrn_source.diffrn_id                   1 
_diffrn_source.source                      SYNCHROTRON 
_diffrn_source.type                        'ALS BEAMLINE 4.2.2' 
_diffrn_source.pdbx_synchrotron_site       ALS 
_diffrn_source.pdbx_synchrotron_beamline   4.2.2 
_diffrn_source.pdbx_wavelength             ? 
_diffrn_source.pdbx_wavelength_list        '1.2399, 0.9786' 
# 
_reflns.entry_id                     2F42 
_reflns.observed_criterion_sigma_I   2.0 
_reflns.observed_criterion_sigma_F   2.0 
_reflns.d_resolution_low             50.25 
_reflns.d_resolution_high            2.50 
_reflns.number_obs                   8099 
_reflns.number_all                   8099 
_reflns.percent_possible_obs         100.000 
_reflns.pdbx_Rmerge_I_obs            0.052 
_reflns.pdbx_Rsym_value              ? 
_reflns.pdbx_netI_over_sigmaI        24.500 
_reflns.B_iso_Wilson_estimate        59.1 
_reflns.pdbx_redundancy              19.120 
_reflns.R_free_details               ? 
_reflns.limit_h_max                  ? 
_reflns.limit_h_min                  ? 
_reflns.limit_k_max                  ? 
_reflns.limit_k_min                  ? 
_reflns.limit_l_max                  ? 
_reflns.limit_l_min                  ? 
_reflns.observed_criterion_F_max     ? 
_reflns.observed_criterion_F_min     ? 
_reflns.pdbx_chi_squared             ? 
_reflns.pdbx_scaling_rejects         ? 
_reflns.pdbx_ordinal                 1 
_reflns.pdbx_diffrn_id               1 
# 
_reflns_shell.d_res_high             2.50 
_reflns_shell.d_res_low              2.59 
_reflns_shell.percent_possible_all   100.000 
_reflns_shell.Rmerge_I_obs           0.48 
_reflns_shell.pdbx_Rsym_value        ? 
_reflns_shell.meanI_over_sigI_obs    5.700 
_reflns_shell.pdbx_redundancy        18.98 
_reflns_shell.percent_possible_obs   ? 
_reflns_shell.number_unique_all      ? 
_reflns_shell.number_measured_all    ? 
_reflns_shell.number_measured_obs    ? 
_reflns_shell.number_unique_obs      ? 
_reflns_shell.pdbx_chi_squared       ? 
_reflns_shell.pdbx_ordinal           1 
_reflns_shell.pdbx_diffrn_id         1 
# 
_refine.entry_id                                 2F42 
_refine.ls_number_reflns_obs                     8008 
_refine.ls_number_reflns_all                     8099 
_refine.pdbx_ls_sigma_I                          ? 
_refine.pdbx_ls_sigma_F                          0.0 
_refine.pdbx_data_cutoff_high_absF               424105.03 
_refine.pdbx_data_cutoff_low_absF                0.000000 
_refine.pdbx_data_cutoff_high_rms_absF           ? 
_refine.ls_d_res_low                             50.25 
_refine.ls_d_res_high                            2.50 
_refine.ls_percent_reflns_obs                    99.000 
_refine.ls_R_factor_obs                          0.266 
_refine.ls_R_factor_all                          ? 
_refine.ls_R_factor_R_work                       0.266 
_refine.ls_R_factor_R_free                       0.285 
_refine.ls_R_factor_R_free_error                 0.010 
_refine.ls_R_factor_R_free_error_details         ? 
_refine.ls_percent_reflns_R_free                 10.6 
_refine.ls_number_reflns_R_free                  851 
_refine.ls_number_parameters                     ? 
_refine.ls_number_restraints                     ? 
_refine.occupancy_min                            ? 
_refine.occupancy_max                            ? 
_refine.correlation_coeff_Fo_to_Fc               ? 
_refine.correlation_coeff_Fo_to_Fc_free          ? 
_refine.B_iso_mean                               72.7 
_refine.aniso_B[1][1]                            -16.00 
_refine.aniso_B[2][2]                            -16.00 
_refine.aniso_B[3][3]                            32.00 
_refine.aniso_B[1][2]                            5.32 
_refine.aniso_B[1][3]                            0.00 
_refine.aniso_B[2][3]                            0.00 
_refine.solvent_model_details                    'FLAT MODEL' 
_refine.solvent_model_param_ksol                 0.358994 
_refine.solvent_model_param_bsol                 55.1699 
_refine.pdbx_solvent_vdw_probe_radii             ? 
_refine.pdbx_solvent_ion_probe_radii             ? 
_refine.pdbx_solvent_shrinkage_radii             ? 
_refine.pdbx_ls_cross_valid_method               THROUGHOUT 
_refine.details                                  ? 
_refine.pdbx_starting_model                      ? 
_refine.pdbx_method_to_determine_struct          SAD 
_refine.pdbx_isotropic_thermal_model             RESTRAINED 
_refine.pdbx_stereochemistry_target_values       'Engh & Huber' 
_refine.pdbx_stereochem_target_val_spec_case     ? 
_refine.pdbx_R_Free_selection_details            RANDOM 
_refine.pdbx_overall_ESU_R                       ? 
_refine.pdbx_overall_ESU_R_Free                  ? 
_refine.overall_SU_ML                            ? 
_refine.overall_SU_B                             ? 
_refine.ls_redundancy_reflns_obs                 ? 
_refine.B_iso_min                                ? 
_refine.B_iso_max                                ? 
_refine.overall_SU_R_Cruickshank_DPI             ? 
_refine.overall_SU_R_free                        ? 
_refine.ls_wR_factor_R_free                      ? 
_refine.ls_wR_factor_R_work                      ? 
_refine.overall_FOM_free_R_set                   ? 
_refine.overall_FOM_work_R_set                   ? 
_refine.pdbx_refine_id                           'X-RAY DIFFRACTION' 
_refine.pdbx_diffrn_id                           1 
_refine.pdbx_TLS_residual_ADP_flag               ? 
_refine.pdbx_overall_phase_error                 ? 
_refine.pdbx_overall_SU_R_free_Cruickshank_DPI   ? 
_refine.pdbx_overall_SU_R_Blow_DPI               ? 
_refine.pdbx_overall_SU_R_free_Blow_DPI          ? 
# 
_refine_analyze.entry_id                        2F42 
_refine_analyze.Luzzati_coordinate_error_obs    0.42 
_refine_analyze.Luzzati_sigma_a_obs             0.49 
_refine_analyze.Luzzati_d_res_low_obs           5.00 
_refine_analyze.Luzzati_coordinate_error_free   0.47 
_refine_analyze.Luzzati_sigma_a_free            0.54 
_refine_analyze.Luzzati_d_res_low_free          ? 
_refine_analyze.number_disordered_residues      ? 
_refine_analyze.occupancy_sum_hydrogen          ? 
_refine_analyze.occupancy_sum_non_hydrogen      ? 
_refine_analyze.pdbx_Luzzati_d_res_high_obs     ? 
_refine_analyze.pdbx_refine_id                  'X-RAY DIFFRACTION' 
# 
_refine_hist.pdbx_refine_id                   'X-RAY DIFFRACTION' 
_refine_hist.cycle_id                         LAST 
_refine_hist.pdbx_number_atoms_protein        1144 
_refine_hist.pdbx_number_atoms_nucleic_acid   0 
_refine_hist.pdbx_number_atoms_ligand         1 
_refine_hist.number_atoms_solvent             71 
_refine_hist.number_atoms_total               1216 
_refine_hist.d_res_high                       2.50 
_refine_hist.d_res_low                        50.25 
# 
loop_
_refine_ls_restr.type 
_refine_ls_restr.dev_ideal 
_refine_ls_restr.dev_ideal_target 
_refine_ls_restr.weight 
_refine_ls_restr.number 
_refine_ls_restr.pdbx_refine_id 
_refine_ls_restr.pdbx_restraint_function 
c_bond_d                0.008 ?    ? ? 'X-RAY DIFFRACTION' ? 
c_bond_d_na             ?     ?    ? ? 'X-RAY DIFFRACTION' ? 
c_bond_d_prot           ?     ?    ? ? 'X-RAY DIFFRACTION' ? 
c_angle_d               ?     ?    ? ? 'X-RAY DIFFRACTION' ? 
c_angle_d_na            ?     ?    ? ? 'X-RAY DIFFRACTION' ? 
c_angle_d_prot          ?     ?    ? ? 'X-RAY DIFFRACTION' ? 
c_angle_deg             1.1   ?    ? ? 'X-RAY DIFFRACTION' ? 
c_angle_deg_na          ?     ?    ? ? 'X-RAY DIFFRACTION' ? 
c_angle_deg_prot        ?     ?    ? ? 'X-RAY DIFFRACTION' ? 
c_dihedral_angle_d      20.0  ?    ? ? 'X-RAY DIFFRACTION' ? 
c_dihedral_angle_d_na   ?     ?    ? ? 'X-RAY DIFFRACTION' ? 
c_dihedral_angle_d_prot ?     ?    ? ? 'X-RAY DIFFRACTION' ? 
c_improper_angle_d      0.69  ?    ? ? 'X-RAY DIFFRACTION' ? 
c_improper_angle_d_na   ?     ?    ? ? 'X-RAY DIFFRACTION' ? 
c_improper_angle_d_prot ?     ?    ? ? 'X-RAY DIFFRACTION' ? 
c_mcbond_it             2.35  1.50 ? ? 'X-RAY DIFFRACTION' ? 
c_mcangle_it            3.28  2.00 ? ? 'X-RAY DIFFRACTION' ? 
c_scbond_it             2.51  2.00 ? ? 'X-RAY DIFFRACTION' ? 
c_scangle_it            3.98  2.50 ? ? 'X-RAY DIFFRACTION' ? 
# 
_refine_ls_shell.pdbx_total_number_of_bins_used   10 
_refine_ls_shell.d_res_high                       2.50 
_refine_ls_shell.d_res_low                        2.59 
_refine_ls_shell.number_reflns_R_work             693 
_refine_ls_shell.R_factor_R_work                  0.41 
_refine_ls_shell.percent_reflns_obs               99.5 
_refine_ls_shell.R_factor_R_free                  0.41 
_refine_ls_shell.R_factor_R_free_error            0.046 
_refine_ls_shell.percent_reflns_R_free            10.2 
_refine_ls_shell.number_reflns_R_free             79 
_refine_ls_shell.redundancy_reflns_obs            ? 
_refine_ls_shell.number_reflns_all                ? 
_refine_ls_shell.number_reflns_obs                ? 
_refine_ls_shell.R_factor_all                     ? 
_refine_ls_shell.pdbx_refine_id                   'X-RAY DIFFRACTION' 
# 
loop_
_pdbx_xplor_file.serial_no 
_pdbx_xplor_file.param_file 
_pdbx_xplor_file.topol_file 
_pdbx_xplor_file.pdbx_refine_id 
1 protein_rep.param protein.top 'X-RAY DIFFRACTION' 
2 water_rep.param   water.top   'X-RAY DIFFRACTION' 
3 ion.param         ion.top     'X-RAY DIFFRACTION' 
# 
_struct.entry_id                  2F42 
_struct.title                     'dimerization and U-box domains of Zebrafish C-terminal of HSP70 interacting protein' 
_struct.pdbx_model_details        ? 
_struct.pdbx_CASP_flag            ? 
_struct.pdbx_model_type_details   ? 
# 
_struct_keywords.entry_id        2F42 
_struct_keywords.pdbx_keywords   CHAPERONE 
_struct_keywords.text            'U-box, CHAPERONE' 
# 
loop_
_struct_asym.id 
_struct_asym.pdbx_blank_PDB_chainid_flag 
_struct_asym.pdbx_modified 
_struct_asym.entity_id 
_struct_asym.details 
A N N 1 ? 
B N N 2 ? 
C N N 3 ? 
# 
_struct_ref.id                         1 
_struct_ref.db_name                    UNP 
_struct_ref.db_code                    Q7ZTZ6_BRARE 
_struct_ref.pdbx_db_accession          Q7ZTZ6 
_struct_ref.entity_id                  1 
_struct_ref.pdbx_align_begin           112 
_struct_ref.pdbx_db_isoform            ? 
_struct_ref.pdbx_seq_one_letter_code   ? 
# 
_struct_ref_seq.align_id                      1 
_struct_ref_seq.ref_id                        1 
_struct_ref_seq.pdbx_PDB_id_code              2F42 
_struct_ref_seq.pdbx_strand_id                A 
_struct_ref_seq.seq_align_beg                 7 
_struct_ref_seq.pdbx_seq_align_beg_ins_code   ? 
_struct_ref_seq.seq_align_end                 179 
_struct_ref_seq.pdbx_seq_align_end_ins_code   ? 
_struct_ref_seq.pdbx_db_accession             Q7ZTZ6 
_struct_ref_seq.db_align_beg                  112 
_struct_ref_seq.pdbx_db_align_beg_ins_code    ? 
_struct_ref_seq.db_align_end                  284 
_struct_ref_seq.pdbx_db_align_end_ins_code    ? 
_struct_ref_seq.pdbx_auth_seq_align_beg       112 
_struct_ref_seq.pdbx_auth_seq_align_end       284 
# 
loop_
_struct_ref_seq_dif.align_id 
_struct_ref_seq_dif.pdbx_pdb_id_code 
_struct_ref_seq_dif.mon_id 
_struct_ref_seq_dif.pdbx_pdb_strand_id 
_struct_ref_seq_dif.seq_num 
_struct_ref_seq_dif.pdbx_pdb_ins_code 
_struct_ref_seq_dif.pdbx_seq_db_name 
_struct_ref_seq_dif.pdbx_seq_db_accession_code 
_struct_ref_seq_dif.db_mon_id 
_struct_ref_seq_dif.pdbx_seq_db_seq_num 
_struct_ref_seq_dif.details 
_struct_ref_seq_dif.pdbx_auth_seq_num 
_struct_ref_seq_dif.pdbx_ordinal 
1 2F42 GLY A 1 ? UNP Q7ZTZ6 ? ? 'cloning artifact' 106 1 
1 2F42 ILE A 2 ? UNP Q7ZTZ6 ? ? 'cloning artifact' 107 2 
1 2F42 ASP A 3 ? UNP Q7ZTZ6 ? ? 'cloning artifact' 108 3 
1 2F42 PRO A 4 ? UNP Q7ZTZ6 ? ? 'cloning artifact' 109 4 
1 2F42 PHE A 5 ? UNP Q7ZTZ6 ? ? 'cloning artifact' 110 5 
1 2F42 THR A 6 ? UNP Q7ZTZ6 ? ? 'cloning artifact' 111 6 
# 
_pdbx_struct_assembly.id                   1 
_pdbx_struct_assembly.details              author_and_software_defined_assembly 
_pdbx_struct_assembly.method_details       PISA,PQS 
_pdbx_struct_assembly.oligomeric_details   dimeric 
_pdbx_struct_assembly.oligomeric_count     2 
# 
loop_
_pdbx_struct_assembly_prop.biol_id 
_pdbx_struct_assembly_prop.type 
_pdbx_struct_assembly_prop.value 
_pdbx_struct_assembly_prop.details 
1 'ABSA (A^2)' 3050  ? 
1 MORE         -53   ? 
1 'SSA (A^2)'  17460 ? 
# 
_pdbx_struct_assembly_gen.assembly_id       1 
_pdbx_struct_assembly_gen.oper_expression   1,2 
_pdbx_struct_assembly_gen.asym_id_list      A,B,C 
# 
loop_
_pdbx_struct_oper_list.id 
_pdbx_struct_oper_list.type 
_pdbx_struct_oper_list.name 
_pdbx_struct_oper_list.symmetry_operation 
_pdbx_struct_oper_list.matrix[1][1] 
_pdbx_struct_oper_list.matrix[1][2] 
_pdbx_struct_oper_list.matrix[1][3] 
_pdbx_struct_oper_list.vector[1] 
_pdbx_struct_oper_list.matrix[2][1] 
_pdbx_struct_oper_list.matrix[2][2] 
_pdbx_struct_oper_list.matrix[2][3] 
_pdbx_struct_oper_list.vector[2] 
_pdbx_struct_oper_list.matrix[3][1] 
_pdbx_struct_oper_list.matrix[3][2] 
_pdbx_struct_oper_list.matrix[3][3] 
_pdbx_struct_oper_list.vector[3] 
1 'identity operation'         1_555  x,y,z            1.0000000000  0.0000000000 0.0000000000 0.0000000000 0.0000000000 1.0000000000 0.0000000000 0.0000000000  0.0000000000 0.0000000000 1.0000000000  0.0000000000   
2 'crystal symmetry operation' 10_666 -y+1,-x+1,-z+7/6 -0.7949017050 0.6055459639 0.0380179569 3.4577193777 0.6055459639 0.7878545228 0.1122467660 -0.1744784146 0.0380179569 0.1122467660 -0.9929528179 -15.8745419167 
# 
_struct_biol.id                    1 
_struct_biol.details               
'Dimer generated from monomer in asymmetric unit by the operation (-Y, -X, -Z+1/6) and a dx=dy=dz=1 shift' 
_struct_biol.pdbx_parent_biol_id   ? 
# 
loop_
_struct_conf.conf_type_id 
_struct_conf.id 
_struct_conf.pdbx_PDB_helix_id 
_struct_conf.beg_label_comp_id 
_struct_conf.beg_label_asym_id 
_struct_conf.beg_label_seq_id 
_struct_conf.pdbx_beg_PDB_ins_code 
_struct_conf.end_label_comp_id 
_struct_conf.end_label_asym_id 
_struct_conf.end_label_seq_id 
_struct_conf.pdbx_end_PDB_ins_code 
_struct_conf.beg_auth_comp_id 
_struct_conf.beg_auth_asym_id 
_struct_conf.beg_auth_seq_id 
_struct_conf.end_auth_comp_id 
_struct_conf.end_auth_asym_id 
_struct_conf.end_auth_seq_id 
_struct_conf.pdbx_PDB_helix_class 
_struct_conf.details 
_struct_conf.pdbx_PDB_helix_length 
HELX_P HELX_P1 1 LYS A 25  ? LEU A 57  ? LYS A 130 LEU A 162 1 ? 33 
HELX_P HELX_P2 2 SER A 78  ? LYS A 97  ? SER A 183 LYS A 202 1 ? 20 
HELX_P HELX_P3 3 ARG A 98  ? LYS A 100 ? ARG A 203 LYS A 205 5 ? 3  
HELX_P HELX_P4 4 PRO A 104 ? CYS A 108 ? PRO A 209 CYS A 213 5 ? 5  
HELX_P HELX_P5 5 ARG A 130 ? VAL A 140 ? ARG A 235 VAL A 245 1 ? 11 
HELX_P HELX_P6 6 THR A 152 ? LEU A 156 ? THR A 257 LEU A 261 5 ? 5  
HELX_P HELX_P7 7 ASN A 159 ? ASN A 173 ? ASN A 264 ASN A 278 1 ? 15 
# 
_struct_conf_type.id          HELX_P 
_struct_conf_type.criteria    ? 
_struct_conf_type.reference   ? 
# 
_struct_sheet.id               A 
_struct_sheet.type             ? 
_struct_sheet.number_strands   3 
_struct_sheet.details          ? 
# 
loop_
_struct_sheet_order.sheet_id 
_struct_sheet_order.range_id_1 
_struct_sheet_order.range_id_2 
_struct_sheet_order.offset 
_struct_sheet_order.sense 
A 1 2 ? anti-parallel 
A 2 3 ? anti-parallel 
# 
loop_
_struct_sheet_range.sheet_id 
_struct_sheet_range.id 
_struct_sheet_range.beg_label_comp_id 
_struct_sheet_range.beg_label_asym_id 
_struct_sheet_range.beg_label_seq_id 
_struct_sheet_range.pdbx_beg_PDB_ins_code 
_struct_sheet_range.end_label_comp_id 
_struct_sheet_range.end_label_asym_id 
_struct_sheet_range.end_label_seq_id 
_struct_sheet_range.pdbx_end_PDB_ins_code 
_struct_sheet_range.beg_auth_comp_id 
_struct_sheet_range.beg_auth_asym_id 
_struct_sheet_range.beg_auth_seq_id 
_struct_sheet_range.end_auth_comp_id 
_struct_sheet_range.end_auth_asym_id 
_struct_sheet_range.end_auth_seq_id 
A 1 THR A 127 ? ASP A 129 ? THR A 232 ASP A 234 
A 2 PRO A 119 ? ILE A 121 ? PRO A 224 ILE A 226 
A 3 ILE A 157 ? PRO A 158 ? ILE A 262 PRO A 263 
# 
loop_
_pdbx_struct_sheet_hbond.sheet_id 
_pdbx_struct_sheet_hbond.range_id_1 
_pdbx_struct_sheet_hbond.range_id_2 
_pdbx_struct_sheet_hbond.range_1_label_atom_id 
_pdbx_struct_sheet_hbond.range_1_label_comp_id 
_pdbx_struct_sheet_hbond.range_1_label_asym_id 
_pdbx_struct_sheet_hbond.range_1_label_seq_id 
_pdbx_struct_sheet_hbond.range_1_PDB_ins_code 
_pdbx_struct_sheet_hbond.range_1_auth_atom_id 
_pdbx_struct_sheet_hbond.range_1_auth_comp_id 
_pdbx_struct_sheet_hbond.range_1_auth_asym_id 
_pdbx_struct_sheet_hbond.range_1_auth_seq_id 
_pdbx_struct_sheet_hbond.range_2_label_atom_id 
_pdbx_struct_sheet_hbond.range_2_label_comp_id 
_pdbx_struct_sheet_hbond.range_2_label_asym_id 
_pdbx_struct_sheet_hbond.range_2_label_seq_id 
_pdbx_struct_sheet_hbond.range_2_PDB_ins_code 
_pdbx_struct_sheet_hbond.range_2_auth_atom_id 
_pdbx_struct_sheet_hbond.range_2_auth_comp_id 
_pdbx_struct_sheet_hbond.range_2_auth_asym_id 
_pdbx_struct_sheet_hbond.range_2_auth_seq_id 
A 1 2 O TYR A 128 ? O TYR A 233 N CYS A 120 ? N CYS A 225 
A 2 3 N ILE A 121 ? N ILE A 226 O ILE A 157 ? O ILE A 262 
# 
_struct_site.id                   AC1 
_struct_site.pdbx_evidence_code   Software 
_struct_site.pdbx_auth_asym_id    A 
_struct_site.pdbx_auth_comp_id    CL 
_struct_site.pdbx_auth_seq_id     572 
_struct_site.pdbx_auth_ins_code   ? 
_struct_site.pdbx_num_residues    6 
_struct_site.details              'BINDING SITE FOR RESIDUE CL A 572' 
# 
loop_
_struct_site_gen.id 
_struct_site_gen.site_id 
_struct_site_gen.pdbx_num_res 
_struct_site_gen.label_comp_id 
_struct_site_gen.label_asym_id 
_struct_site_gen.label_seq_id 
_struct_site_gen.pdbx_auth_ins_code 
_struct_site_gen.auth_comp_id 
_struct_site_gen.auth_asym_id 
_struct_site_gen.auth_seq_id 
_struct_site_gen.label_atom_id 
_struct_site_gen.label_alt_id 
_struct_site_gen.symmetry 
_struct_site_gen.details 
1 AC1 6 GLY A 109 ? GLY A 214 . ? 1_555 ? 
2 AC1 6 LYS A 110 ? LYS A 215 . ? 1_555 ? 
3 AC1 6 ILE A 111 ? ILE A 216 . ? 1_555 ? 
4 AC1 6 SER A 112 ? SER A 217 . ? 1_555 ? 
5 AC1 6 TYR A 128 ? TYR A 233 . ? 1_555 ? 
6 AC1 6 ASP A 129 ? ASP A 234 . ? 1_555 ? 
# 
_pdbx_validate_symm_contact.id                1 
_pdbx_validate_symm_contact.PDB_model_num     1 
_pdbx_validate_symm_contact.auth_atom_id_1    O 
_pdbx_validate_symm_contact.auth_asym_id_1    A 
_pdbx_validate_symm_contact.auth_comp_id_1    HOH 
_pdbx_validate_symm_contact.auth_seq_id_1     518 
_pdbx_validate_symm_contact.PDB_ins_code_1    ? 
_pdbx_validate_symm_contact.label_alt_id_1    ? 
_pdbx_validate_symm_contact.site_symmetry_1   1_555 
_pdbx_validate_symm_contact.auth_atom_id_2    O 
_pdbx_validate_symm_contact.auth_asym_id_2    A 
_pdbx_validate_symm_contact.auth_comp_id_2    HOH 
_pdbx_validate_symm_contact.auth_seq_id_2     523 
_pdbx_validate_symm_contact.PDB_ins_code_2    ? 
_pdbx_validate_symm_contact.label_alt_id_2    ? 
_pdbx_validate_symm_contact.site_symmetry_2   8_666 
_pdbx_validate_symm_contact.dist              2.15 
# 
loop_
_pdbx_validate_torsion.id 
_pdbx_validate_torsion.PDB_model_num 
_pdbx_validate_torsion.auth_comp_id 
_pdbx_validate_torsion.auth_asym_id 
_pdbx_validate_torsion.auth_seq_id 
_pdbx_validate_torsion.PDB_ins_code 
_pdbx_validate_torsion.label_alt_id 
_pdbx_validate_torsion.phi 
_pdbx_validate_torsion.psi 
1 1 LYS A 129 ? ? -75.33 30.99   
2 1 LEU A 162 ? ? -75.16 27.95   
3 1 VAL A 199 ? ? -68.64 11.49   
4 1 LYS A 205 ? ? 33.23  -135.95 
5 1 LEU A 220 ? ? -35.27 123.69  
6 1 ARG A 253 ? ? 66.93  -7.38   
7 1 GLN A 258 ? ? -38.10 -37.24  
# 
_diffrn_reflns.diffrn_id                   1 
_diffrn_reflns.pdbx_d_res_low              38.04 
_diffrn_reflns.pdbx_d_res_high             2.80 
_diffrn_reflns.number                      2 
_diffrn_reflns.pdbx_percent_possible_obs   100.000 
_diffrn_reflns.pdbx_Rmerge_I_obs           ? 
_diffrn_reflns.pdbx_chi_squared            0.960 
_diffrn_reflns.pdbx_redundancy             20.510 
_diffrn_reflns.pdbx_rejects                412 
_diffrn_reflns.pdbx_number_obs             5931 
_diffrn_reflns.av_sigmaI_over_netI         ? 
_diffrn_reflns.pdbx_Rsym_value             ? 
_diffrn_reflns.pdbx_observed_criterion     ? 
# 
loop_
_pdbx_diffrn_reflns_shell.diffrn_id 
_pdbx_diffrn_reflns_shell.d_res_low 
_pdbx_diffrn_reflns_shell.d_res_high 
_pdbx_diffrn_reflns_shell.percent_possible_obs 
_pdbx_diffrn_reflns_shell.Rmerge_I_obs 
_pdbx_diffrn_reflns_shell.chi_squared 
_pdbx_diffrn_reflns_shell.redundancy 
_pdbx_diffrn_reflns_shell.rejects 
_pdbx_diffrn_reflns_shell.number_obs 
_pdbx_diffrn_reflns_shell.Rsym_value 
1 38.04 6.03 100.000 0.052 1.580 ? 279 ? ? 
1 6.03  4.79 100.000 0.076 0.880 ? 21  ? ? 
1 4.79  4.18 100.000 0.070 0.770 ? 21  ? ? 
1 4.18  3.80 100.000 0.099 0.850 ? 25  ? ? 
1 3.80  3.53 100.000 0.141 0.920 ? 14  ? ? 
1 3.53  3.32 100.000 0.223 0.980 ? 23  ? ? 
1 3.32  3.15 100.000 0.312 0.970 ? 16  ? ? 
1 3.15  3.02 100.000 0.482 0.910 ? 8   ? ? 
1 3.02  2.90 100.000 0.559 0.890 ? 3   ? ? 
1 2.90  2.80 100.000 ?     0.880 ? 2   ? ? 
# 
loop_
_pdbx_phasing_MAD_set_site.id 
_pdbx_phasing_MAD_set_site.atom_type_symbol 
_pdbx_phasing_MAD_set_site.occupancy 
_pdbx_phasing_MAD_set_site.fract_x 
_pdbx_phasing_MAD_set_site.fract_y 
_pdbx_phasing_MAD_set_site.fract_z 
_pdbx_phasing_MAD_set_site.b_iso 
1 Se 0.900 0.573 0.457 0.075 60.000 
2 Se 0.933 0.631 0.542 0.063 60.000 
3 Se 0.705 0.806 0.248 0.044 60.000 
4 Se 0.494 0.241 0.459 0.058 60.000 
# 
_pdbx_phasing_dm.entry_id          2F42 
_pdbx_phasing_dm.fom_acentric      0.620 
_pdbx_phasing_dm.fom_centric       0.530 
_pdbx_phasing_dm.fom               0.600 
_pdbx_phasing_dm.reflns_acentric   4544 
_pdbx_phasing_dm.reflns_centric    1226 
_pdbx_phasing_dm.reflns            5770 
# 
loop_
_pdbx_phasing_dm_shell.d_res_high 
_pdbx_phasing_dm_shell.d_res_low 
_pdbx_phasing_dm_shell.delta_phi_final 
_pdbx_phasing_dm_shell.delta_phi_initial 
_pdbx_phasing_dm_shell.fom_acentric 
_pdbx_phasing_dm_shell.fom_centric 
_pdbx_phasing_dm_shell.fom 
_pdbx_phasing_dm_shell.reflns_acentric 
_pdbx_phasing_dm_shell.reflns_centric 
_pdbx_phasing_dm_shell.reflns 
8.000 19.924 ? ? 0.970 0.870 0.920 147  132 279  
5.000 8.000  ? ? 0.910 0.720 0.850 572  246 818  
4.000 5.000  ? ? 0.860 0.690 0.820 767  216 983  
3.500 4.000  ? ? 0.730 0.520 0.690 789  190 979  
3.000 3.500  ? ? 0.470 0.280 0.440 1409 292 1701 
2.800 3.000  ? ? 0.280 0.190 0.260 860  150 1010 
# 
_phasing.method   SAD 
# 
loop_
_pdbx_unobs_or_zero_occ_residues.id 
_pdbx_unobs_or_zero_occ_residues.PDB_model_num 
_pdbx_unobs_or_zero_occ_residues.polymer_flag 
_pdbx_unobs_or_zero_occ_residues.occupancy_flag 
_pdbx_unobs_or_zero_occ_residues.auth_asym_id 
_pdbx_unobs_or_zero_occ_residues.auth_comp_id 
_pdbx_unobs_or_zero_occ_residues.auth_seq_id 
_pdbx_unobs_or_zero_occ_residues.PDB_ins_code 
_pdbx_unobs_or_zero_occ_residues.label_asym_id 
_pdbx_unobs_or_zero_occ_residues.label_comp_id 
_pdbx_unobs_or_zero_occ_residues.label_seq_id 
1  1 Y 1 A GLY 106 ? A GLY 1   
2  1 Y 1 A ILE 107 ? A ILE 2   
3  1 Y 1 A ASP 108 ? A ASP 3   
4  1 Y 1 A PRO 109 ? A PRO 4   
5  1 Y 1 A PHE 110 ? A PHE 5   
6  1 Y 1 A THR 111 ? A THR 6   
7  1 Y 1 A GLN 112 ? A GLN 7   
8  1 Y 1 A ARG 113 ? A ARG 8   
9  1 Y 1 A LEU 114 ? A LEU 9   
10 1 Y 1 A ASN 115 ? A ASN 10  
11 1 Y 1 A PHE 116 ? A PHE 11  
12 1 Y 1 A GLY 117 ? A GLY 12  
13 1 Y 1 A ASP 118 ? A ASP 13  
14 1 Y 1 A ASP 119 ? A ASP 14  
15 1 Y 1 A ILE 120 ? A ILE 15  
16 1 Y 1 A PRO 121 ? A PRO 16  
17 1 Y 1 A SER 122 ? A SER 17  
18 1 Y 1 A ALA 123 ? A ALA 18  
19 1 Y 1 A LEU 124 ? A LEU 19  
20 1 Y 1 A ARG 125 ? A ARG 20  
21 1 Y 1 A ILE 126 ? A ILE 21  
22 1 Y 1 A ARG 165 ? A ARG 60  
23 1 Y 1 A VAL 166 ? A VAL 61  
24 1 Y 1 A LYS 167 ? A LYS 62  
25 1 Y 1 A GLN 168 ? A GLN 63  
26 1 Y 1 A SER 169 ? A SER 64  
27 1 Y 1 A ASP 170 ? A ASP 65  
28 1 Y 1 A ASP 171 ? A ASP 66  
29 1 Y 1 A SER 172 ? A SER 67  
30 1 Y 1 A GLN 173 ? A GLN 68  
31 1 Y 1 A ASN 174 ? A ASN 69  
32 1 Y 1 A GLY 175 ? A GLY 70  
33 1 Y 1 A GLY 176 ? A GLY 71  
34 1 Y 1 A ASP 177 ? A ASP 72  
35 1 Y 1 A ILE 178 ? A ILE 73  
36 1 Y 1 A SER 179 ? A SER 74  
37 1 Y 1 A LYS 180 ? A LYS 75  
38 1 Y 1 A MET 181 ? A MET 76  
39 1 Y 1 A LYS 182 ? A LYS 77  
40 1 Y 1 A ASP 283 ? A ASP 178 
41 1 Y 1 A TYR 284 ? A TYR 179 
# 
loop_
_chem_comp_atom.comp_id 
_chem_comp_atom.atom_id 
_chem_comp_atom.type_symbol 
_chem_comp_atom.pdbx_aromatic_flag 
_chem_comp_atom.pdbx_stereo_config 
_chem_comp_atom.pdbx_ordinal 
ALA N    N  N N 1   
ALA CA   C  N S 2   
ALA C    C  N N 3   
ALA O    O  N N 4   
ALA CB   C  N N 5   
ALA OXT  O  N N 6   
ALA H    H  N N 7   
ALA H2   H  N N 8   
ALA HA   H  N N 9   
ALA HB1  H  N N 10  
ALA HB2  H  N N 11  
ALA HB3  H  N N 12  
ALA HXT  H  N N 13  
ARG N    N  N N 14  
ARG CA   C  N S 15  
ARG C    C  N N 16  
ARG O    O  N N 17  
ARG CB   C  N N 18  
ARG CG   C  N N 19  
ARG CD   C  N N 20  
ARG NE   N  N N 21  
ARG CZ   C  N N 22  
ARG NH1  N  N N 23  
ARG NH2  N  N N 24  
ARG OXT  O  N N 25  
ARG H    H  N N 26  
ARG H2   H  N N 27  
ARG HA   H  N N 28  
ARG HB2  H  N N 29  
ARG HB3  H  N N 30  
ARG HG2  H  N N 31  
ARG HG3  H  N N 32  
ARG HD2  H  N N 33  
ARG HD3  H  N N 34  
ARG HE   H  N N 35  
ARG HH11 H  N N 36  
ARG HH12 H  N N 37  
ARG HH21 H  N N 38  
ARG HH22 H  N N 39  
ARG HXT  H  N N 40  
ASN N    N  N N 41  
ASN CA   C  N S 42  
ASN C    C  N N 43  
ASN O    O  N N 44  
ASN CB   C  N N 45  
ASN CG   C  N N 46  
ASN OD1  O  N N 47  
ASN ND2  N  N N 48  
ASN OXT  O  N N 49  
ASN H    H  N N 50  
ASN H2   H  N N 51  
ASN HA   H  N N 52  
ASN HB2  H  N N 53  
ASN HB3  H  N N 54  
ASN HD21 H  N N 55  
ASN HD22 H  N N 56  
ASN HXT  H  N N 57  
ASP N    N  N N 58  
ASP CA   C  N S 59  
ASP C    C  N N 60  
ASP O    O  N N 61  
ASP CB   C  N N 62  
ASP CG   C  N N 63  
ASP OD1  O  N N 64  
ASP OD2  O  N N 65  
ASP OXT  O  N N 66  
ASP H    H  N N 67  
ASP H2   H  N N 68  
ASP HA   H  N N 69  
ASP HB2  H  N N 70  
ASP HB3  H  N N 71  
ASP HD2  H  N N 72  
ASP HXT  H  N N 73  
CL  CL   CL N N 74  
CYS N    N  N N 75  
CYS CA   C  N R 76  
CYS C    C  N N 77  
CYS O    O  N N 78  
CYS CB   C  N N 79  
CYS SG   S  N N 80  
CYS OXT  O  N N 81  
CYS H    H  N N 82  
CYS H2   H  N N 83  
CYS HA   H  N N 84  
CYS HB2  H  N N 85  
CYS HB3  H  N N 86  
CYS HG   H  N N 87  
CYS HXT  H  N N 88  
GLN N    N  N N 89  
GLN CA   C  N S 90  
GLN C    C  N N 91  
GLN O    O  N N 92  
GLN CB   C  N N 93  
GLN CG   C  N N 94  
GLN CD   C  N N 95  
GLN OE1  O  N N 96  
GLN NE2  N  N N 97  
GLN OXT  O  N N 98  
GLN H    H  N N 99  
GLN H2   H  N N 100 
GLN HA   H  N N 101 
GLN HB2  H  N N 102 
GLN HB3  H  N N 103 
GLN HG2  H  N N 104 
GLN HG3  H  N N 105 
GLN HE21 H  N N 106 
GLN HE22 H  N N 107 
GLN HXT  H  N N 108 
GLU N    N  N N 109 
GLU CA   C  N S 110 
GLU C    C  N N 111 
GLU O    O  N N 112 
GLU CB   C  N N 113 
GLU CG   C  N N 114 
GLU CD   C  N N 115 
GLU OE1  O  N N 116 
GLU OE2  O  N N 117 
GLU OXT  O  N N 118 
GLU H    H  N N 119 
GLU H2   H  N N 120 
GLU HA   H  N N 121 
GLU HB2  H  N N 122 
GLU HB3  H  N N 123 
GLU HG2  H  N N 124 
GLU HG3  H  N N 125 
GLU HE2  H  N N 126 
GLU HXT  H  N N 127 
GLY N    N  N N 128 
GLY CA   C  N N 129 
GLY C    C  N N 130 
GLY O    O  N N 131 
GLY OXT  O  N N 132 
GLY H    H  N N 133 
GLY H2   H  N N 134 
GLY HA2  H  N N 135 
GLY HA3  H  N N 136 
GLY HXT  H  N N 137 
HIS N    N  N N 138 
HIS CA   C  N S 139 
HIS C    C  N N 140 
HIS O    O  N N 141 
HIS CB   C  N N 142 
HIS CG   C  Y N 143 
HIS ND1  N  Y N 144 
HIS CD2  C  Y N 145 
HIS CE1  C  Y N 146 
HIS NE2  N  Y N 147 
HIS OXT  O  N N 148 
HIS H    H  N N 149 
HIS H2   H  N N 150 
HIS HA   H  N N 151 
HIS HB2  H  N N 152 
HIS HB3  H  N N 153 
HIS HD1  H  N N 154 
HIS HD2  H  N N 155 
HIS HE1  H  N N 156 
HIS HE2  H  N N 157 
HIS HXT  H  N N 158 
HOH O    O  N N 159 
HOH H1   H  N N 160 
HOH H2   H  N N 161 
ILE N    N  N N 162 
ILE CA   C  N S 163 
ILE C    C  N N 164 
ILE O    O  N N 165 
ILE CB   C  N S 166 
ILE CG1  C  N N 167 
ILE CG2  C  N N 168 
ILE CD1  C  N N 169 
ILE OXT  O  N N 170 
ILE H    H  N N 171 
ILE H2   H  N N 172 
ILE HA   H  N N 173 
ILE HB   H  N N 174 
ILE HG12 H  N N 175 
ILE HG13 H  N N 176 
ILE HG21 H  N N 177 
ILE HG22 H  N N 178 
ILE HG23 H  N N 179 
ILE HD11 H  N N 180 
ILE HD12 H  N N 181 
ILE HD13 H  N N 182 
ILE HXT  H  N N 183 
LEU N    N  N N 184 
LEU CA   C  N S 185 
LEU C    C  N N 186 
LEU O    O  N N 187 
LEU CB   C  N N 188 
LEU CG   C  N N 189 
LEU CD1  C  N N 190 
LEU CD2  C  N N 191 
LEU OXT  O  N N 192 
LEU H    H  N N 193 
LEU H2   H  N N 194 
LEU HA   H  N N 195 
LEU HB2  H  N N 196 
LEU HB3  H  N N 197 
LEU HG   H  N N 198 
LEU HD11 H  N N 199 
LEU HD12 H  N N 200 
LEU HD13 H  N N 201 
LEU HD21 H  N N 202 
LEU HD22 H  N N 203 
LEU HD23 H  N N 204 
LEU HXT  H  N N 205 
LYS N    N  N N 206 
LYS CA   C  N S 207 
LYS C    C  N N 208 
LYS O    O  N N 209 
LYS CB   C  N N 210 
LYS CG   C  N N 211 
LYS CD   C  N N 212 
LYS CE   C  N N 213 
LYS NZ   N  N N 214 
LYS OXT  O  N N 215 
LYS H    H  N N 216 
LYS H2   H  N N 217 
LYS HA   H  N N 218 
LYS HB2  H  N N 219 
LYS HB3  H  N N 220 
LYS HG2  H  N N 221 
LYS HG3  H  N N 222 
LYS HD2  H  N N 223 
LYS HD3  H  N N 224 
LYS HE2  H  N N 225 
LYS HE3  H  N N 226 
LYS HZ1  H  N N 227 
LYS HZ2  H  N N 228 
LYS HZ3  H  N N 229 
LYS HXT  H  N N 230 
MET N    N  N N 231 
MET CA   C  N S 232 
MET C    C  N N 233 
MET O    O  N N 234 
MET CB   C  N N 235 
MET CG   C  N N 236 
MET SD   S  N N 237 
MET CE   C  N N 238 
MET OXT  O  N N 239 
MET H    H  N N 240 
MET H2   H  N N 241 
MET HA   H  N N 242 
MET HB2  H  N N 243 
MET HB3  H  N N 244 
MET HG2  H  N N 245 
MET HG3  H  N N 246 
MET HE1  H  N N 247 
MET HE2  H  N N 248 
MET HE3  H  N N 249 
MET HXT  H  N N 250 
PHE N    N  N N 251 
PHE CA   C  N S 252 
PHE C    C  N N 253 
PHE O    O  N N 254 
PHE CB   C  N N 255 
PHE CG   C  Y N 256 
PHE CD1  C  Y N 257 
PHE CD2  C  Y N 258 
PHE CE1  C  Y N 259 
PHE CE2  C  Y N 260 
PHE CZ   C  Y N 261 
PHE OXT  O  N N 262 
PHE H    H  N N 263 
PHE H2   H  N N 264 
PHE HA   H  N N 265 
PHE HB2  H  N N 266 
PHE HB3  H  N N 267 
PHE HD1  H  N N 268 
PHE HD2  H  N N 269 
PHE HE1  H  N N 270 
PHE HE2  H  N N 271 
PHE HZ   H  N N 272 
PHE HXT  H  N N 273 
PRO N    N  N N 274 
PRO CA   C  N S 275 
PRO C    C  N N 276 
PRO O    O  N N 277 
PRO CB   C  N N 278 
PRO CG   C  N N 279 
PRO CD   C  N N 280 
PRO OXT  O  N N 281 
PRO H    H  N N 282 
PRO HA   H  N N 283 
PRO HB2  H  N N 284 
PRO HB3  H  N N 285 
PRO HG2  H  N N 286 
PRO HG3  H  N N 287 
PRO HD2  H  N N 288 
PRO HD3  H  N N 289 
PRO HXT  H  N N 290 
SER N    N  N N 291 
SER CA   C  N S 292 
SER C    C  N N 293 
SER O    O  N N 294 
SER CB   C  N N 295 
SER OG   O  N N 296 
SER OXT  O  N N 297 
SER H    H  N N 298 
SER H2   H  N N 299 
SER HA   H  N N 300 
SER HB2  H  N N 301 
SER HB3  H  N N 302 
SER HG   H  N N 303 
SER HXT  H  N N 304 
THR N    N  N N 305 
THR CA   C  N S 306 
THR C    C  N N 307 
THR O    O  N N 308 
THR CB   C  N R 309 
THR OG1  O  N N 310 
THR CG2  C  N N 311 
THR OXT  O  N N 312 
THR H    H  N N 313 
THR H2   H  N N 314 
THR HA   H  N N 315 
THR HB   H  N N 316 
THR HG1  H  N N 317 
THR HG21 H  N N 318 
THR HG22 H  N N 319 
THR HG23 H  N N 320 
THR HXT  H  N N 321 
TRP N    N  N N 322 
TRP CA   C  N S 323 
TRP C    C  N N 324 
TRP O    O  N N 325 
TRP CB   C  N N 326 
TRP CG   C  Y N 327 
TRP CD1  C  Y N 328 
TRP CD2  C  Y N 329 
TRP NE1  N  Y N 330 
TRP CE2  C  Y N 331 
TRP CE3  C  Y N 332 
TRP CZ2  C  Y N 333 
TRP CZ3  C  Y N 334 
TRP CH2  C  Y N 335 
TRP OXT  O  N N 336 
TRP H    H  N N 337 
TRP H2   H  N N 338 
TRP HA   H  N N 339 
TRP HB2  H  N N 340 
TRP HB3  H  N N 341 
TRP HD1  H  N N 342 
TRP HE1  H  N N 343 
TRP HE3  H  N N 344 
TRP HZ2  H  N N 345 
TRP HZ3  H  N N 346 
TRP HH2  H  N N 347 
TRP HXT  H  N N 348 
TYR N    N  N N 349 
TYR CA   C  N S 350 
TYR C    C  N N 351 
TYR O    O  N N 352 
TYR CB   C  N N 353 
TYR CG   C  Y N 354 
TYR CD1  C  Y N 355 
TYR CD2  C  Y N 356 
TYR CE1  C  Y N 357 
TYR CE2  C  Y N 358 
TYR CZ   C  Y N 359 
TYR OH   O  N N 360 
TYR OXT  O  N N 361 
TYR H    H  N N 362 
TYR H2   H  N N 363 
TYR HA   H  N N 364 
TYR HB2  H  N N 365 
TYR HB3  H  N N 366 
TYR HD1  H  N N 367 
TYR HD2  H  N N 368 
TYR HE1  H  N N 369 
TYR HE2  H  N N 370 
TYR HH   H  N N 371 
TYR HXT  H  N N 372 
VAL N    N  N N 373 
VAL CA   C  N S 374 
VAL C    C  N N 375 
VAL O    O  N N 376 
VAL CB   C  N N 377 
VAL CG1  C  N N 378 
VAL CG2  C  N N 379 
VAL OXT  O  N N 380 
VAL H    H  N N 381 
VAL H2   H  N N 382 
VAL HA   H  N N 383 
VAL HB   H  N N 384 
VAL HG11 H  N N 385 
VAL HG12 H  N N 386 
VAL HG13 H  N N 387 
VAL HG21 H  N N 388 
VAL HG22 H  N N 389 
VAL HG23 H  N N 390 
VAL HXT  H  N N 391 
# 
loop_
_chem_comp_bond.comp_id 
_chem_comp_bond.atom_id_1 
_chem_comp_bond.atom_id_2 
_chem_comp_bond.value_order 
_chem_comp_bond.pdbx_aromatic_flag 
_chem_comp_bond.pdbx_stereo_config 
_chem_comp_bond.pdbx_ordinal 
ALA N   CA   sing N N 1   
ALA N   H    sing N N 2   
ALA N   H2   sing N N 3   
ALA CA  C    sing N N 4   
ALA CA  CB   sing N N 5   
ALA CA  HA   sing N N 6   
ALA C   O    doub N N 7   
ALA C   OXT  sing N N 8   
ALA CB  HB1  sing N N 9   
ALA CB  HB2  sing N N 10  
ALA CB  HB3  sing N N 11  
ALA OXT HXT  sing N N 12  
ARG N   CA   sing N N 13  
ARG N   H    sing N N 14  
ARG N   H2   sing N N 15  
ARG CA  C    sing N N 16  
ARG CA  CB   sing N N 17  
ARG CA  HA   sing N N 18  
ARG C   O    doub N N 19  
ARG C   OXT  sing N N 20  
ARG CB  CG   sing N N 21  
ARG CB  HB2  sing N N 22  
ARG CB  HB3  sing N N 23  
ARG CG  CD   sing N N 24  
ARG CG  HG2  sing N N 25  
ARG CG  HG3  sing N N 26  
ARG CD  NE   sing N N 27  
ARG CD  HD2  sing N N 28  
ARG CD  HD3  sing N N 29  
ARG NE  CZ   sing N N 30  
ARG NE  HE   sing N N 31  
ARG CZ  NH1  sing N N 32  
ARG CZ  NH2  doub N N 33  
ARG NH1 HH11 sing N N 34  
ARG NH1 HH12 sing N N 35  
ARG NH2 HH21 sing N N 36  
ARG NH2 HH22 sing N N 37  
ARG OXT HXT  sing N N 38  
ASN N   CA   sing N N 39  
ASN N   H    sing N N 40  
ASN N   H2   sing N N 41  
ASN CA  C    sing N N 42  
ASN CA  CB   sing N N 43  
ASN CA  HA   sing N N 44  
ASN C   O    doub N N 45  
ASN C   OXT  sing N N 46  
ASN CB  CG   sing N N 47  
ASN CB  HB2  sing N N 48  
ASN CB  HB3  sing N N 49  
ASN CG  OD1  doub N N 50  
ASN CG  ND2  sing N N 51  
ASN ND2 HD21 sing N N 52  
ASN ND2 HD22 sing N N 53  
ASN OXT HXT  sing N N 54  
ASP N   CA   sing N N 55  
ASP N   H    sing N N 56  
ASP N   H2   sing N N 57  
ASP CA  C    sing N N 58  
ASP CA  CB   sing N N 59  
ASP CA  HA   sing N N 60  
ASP C   O    doub N N 61  
ASP C   OXT  sing N N 62  
ASP CB  CG   sing N N 63  
ASP CB  HB2  sing N N 64  
ASP CB  HB3  sing N N 65  
ASP CG  OD1  doub N N 66  
ASP CG  OD2  sing N N 67  
ASP OD2 HD2  sing N N 68  
ASP OXT HXT  sing N N 69  
CYS N   CA   sing N N 70  
CYS N   H    sing N N 71  
CYS N   H2   sing N N 72  
CYS CA  C    sing N N 73  
CYS CA  CB   sing N N 74  
CYS CA  HA   sing N N 75  
CYS C   O    doub N N 76  
CYS C   OXT  sing N N 77  
CYS CB  SG   sing N N 78  
CYS CB  HB2  sing N N 79  
CYS CB  HB3  sing N N 80  
CYS SG  HG   sing N N 81  
CYS OXT HXT  sing N N 82  
GLN N   CA   sing N N 83  
GLN N   H    sing N N 84  
GLN N   H2   sing N N 85  
GLN CA  C    sing N N 86  
GLN CA  CB   sing N N 87  
GLN CA  HA   sing N N 88  
GLN C   O    doub N N 89  
GLN C   OXT  sing N N 90  
GLN CB  CG   sing N N 91  
GLN CB  HB2  sing N N 92  
GLN CB  HB3  sing N N 93  
GLN CG  CD   sing N N 94  
GLN CG  HG2  sing N N 95  
GLN CG  HG3  sing N N 96  
GLN CD  OE1  doub N N 97  
GLN CD  NE2  sing N N 98  
GLN NE2 HE21 sing N N 99  
GLN NE2 HE22 sing N N 100 
GLN OXT HXT  sing N N 101 
GLU N   CA   sing N N 102 
GLU N   H    sing N N 103 
GLU N   H2   sing N N 104 
GLU CA  C    sing N N 105 
GLU CA  CB   sing N N 106 
GLU CA  HA   sing N N 107 
GLU C   O    doub N N 108 
GLU C   OXT  sing N N 109 
GLU CB  CG   sing N N 110 
GLU CB  HB2  sing N N 111 
GLU CB  HB3  sing N N 112 
GLU CG  CD   sing N N 113 
GLU CG  HG2  sing N N 114 
GLU CG  HG3  sing N N 115 
GLU CD  OE1  doub N N 116 
GLU CD  OE2  sing N N 117 
GLU OE2 HE2  sing N N 118 
GLU OXT HXT  sing N N 119 
GLY N   CA   sing N N 120 
GLY N   H    sing N N 121 
GLY N   H2   sing N N 122 
GLY CA  C    sing N N 123 
GLY CA  HA2  sing N N 124 
GLY CA  HA3  sing N N 125 
GLY C   O    doub N N 126 
GLY C   OXT  sing N N 127 
GLY OXT HXT  sing N N 128 
HIS N   CA   sing N N 129 
HIS N   H    sing N N 130 
HIS N   H2   sing N N 131 
HIS CA  C    sing N N 132 
HIS CA  CB   sing N N 133 
HIS CA  HA   sing N N 134 
HIS C   O    doub N N 135 
HIS C   OXT  sing N N 136 
HIS CB  CG   sing N N 137 
HIS CB  HB2  sing N N 138 
HIS CB  HB3  sing N N 139 
HIS CG  ND1  sing Y N 140 
HIS CG  CD2  doub Y N 141 
HIS ND1 CE1  doub Y N 142 
HIS ND1 HD1  sing N N 143 
HIS CD2 NE2  sing Y N 144 
HIS CD2 HD2  sing N N 145 
HIS CE1 NE2  sing Y N 146 
HIS CE1 HE1  sing N N 147 
HIS NE2 HE2  sing N N 148 
HIS OXT HXT  sing N N 149 
HOH O   H1   sing N N 150 
HOH O   H2   sing N N 151 
ILE N   CA   sing N N 152 
ILE N   H    sing N N 153 
ILE N   H2   sing N N 154 
ILE CA  C    sing N N 155 
ILE CA  CB   sing N N 156 
ILE CA  HA   sing N N 157 
ILE C   O    doub N N 158 
ILE C   OXT  sing N N 159 
ILE CB  CG1  sing N N 160 
ILE CB  CG2  sing N N 161 
ILE CB  HB   sing N N 162 
ILE CG1 CD1  sing N N 163 
ILE CG1 HG12 sing N N 164 
ILE CG1 HG13 sing N N 165 
ILE CG2 HG21 sing N N 166 
ILE CG2 HG22 sing N N 167 
ILE CG2 HG23 sing N N 168 
ILE CD1 HD11 sing N N 169 
ILE CD1 HD12 sing N N 170 
ILE CD1 HD13 sing N N 171 
ILE OXT HXT  sing N N 172 
LEU N   CA   sing N N 173 
LEU N   H    sing N N 174 
LEU N   H2   sing N N 175 
LEU CA  C    sing N N 176 
LEU CA  CB   sing N N 177 
LEU CA  HA   sing N N 178 
LEU C   O    doub N N 179 
LEU C   OXT  sing N N 180 
LEU CB  CG   sing N N 181 
LEU CB  HB2  sing N N 182 
LEU CB  HB3  sing N N 183 
LEU CG  CD1  sing N N 184 
LEU CG  CD2  sing N N 185 
LEU CG  HG   sing N N 186 
LEU CD1 HD11 sing N N 187 
LEU CD1 HD12 sing N N 188 
LEU CD1 HD13 sing N N 189 
LEU CD2 HD21 sing N N 190 
LEU CD2 HD22 sing N N 191 
LEU CD2 HD23 sing N N 192 
LEU OXT HXT  sing N N 193 
LYS N   CA   sing N N 194 
LYS N   H    sing N N 195 
LYS N   H2   sing N N 196 
LYS CA  C    sing N N 197 
LYS CA  CB   sing N N 198 
LYS CA  HA   sing N N 199 
LYS C   O    doub N N 200 
LYS C   OXT  sing N N 201 
LYS CB  CG   sing N N 202 
LYS CB  HB2  sing N N 203 
LYS CB  HB3  sing N N 204 
LYS CG  CD   sing N N 205 
LYS CG  HG2  sing N N 206 
LYS CG  HG3  sing N N 207 
LYS CD  CE   sing N N 208 
LYS CD  HD2  sing N N 209 
LYS CD  HD3  sing N N 210 
LYS CE  NZ   sing N N 211 
LYS CE  HE2  sing N N 212 
LYS CE  HE3  sing N N 213 
LYS NZ  HZ1  sing N N 214 
LYS NZ  HZ2  sing N N 215 
LYS NZ  HZ3  sing N N 216 
LYS OXT HXT  sing N N 217 
MET N   CA   sing N N 218 
MET N   H    sing N N 219 
MET N   H2   sing N N 220 
MET CA  C    sing N N 221 
MET CA  CB   sing N N 222 
MET CA  HA   sing N N 223 
MET C   O    doub N N 224 
MET C   OXT  sing N N 225 
MET CB  CG   sing N N 226 
MET CB  HB2  sing N N 227 
MET CB  HB3  sing N N 228 
MET CG  SD   sing N N 229 
MET CG  HG2  sing N N 230 
MET CG  HG3  sing N N 231 
MET SD  CE   sing N N 232 
MET CE  HE1  sing N N 233 
MET CE  HE2  sing N N 234 
MET CE  HE3  sing N N 235 
MET OXT HXT  sing N N 236 
PHE N   CA   sing N N 237 
PHE N   H    sing N N 238 
PHE N   H2   sing N N 239 
PHE CA  C    sing N N 240 
PHE CA  CB   sing N N 241 
PHE CA  HA   sing N N 242 
PHE C   O    doub N N 243 
PHE C   OXT  sing N N 244 
PHE CB  CG   sing N N 245 
PHE CB  HB2  sing N N 246 
PHE CB  HB3  sing N N 247 
PHE CG  CD1  doub Y N 248 
PHE CG  CD2  sing Y N 249 
PHE CD1 CE1  sing Y N 250 
PHE CD1 HD1  sing N N 251 
PHE CD2 CE2  doub Y N 252 
PHE CD2 HD2  sing N N 253 
PHE CE1 CZ   doub Y N 254 
PHE CE1 HE1  sing N N 255 
PHE CE2 CZ   sing Y N 256 
PHE CE2 HE2  sing N N 257 
PHE CZ  HZ   sing N N 258 
PHE OXT HXT  sing N N 259 
PRO N   CA   sing N N 260 
PRO N   CD   sing N N 261 
PRO N   H    sing N N 262 
PRO CA  C    sing N N 263 
PRO CA  CB   sing N N 264 
PRO CA  HA   sing N N 265 
PRO C   O    doub N N 266 
PRO C   OXT  sing N N 267 
PRO CB  CG   sing N N 268 
PRO CB  HB2  sing N N 269 
PRO CB  HB3  sing N N 270 
PRO CG  CD   sing N N 271 
PRO CG  HG2  sing N N 272 
PRO CG  HG3  sing N N 273 
PRO CD  HD2  sing N N 274 
PRO CD  HD3  sing N N 275 
PRO OXT HXT  sing N N 276 
SER N   CA   sing N N 277 
SER N   H    sing N N 278 
SER N   H2   sing N N 279 
SER CA  C    sing N N 280 
SER CA  CB   sing N N 281 
SER CA  HA   sing N N 282 
SER C   O    doub N N 283 
SER C   OXT  sing N N 284 
SER CB  OG   sing N N 285 
SER CB  HB2  sing N N 286 
SER CB  HB3  sing N N 287 
SER OG  HG   sing N N 288 
SER OXT HXT  sing N N 289 
THR N   CA   sing N N 290 
THR N   H    sing N N 291 
THR N   H2   sing N N 292 
THR CA  C    sing N N 293 
THR CA  CB   sing N N 294 
THR CA  HA   sing N N 295 
THR C   O    doub N N 296 
THR C   OXT  sing N N 297 
THR CB  OG1  sing N N 298 
THR CB  CG2  sing N N 299 
THR CB  HB   sing N N 300 
THR OG1 HG1  sing N N 301 
THR CG2 HG21 sing N N 302 
THR CG2 HG22 sing N N 303 
THR CG2 HG23 sing N N 304 
THR OXT HXT  sing N N 305 
TRP N   CA   sing N N 306 
TRP N   H    sing N N 307 
TRP N   H2   sing N N 308 
TRP CA  C    sing N N 309 
TRP CA  CB   sing N N 310 
TRP CA  HA   sing N N 311 
TRP C   O    doub N N 312 
TRP C   OXT  sing N N 313 
TRP CB  CG   sing N N 314 
TRP CB  HB2  sing N N 315 
TRP CB  HB3  sing N N 316 
TRP CG  CD1  doub Y N 317 
TRP CG  CD2  sing Y N 318 
TRP CD1 NE1  sing Y N 319 
TRP CD1 HD1  sing N N 320 
TRP CD2 CE2  doub Y N 321 
TRP CD2 CE3  sing Y N 322 
TRP NE1 CE2  sing Y N 323 
TRP NE1 HE1  sing N N 324 
TRP CE2 CZ2  sing Y N 325 
TRP CE3 CZ3  doub Y N 326 
TRP CE3 HE3  sing N N 327 
TRP CZ2 CH2  doub Y N 328 
TRP CZ2 HZ2  sing N N 329 
TRP CZ3 CH2  sing Y N 330 
TRP CZ3 HZ3  sing N N 331 
TRP CH2 HH2  sing N N 332 
TRP OXT HXT  sing N N 333 
TYR N   CA   sing N N 334 
TYR N   H    sing N N 335 
TYR N   H2   sing N N 336 
TYR CA  C    sing N N 337 
TYR CA  CB   sing N N 338 
TYR CA  HA   sing N N 339 
TYR C   O    doub N N 340 
TYR C   OXT  sing N N 341 
TYR CB  CG   sing N N 342 
TYR CB  HB2  sing N N 343 
TYR CB  HB3  sing N N 344 
TYR CG  CD1  doub Y N 345 
TYR CG  CD2  sing Y N 346 
TYR CD1 CE1  sing Y N 347 
TYR CD1 HD1  sing N N 348 
TYR CD2 CE2  doub Y N 349 
TYR CD2 HD2  sing N N 350 
TYR CE1 CZ   doub Y N 351 
TYR CE1 HE1  sing N N 352 
TYR CE2 CZ   sing Y N 353 
TYR CE2 HE2  sing N N 354 
TYR CZ  OH   sing N N 355 
TYR OH  HH   sing N N 356 
TYR OXT HXT  sing N N 357 
VAL N   CA   sing N N 358 
VAL N   H    sing N N 359 
VAL N   H2   sing N N 360 
VAL CA  C    sing N N 361 
VAL CA  CB   sing N N 362 
VAL CA  HA   sing N N 363 
VAL C   O    doub N N 364 
VAL C   OXT  sing N N 365 
VAL CB  CG1  sing N N 366 
VAL CB  CG2  sing N N 367 
VAL CB  HB   sing N N 368 
VAL CG1 HG11 sing N N 369 
VAL CG1 HG12 sing N N 370 
VAL CG1 HG13 sing N N 371 
VAL CG2 HG21 sing N N 372 
VAL CG2 HG22 sing N N 373 
VAL CG2 HG23 sing N N 374 
VAL OXT HXT  sing N N 375 
# 
_atom_sites.entry_id                    2F42 
_atom_sites.fract_transf_matrix[1][1]   0.00539920 
_atom_sites.fract_transf_matrix[1][2]   0.00480766 
_atom_sites.fract_transf_matrix[1][3]   -0.00892988 
_atom_sites.fract_transf_matrix[2][1]   0.00172001 
_atom_sites.fract_transf_matrix[2][2]   -0.00605538 
_atom_sites.fract_transf_matrix[2][3]   -0.00961218 
_atom_sites.fract_transf_matrix[3][1]   -0.01180442 
_atom_sites.fract_transf_matrix[3][2]   0.00430088 
_atom_sites.fract_transf_matrix[3][3]   -0.00482171 
_atom_sites.fract_transf_vector[1]      0.286790 
_atom_sites.fract_transf_vector[2]      0.553645 
_atom_sites.fract_transf_vector[3]      0.565847 
# 
loop_
_atom_type.symbol 
C  
CL 
N  
O  
S  
# 
loop_
_atom_site.group_PDB 
_atom_site.id 
_atom_site.type_symbol 
_atom_site.label_atom_id 
_atom_site.label_alt_id 
_atom_site.label_comp_id 
_atom_site.label_asym_id 
_atom_site.label_entity_id 
_atom_site.label_seq_id 
_atom_site.pdbx_PDB_ins_code 
_atom_site.Cartn_x 
_atom_site.Cartn_y 
_atom_site.Cartn_z 
_atom_site.occupancy 
_atom_site.B_iso_or_equiv 
_atom_site.pdbx_formal_charge 
_atom_site.auth_seq_id 
_atom_site.auth_comp_id 
_atom_site.auth_asym_id 
_atom_site.auth_atom_id 
_atom_site.pdbx_PDB_model_num 
ATOM   1    N  N   . ALA A 1 22  ? -12.651 6.359   8.145   1.00 119.42 ? 127 ALA A N   1 
ATOM   2    C  CA  . ALA A 1 22  ? -13.896 6.538   8.950   1.00 120.07 ? 127 ALA A CA  1 
ATOM   3    C  C   . ALA A 1 22  ? -14.771 5.280   8.913   1.00 120.30 ? 127 ALA A C   1 
ATOM   4    O  O   . ALA A 1 22  ? -14.339 4.198   9.325   1.00 120.41 ? 127 ALA A O   1 
ATOM   5    C  CB  . ALA A 1 22  ? -14.687 7.751   8.427   1.00 119.79 ? 127 ALA A CB  1 
ATOM   6    N  N   . LYS A 1 23  ? -16.002 5.431   8.427   1.00 120.00 ? 128 LYS A N   1 
ATOM   7    C  CA  . LYS A 1 23  ? -16.944 4.315   8.320   1.00 118.98 ? 128 LYS A CA  1 
ATOM   8    C  C   . LYS A 1 23  ? -16.609 3.512   7.064   1.00 117.82 ? 128 LYS A C   1 
ATOM   9    O  O   . LYS A 1 23  ? -17.411 2.699   6.606   1.00 117.52 ? 128 LYS A O   1 
ATOM   10   C  CB  . LYS A 1 23  ? -18.385 4.840   8.227   1.00 120.07 ? 128 LYS A CB  1 
ATOM   11   C  CG  . LYS A 1 23  ? -19.402 4.100   9.104   1.00 119.98 ? 128 LYS A CG  1 
ATOM   12   C  CD  . LYS A 1 23  ? -19.486 2.619   8.768   1.00 120.28 ? 128 LYS A CD  1 
ATOM   13   C  CE  . LYS A 1 23  ? -20.539 1.916   9.611   1.00 119.93 ? 128 LYS A CE  1 
ATOM   14   N  NZ  . LYS A 1 23  ? -21.909 2.450   9.361   1.00 119.70 ? 128 LYS A NZ  1 
ATOM   15   N  N   . LYS A 1 24  ? -15.420 3.762   6.515   1.00 116.78 ? 129 LYS A N   1 
ATOM   16   C  CA  . LYS A 1 24  ? -14.934 3.074   5.320   1.00 115.10 ? 129 LYS A CA  1 
ATOM   17   C  C   . LYS A 1 24  ? -14.483 1.650   5.636   1.00 113.78 ? 129 LYS A C   1 
ATOM   18   O  O   . LYS A 1 24  ? -13.565 1.125   5.004   1.00 113.55 ? 129 LYS A O   1 
ATOM   19   C  CB  . LYS A 1 24  ? -13.771 3.852   4.690   1.00 116.07 ? 129 LYS A CB  1 
ATOM   20   C  CG  . LYS A 1 24  ? -14.179 5.201   4.121   1.00 116.80 ? 129 LYS A CG  1 
ATOM   21   C  CD  . LYS A 1 24  ? -13.002 6.010   3.580   1.00 117.39 ? 129 LYS A CD  1 
ATOM   22   C  CE  . LYS A 1 24  ? -12.308 5.341   2.395   1.00 117.83 ? 129 LYS A CE  1 
ATOM   23   N  NZ  . LYS A 1 24  ? -11.455 4.184   2.794   1.00 118.86 ? 129 LYS A NZ  1 
ATOM   24   N  N   . LYS A 1 25  ? -15.129 1.041   6.632   1.00 112.25 ? 130 LYS A N   1 
ATOM   25   C  CA  . LYS A 1 25  ? -14.835 -0.337  7.034   1.00 109.15 ? 130 LYS A CA  1 
ATOM   26   C  C   . LYS A 1 25  ? -15.499 -1.276  6.024   1.00 106.94 ? 130 LYS A C   1 
ATOM   27   O  O   . LYS A 1 25  ? -15.514 -2.492  6.222   1.00 107.92 ? 130 LYS A O   1 
ATOM   28   C  CB  . LYS A 1 25  ? -15.388 -0.623  8.440   1.00 109.79 ? 130 LYS A CB  1 
ATOM   29   C  CG  . LYS A 1 25  ? -16.893 -0.358  8.593   1.00 110.00 ? 130 LYS A CG  1 
ATOM   30   C  CD  . LYS A 1 25  ? -17.440 -0.752  9.971   1.00 110.23 ? 130 LYS A CD  1 
ATOM   31   C  CE  . LYS A 1 25  ? -16.750 0.001   11.095  1.00 110.40 ? 130 LYS A CE  1 
ATOM   32   N  NZ  . LYS A 1 25  ? -16.921 1.467   10.930  1.00 110.75 ? 130 LYS A NZ  1 
ATOM   33   N  N   . ARG A 1 26  ? -16.060 -0.695  4.958   1.00 103.06 ? 131 ARG A N   1 
ATOM   34   C  CA  . ARG A 1 26  ? -16.721 -1.450  3.889   1.00 99.18  ? 131 ARG A CA  1 
ATOM   35   C  C   . ARG A 1 26  ? -15.680 -2.177  3.040   1.00 96.96  ? 131 ARG A C   1 
ATOM   36   O  O   . ARG A 1 26  ? -15.989 -3.188  2.397   1.00 95.88  ? 131 ARG A O   1 
ATOM   37   C  CB  . ARG A 1 26  ? -17.540 -0.521  2.982   1.00 99.61  ? 131 ARG A CB  1 
ATOM   38   C  CG  . ARG A 1 26  ? -16.724 0.574   2.324   1.00 101.75 ? 131 ARG A CG  1 
ATOM   39   C  CD  . ARG A 1 26  ? -17.543 1.347   1.309   1.00 103.90 ? 131 ARG A CD  1 
ATOM   40   N  NE  . ARG A 1 26  ? -16.875 2.576   0.886   1.00 105.84 ? 131 ARG A NE  1 
ATOM   41   C  CZ  . ARG A 1 26  ? -16.711 3.646   1.661   1.00 106.98 ? 131 ARG A CZ  1 
ATOM   42   N  NH1 . ARG A 1 26  ? -17.168 3.648   2.906   1.00 107.09 ? 131 ARG A NH1 1 
ATOM   43   N  NH2 . ARG A 1 26  ? -16.091 4.721   1.191   1.00 108.12 ? 131 ARG A NH2 1 
ATOM   44   N  N   . TRP A 1 27  ? -14.451 -1.656  3.045   1.00 94.66  ? 132 TRP A N   1 
ATOM   45   C  CA  . TRP A 1 27  ? -13.343 -2.241  2.285   1.00 91.81  ? 132 TRP A CA  1 
ATOM   46   C  C   . TRP A 1 27  ? -13.025 -3.629  2.841   1.00 90.07  ? 132 TRP A C   1 
ATOM   47   O  O   . TRP A 1 27  ? -12.671 -4.546  2.098   1.00 88.57  ? 132 TRP A O   1 
ATOM   48   C  CB  . TRP A 1 27  ? -12.091 -1.348  2.361   1.00 90.96  ? 132 TRP A CB  1 
ATOM   49   C  CG  . TRP A 1 27  ? -11.111 -1.653  1.260   1.00 91.61  ? 132 TRP A CG  1 
ATOM   50   C  CD1 . TRP A 1 27  ? -11.145 -1.185  -0.028  1.00 91.31  ? 132 TRP A CD1 1 
ATOM   51   C  CD2 . TRP A 1 27  ? -10.014 -2.571  1.320   1.00 91.21  ? 132 TRP A CD2 1 
ATOM   52   N  NE1 . TRP A 1 27  ? -10.138 -1.758  -0.768  1.00 91.18  ? 132 TRP A NE1 1 
ATOM   53   C  CE2 . TRP A 1 27  ? -9.429  -2.611  0.034   1.00 91.02  ? 132 TRP A CE2 1 
ATOM   54   C  CE3 . TRP A 1 27  ? -9.469  -3.362  2.337   1.00 90.20  ? 132 TRP A CE3 1 
ATOM   55   C  CZ2 . TRP A 1 27  ? -8.328  -3.419  -0.262  1.00 92.11  ? 132 TRP A CZ2 1 
ATOM   56   C  CZ3 . TRP A 1 27  ? -8.375  -4.165  2.045   1.00 91.24  ? 132 TRP A CZ3 1 
ATOM   57   C  CH2 . TRP A 1 27  ? -7.813  -4.186  0.756   1.00 91.67  ? 132 TRP A CH2 1 
ATOM   58   N  N   . ASN A 1 28  ? -13.163 -3.774  4.155   1.00 89.42  ? 133 ASN A N   1 
ATOM   59   C  CA  . ASN A 1 28  ? -12.917 -5.051  4.808   1.00 89.11  ? 133 ASN A CA  1 
ATOM   60   C  C   . ASN A 1 28  ? -14.038 -6.031  4.485   1.00 87.70  ? 133 ASN A C   1 
ATOM   61   O  O   . ASN A 1 28  ? -13.810 -7.239  4.425   1.00 87.62  ? 133 ASN A O   1 
ATOM   62   C  CB  . ASN A 1 28  ? -12.804 -4.861  6.315   1.00 91.85  ? 133 ASN A CB  1 
ATOM   63   C  CG  . ASN A 1 28  ? -11.627 -3.996  6.693   1.00 94.89  ? 133 ASN A CG  1 
ATOM   64   O  OD1 . ASN A 1 28  ? -10.498 -4.255  6.278   1.00 94.84  ? 133 ASN A OD1 1 
ATOM   65   N  ND2 . ASN A 1 28  ? -11.882 -2.956  7.478   1.00 96.74  ? 133 ASN A ND2 1 
ATOM   66   N  N   . SER A 1 29  ? -15.243 -5.503  4.279   1.00 86.14  ? 134 SER A N   1 
ATOM   67   C  CA  . SER A 1 29  ? -16.403 -6.320  3.938   1.00 83.53  ? 134 SER A CA  1 
ATOM   68   C  C   . SER A 1 29  ? -16.316 -6.801  2.512   1.00 82.27  ? 134 SER A C   1 
ATOM   69   O  O   . SER A 1 29  ? -16.644 -7.944  2.224   1.00 82.11  ? 134 SER A O   1 
ATOM   70   C  CB  . SER A 1 29  ? -17.693 -5.536  4.123   1.00 82.29  ? 134 SER A CB  1 
ATOM   71   O  OG  . SER A 1 29  ? -17.936 -5.371  5.503   1.00 84.42  ? 134 SER A OG  1 
ATOM   72   N  N   . ILE A 1 30  ? -15.871 -5.933  1.610   1.00 82.14  ? 135 ILE A N   1 
ATOM   73   C  CA  . ILE A 1 30  ? -15.764 -6.317  0.207   1.00 83.06  ? 135 ILE A CA  1 
ATOM   74   C  C   . ILE A 1 30  ? -14.682 -7.375  -0.011  1.00 82.35  ? 135 ILE A C   1 
ATOM   75   O  O   . ILE A 1 30  ? -14.877 -8.336  -0.763  1.00 83.33  ? 135 ILE A O   1 
ATOM   76   C  CB  . ILE A 1 30  ? -15.491 -5.076  -0.691  1.00 83.47  ? 135 ILE A CB  1 
ATOM   77   C  CG1 . ILE A 1 30  ? -14.089 -4.518  -0.431  1.00 84.64  ? 135 ILE A CG1 1 
ATOM   78   C  CG2 . ILE A 1 30  ? -16.541 -4.005  -0.425  1.00 82.30  ? 135 ILE A CG2 1 
ATOM   79   C  CD1 . ILE A 1 30  ? -13.034 -5.043  -1.379  1.00 84.60  ? 135 ILE A CD1 1 
ATOM   80   N  N   . GLU A 1 31  ? -13.549 -7.198  0.659   1.00 82.68  ? 136 GLU A N   1 
ATOM   81   C  CA  . GLU A 1 31  ? -12.442 -8.130  0.540   1.00 84.11  ? 136 GLU A CA  1 
ATOM   82   C  C   . GLU A 1 31  ? -12.726 -9.397  1.342   1.00 84.66  ? 136 GLU A C   1 
ATOM   83   O  O   . GLU A 1 31  ? -12.065 -10.423 1.160   1.00 85.22  ? 136 GLU A O   1 
ATOM   84   C  CB  . GLU A 1 31  ? -11.150 -7.464  1.019   1.00 84.72  ? 136 GLU A CB  1 
ATOM   85   C  CG  . GLU A 1 31  ? -9.914  -8.199  0.575   1.00 87.47  ? 136 GLU A CG  1 
ATOM   86   C  CD  . GLU A 1 31  ? -8.657  -7.392  0.735   1.00 87.17  ? 136 GLU A CD  1 
ATOM   87   O  OE1 . GLU A 1 31  ? -8.241  -7.155  1.890   1.00 87.31  ? 136 GLU A OE1 1 
ATOM   88   O  OE2 . GLU A 1 31  ? -8.090  -6.993  -0.306  1.00 87.51  ? 136 GLU A OE2 1 
ATOM   89   N  N   . GLU A 1 32  ? -13.719 -9.323  2.226   1.00 85.51  ? 137 GLU A N   1 
ATOM   90   C  CA  . GLU A 1 32  ? -14.119 -10.471 3.048   1.00 85.01  ? 137 GLU A CA  1 
ATOM   91   C  C   . GLU A 1 32  ? -14.784 -11.479 2.115   1.00 83.21  ? 137 GLU A C   1 
ATOM   92   O  O   . GLU A 1 32  ? -14.533 -12.682 2.195   1.00 82.84  ? 137 GLU A O   1 
ATOM   93   C  CB  . GLU A 1 32  ? -15.118 -10.043 4.128   1.00 87.71  ? 137 GLU A CB  1 
ATOM   94   C  CG  . GLU A 1 32  ? -14.913 -10.737 5.476   1.00 91.91  ? 137 GLU A CG  1 
ATOM   95   C  CD  . GLU A 1 32  ? -14.412 -9.798  6.566   1.00 95.66  ? 137 GLU A CD  1 
ATOM   96   O  OE1 . GLU A 1 32  ? -15.204 -8.963  7.064   1.00 95.23  ? 137 GLU A OE1 1 
ATOM   97   O  OE2 . GLU A 1 32  ? -13.218 -9.890  6.927   1.00 96.75  ? 137 GLU A OE2 1 
ATOM   98   N  N   . LYS A 1 33  ? -15.644 -10.975 1.239   1.00 80.72  ? 138 LYS A N   1 
ATOM   99   C  CA  . LYS A 1 33  ? -16.323 -11.820 0.274   1.00 79.67  ? 138 LYS A CA  1 
ATOM   100  C  C   . LYS A 1 33  ? -15.336 -12.412 -0.725  1.00 78.44  ? 138 LYS A C   1 
ATOM   101  O  O   . LYS A 1 33  ? -15.535 -13.529 -1.198  1.00 76.70  ? 138 LYS A O   1 
ATOM   102  C  CB  . LYS A 1 33  ? -17.376 -11.015 -0.480  1.00 79.79  ? 138 LYS A CB  1 
ATOM   103  C  CG  . LYS A 1 33  ? -18.745 -11.082 0.148   1.00 83.23  ? 138 LYS A CG  1 
ATOM   104  C  CD  . LYS A 1 33  ? -19.343 -12.482 -0.003  1.00 86.00  ? 138 LYS A CD  1 
ATOM   105  C  CE  . LYS A 1 33  ? -20.684 -12.623 0.721   1.00 86.65  ? 138 LYS A CE  1 
ATOM   106  N  NZ  . LYS A 1 33  ? -21.283 -13.991 0.584   1.00 87.28  ? 138 LYS A NZ  1 
ATOM   107  N  N   . ARG A 1 34  ? -14.286 -11.659 -1.054  1.00 77.76  ? 139 ARG A N   1 
ATOM   108  C  CA  . ARG A 1 34  ? -13.284 -12.146 -1.997  1.00 77.60  ? 139 ARG A CA  1 
ATOM   109  C  C   . ARG A 1 34  ? -12.505 -13.270 -1.346  1.00 75.48  ? 139 ARG A C   1 
ATOM   110  O  O   . ARG A 1 34  ? -12.532 -14.408 -1.808  1.00 74.03  ? 139 ARG A O   1 
ATOM   111  C  CB  . ARG A 1 34  ? -12.285 -11.050 -2.400  1.00 81.19  ? 139 ARG A CB  1 
ATOM   112  C  CG  . ARG A 1 34  ? -12.797 -10.012 -3.387  1.00 86.11  ? 139 ARG A CG  1 
ATOM   113  C  CD  . ARG A 1 34  ? -11.650 -9.493  -4.263  1.00 91.34  ? 139 ARG A CD  1 
ATOM   114  N  NE  . ARG A 1 34  ? -11.718 -8.052  -4.541  1.00 94.30  ? 139 ARG A NE  1 
ATOM   115  C  CZ  . ARG A 1 34  ? -11.420 -7.096  -3.661  1.00 95.96  ? 139 ARG A CZ  1 
ATOM   116  N  NH1 . ARG A 1 34  ? -11.025 -7.410  -2.433  1.00 97.53  ? 139 ARG A NH1 1 
ATOM   117  N  NH2 . ARG A 1 34  ? -11.522 -5.820  -4.009  1.00 96.09  ? 139 ARG A NH2 1 
ATOM   118  N  N   . ILE A 1 35  ? -11.816 -12.928 -0.261  1.00 73.22  ? 140 ILE A N   1 
ATOM   119  C  CA  . ILE A 1 35  ? -11.005 -13.883 0.473   1.00 71.07  ? 140 ILE A CA  1 
ATOM   120  C  C   . ILE A 1 35  ? -11.768 -15.170 0.712   1.00 69.42  ? 140 ILE A C   1 
ATOM   121  O  O   . ILE A 1 35  ? -11.219 -16.264 0.620   1.00 69.32  ? 140 ILE A O   1 
ATOM   122  C  CB  . ILE A 1 35  ? -10.540 -13.296 1.828   1.00 71.22  ? 140 ILE A CB  1 
ATOM   123  C  CG1 . ILE A 1 35  ? -9.582  -12.128 1.577   1.00 71.87  ? 140 ILE A CG1 1 
ATOM   124  C  CG2 . ILE A 1 35  ? -9.832  -14.362 2.661   1.00 72.45  ? 140 ILE A CG2 1 
ATOM   125  C  CD1 . ILE A 1 35  ? -9.135  -11.405 2.831   1.00 72.06  ? 140 ILE A CD1 1 
ATOM   126  N  N   . SER A 1 36  ? -13.052 -15.040 0.990   1.00 67.12  ? 141 SER A N   1 
ATOM   127  C  CA  . SER A 1 36  ? -13.873 -16.199 1.244   1.00 65.94  ? 141 SER A CA  1 
ATOM   128  C  C   . SER A 1 36  ? -13.986 -17.115 0.028   1.00 66.93  ? 141 SER A C   1 
ATOM   129  O  O   . SER A 1 36  ? -13.925 -18.346 0.152   1.00 67.27  ? 141 SER A O   1 
ATOM   130  C  CB  . SER A 1 36  ? -15.252 -15.736 1.696   1.00 64.13  ? 141 SER A CB  1 
ATOM   131  O  OG  . SER A 1 36  ? -16.076 -16.836 1.987   1.00 67.30  ? 141 SER A OG  1 
ATOM   132  N  N   . GLN A 1 37  ? -14.139 -16.520 -1.152  1.00 68.56  ? 142 GLN A N   1 
ATOM   133  C  CA  . GLN A 1 37  ? -14.278 -17.304 -2.375  1.00 70.62  ? 142 GLN A CA  1 
ATOM   134  C  C   . GLN A 1 37  ? -12.969 -17.915 -2.804  1.00 67.49  ? 142 GLN A C   1 
ATOM   135  O  O   . GLN A 1 37  ? -12.943 -19.043 -3.282  1.00 66.71  ? 142 GLN A O   1 
ATOM   136  C  CB  . GLN A 1 37  ? -14.842 -16.446 -3.504  1.00 77.13  ? 142 GLN A CB  1 
ATOM   137  C  CG  . GLN A 1 37  ? -16.195 -15.835 -3.157  1.00 89.01  ? 142 GLN A CG  1 
ATOM   138  C  CD  . GLN A 1 37  ? -17.076 -16.743 -2.273  1.00 94.44  ? 142 GLN A CD  1 
ATOM   139  O  OE1 . GLN A 1 37  ? -17.337 -17.901 -2.608  1.00 97.45  ? 142 GLN A OE1 1 
ATOM   140  N  NE2 . GLN A 1 37  ? -17.548 -16.198 -1.149  1.00 97.01  ? 142 GLN A NE2 1 
ATOM   141  N  N   . GLU A 1 38  ? -11.882 -17.174 -2.631  1.00 64.29  ? 143 GLU A N   1 
ATOM   142  C  CA  . GLU A 1 38  ? -10.578 -17.688 -3.006  1.00 63.15  ? 143 GLU A CA  1 
ATOM   143  C  C   . GLU A 1 38  ? -10.257 -18.914 -2.153  1.00 61.80  ? 143 GLU A C   1 
ATOM   144  O  O   . GLU A 1 38  ? -9.683  -19.889 -2.641  1.00 61.63  ? 143 GLU A O   1 
ATOM   145  C  CB  . GLU A 1 38  ? -9.505  -16.612 -2.822  1.00 63.55  ? 143 GLU A CB  1 
ATOM   146  C  CG  . GLU A 1 38  ? -9.786  -15.289 -3.558  1.00 68.16  ? 143 GLU A CG  1 
ATOM   147  C  CD  . GLU A 1 38  ? -8.697  -14.251 -3.338  1.00 72.12  ? 143 GLU A CD  1 
ATOM   148  O  OE1 . GLU A 1 38  ? -8.895  -13.072 -3.727  1.00 74.57  ? 143 GLU A OE1 1 
ATOM   149  O  OE2 . GLU A 1 38  ? -7.637  -14.607 -2.781  1.00 71.78  ? 143 GLU A OE2 1 
ATOM   150  N  N   . ASN A 1 39  ? -10.632 -18.863 -0.877  1.00 60.10  ? 144 ASN A N   1 
ATOM   151  C  CA  . ASN A 1 39  ? -10.372 -19.973 0.033   1.00 56.47  ? 144 ASN A CA  1 
ATOM   152  C  C   . ASN A 1 39  ? -11.159 -21.202 -0.403  1.00 56.90  ? 144 ASN A C   1 
ATOM   153  O  O   . ASN A 1 39  ? -10.624 -22.308 -0.423  1.00 54.44  ? 144 ASN A O   1 
ATOM   154  C  CB  . ASN A 1 39  ? -10.755 -19.593 1.462   1.00 56.07  ? 144 ASN A CB  1 
ATOM   155  C  CG  . ASN A 1 39  ? -9.855  -18.518 2.048   1.00 56.70  ? 144 ASN A CG  1 
ATOM   156  O  OD1 . ASN A 1 39  ? -10.065 -18.086 3.180   1.00 58.53  ? 144 ASN A OD1 1 
ATOM   157  N  ND2 . ASN A 1 39  ? -8.851  -18.083 1.289   1.00 57.39  ? 144 ASN A ND2 1 
ATOM   158  N  N   . GLU A 1 40  ? -12.428 -21.006 -0.747  1.00 57.49  ? 145 GLU A N   1 
ATOM   159  C  CA  . GLU A 1 40  ? -13.268 -22.110 -1.190  1.00 59.03  ? 145 GLU A CA  1 
ATOM   160  C  C   . GLU A 1 40  ? -12.743 -22.718 -2.495  1.00 59.83  ? 145 GLU A C   1 
ATOM   161  O  O   . GLU A 1 40  ? -12.743 -23.938 -2.663  1.00 61.79  ? 145 GLU A O   1 
ATOM   162  C  CB  . GLU A 1 40  ? -14.703 -21.638 -1.394  1.00 60.77  ? 145 GLU A CB  1 
ATOM   163  C  CG  . GLU A 1 40  ? -15.589 -22.720 -1.963  1.00 62.91  ? 145 GLU A CG  1 
ATOM   164  C  CD  . GLU A 1 40  ? -15.446 -24.020 -1.216  1.00 66.50  ? 145 GLU A CD  1 
ATOM   165  O  OE1 . GLU A 1 40  ? -15.391 -23.992 0.038   1.00 68.40  ? 145 GLU A OE1 1 
ATOM   166  O  OE2 . GLU A 1 40  ? -15.398 -25.087 -1.879  1.00 68.19  ? 145 GLU A OE2 1 
ATOM   167  N  N   . LEU A 1 41  ? -12.314 -21.865 -3.421  1.00 58.92  ? 146 LEU A N   1 
ATOM   168  C  CA  . LEU A 1 41  ? -11.763 -22.336 -4.689  1.00 56.71  ? 146 LEU A CA  1 
ATOM   169  C  C   . LEU A 1 41  ? -10.446 -23.085 -4.408  1.00 56.78  ? 146 LEU A C   1 
ATOM   170  O  O   . LEU A 1 41  ? -10.195 -24.158 -4.959  1.00 57.58  ? 146 LEU A O   1 
ATOM   171  C  CB  . LEU A 1 41  ? -11.501 -21.146 -5.629  1.00 53.07  ? 146 LEU A CB  1 
ATOM   172  C  CG  . LEU A 1 41  ? -10.927 -21.473 -7.028  1.00 51.86  ? 146 LEU A CG  1 
ATOM   173  C  CD1 . LEU A 1 41  ? -11.803 -22.463 -7.764  1.00 48.65  ? 146 LEU A CD1 1 
ATOM   174  C  CD2 . LEU A 1 41  ? -10.847 -20.218 -7.841  1.00 48.28  ? 146 LEU A CD2 1 
ATOM   175  N  N   . HIS A 1 42  ? -9.621  -22.521 -3.529  1.00 55.45  ? 147 HIS A N   1 
ATOM   176  C  CA  . HIS A 1 42  ? -8.353  -23.133 -3.190  1.00 54.67  ? 147 HIS A CA  1 
ATOM   177  C  C   . HIS A 1 42  ? -8.508  -24.500 -2.543  1.00 53.25  ? 147 HIS A C   1 
ATOM   178  O  O   . HIS A 1 42  ? -7.753  -25.432 -2.830  1.00 54.55  ? 147 HIS A O   1 
ATOM   179  C  CB  . HIS A 1 42  ? -7.538  -22.215 -2.280  1.00 53.72  ? 147 HIS A CB  1 
ATOM   180  C  CG  . HIS A 1 42  ? -6.295  -22.858 -1.755  1.00 52.82  ? 147 HIS A CG  1 
ATOM   181  N  ND1 . HIS A 1 42  ? -6.238  -23.450 -0.511  1.00 52.87  ? 147 HIS A ND1 1 
ATOM   182  C  CD2 . HIS A 1 42  ? -5.102  -23.100 -2.344  1.00 53.06  ? 147 HIS A CD2 1 
ATOM   183  C  CE1 . HIS A 1 42  ? -5.064  -24.037 -0.364  1.00 52.74  ? 147 HIS A CE1 1 
ATOM   184  N  NE2 . HIS A 1 42  ? -4.354  -23.841 -1.462  1.00 52.18  ? 147 HIS A NE2 1 
ATOM   185  N  N   . ALA A 1 43  ? -9.480  -24.641 -1.658  1.00 52.40  ? 148 ALA A N   1 
ATOM   186  C  CA  . ALA A 1 43  ? -9.670  -25.938 -1.026  1.00 51.86  ? 148 ALA A CA  1 
ATOM   187  C  C   . ALA A 1 43  ? -10.152 -26.918 -2.104  1.00 54.25  ? 148 ALA A C   1 
ATOM   188  O  O   . ALA A 1 43  ? -9.554  -27.985 -2.314  1.00 54.02  ? 148 ALA A O   1 
ATOM   189  C  CB  . ALA A 1 43  ? -10.699 -25.831 0.108   1.00 46.80  ? 148 ALA A CB  1 
ATOM   190  N  N   . TYR A 1 44  ? -11.220 -26.544 -2.807  1.00 53.32  ? 149 TYR A N   1 
ATOM   191  C  CA  . TYR A 1 44  ? -11.770 -27.386 -3.852  1.00 55.12  ? 149 TYR A CA  1 
ATOM   192  C  C   . TYR A 1 44  ? -10.671 -27.876 -4.783  1.00 55.25  ? 149 TYR A C   1 
ATOM   193  O  O   . TYR A 1 44  ? -10.551 -29.078 -5.035  1.00 56.75  ? 149 TYR A O   1 
ATOM   194  C  CB  . TYR A 1 44  ? -12.825 -26.613 -4.645  1.00 59.57  ? 149 TYR A CB  1 
ATOM   195  C  CG  . TYR A 1 44  ? -13.260 -27.299 -5.920  1.00 64.91  ? 149 TYR A CG  1 
ATOM   196  C  CD1 . TYR A 1 44  ? -14.107 -28.404 -5.893  1.00 66.84  ? 149 TYR A CD1 1 
ATOM   197  C  CD2 . TYR A 1 44  ? -12.822 -26.834 -7.161  1.00 68.38  ? 149 TYR A CD2 1 
ATOM   198  C  CE1 . TYR A 1 44  ? -14.515 -29.026 -7.072  1.00 69.96  ? 149 TYR A CE1 1 
ATOM   199  C  CE2 . TYR A 1 44  ? -13.223 -27.447 -8.345  1.00 71.82  ? 149 TYR A CE2 1 
ATOM   200  C  CZ  . TYR A 1 44  ? -14.070 -28.547 -8.293  1.00 72.39  ? 149 TYR A CZ  1 
ATOM   201  O  OH  . TYR A 1 44  ? -14.457 -29.168 -9.460  1.00 75.47  ? 149 TYR A OH  1 
ATOM   202  N  N   . LEU A 1 45  ? -9.856  -26.950 -5.284  1.00 54.43  ? 150 LEU A N   1 
ATOM   203  C  CA  . LEU A 1 45  ? -8.769  -27.326 -6.183  1.00 53.74  ? 150 LEU A CA  1 
ATOM   204  C  C   . LEU A 1 45  ? -7.783  -28.271 -5.524  1.00 53.02  ? 150 LEU A C   1 
ATOM   205  O  O   . LEU A 1 45  ? -7.335  -29.220 -6.165  1.00 53.90  ? 150 LEU A O   1 
ATOM   206  C  CB  . LEU A 1 45  ? -8.019  -26.093 -6.698  1.00 52.88  ? 150 LEU A CB  1 
ATOM   207  C  CG  . LEU A 1 45  ? -8.771  -25.158 -7.645  1.00 52.45  ? 150 LEU A CG  1 
ATOM   208  C  CD1 . LEU A 1 45  ? -7.872  -24.024 -8.062  1.00 54.55  ? 150 LEU A CD1 1 
ATOM   209  C  CD2 . LEU A 1 45  ? -9.224  -25.926 -8.860  1.00 53.27  ? 150 LEU A CD2 1 
ATOM   210  N  N   . SER A 1 46  ? -7.426  -28.034 -4.261  1.00 53.43  ? 151 SER A N   1 
ATOM   211  C  CA  . SER A 1 46  ? -6.477  -28.940 -3.606  1.00 56.47  ? 151 SER A CA  1 
ATOM   212  C  C   . SER A 1 46  ? -7.131  -30.314 -3.423  1.00 57.42  ? 151 SER A C   1 
ATOM   213  O  O   . SER A 1 46  ? -6.435  -31.315 -3.352  1.00 60.08  ? 151 SER A O   1 
ATOM   214  C  CB  . SER A 1 46  ? -6.015  -28.379 -2.260  1.00 54.01  ? 151 SER A CB  1 
ATOM   215  O  OG  . SER A 1 46  ? -7.097  -28.298 -1.368  1.00 58.26  ? 151 SER A OG  1 
ATOM   216  N  N   . LYS A 1 47  ? -8.458  -30.378 -3.352  1.00 59.80  ? 152 LYS A N   1 
ATOM   217  C  CA  . LYS A 1 47  ? -9.105  -31.682 -3.221  1.00 60.96  ? 152 LYS A CA  1 
ATOM   218  C  C   . LYS A 1 47  ? -8.989  -32.467 -4.524  1.00 62.16  ? 152 LYS A C   1 
ATOM   219  O  O   . LYS A 1 47  ? -8.555  -33.627 -4.549  1.00 62.42  ? 152 LYS A O   1 
ATOM   220  C  CB  . LYS A 1 47  ? -10.585 -31.544 -2.882  1.00 62.91  ? 152 LYS A CB  1 
ATOM   221  C  CG  . LYS A 1 47  ? -10.858 -31.237 -1.423  1.00 66.97  ? 152 LYS A CG  1 
ATOM   222  C  CD  . LYS A 1 47  ? -12.352 -31.288 -1.103  1.00 69.28  ? 152 LYS A CD  1 
ATOM   223  C  CE  . LYS A 1 47  ? -12.923 -32.695 -1.264  1.00 71.89  ? 152 LYS A CE  1 
ATOM   224  N  NZ  . LYS A 1 47  ? -14.383 -32.756 -0.963  1.00 74.61  ? 152 LYS A NZ  1 
ATOM   225  N  N   . LEU A 1 48  ? -9.414  -31.852 -5.616  1.00 60.76  ? 153 LEU A N   1 
ATOM   226  C  CA  . LEU A 1 48  ? -9.305  -32.523 -6.891  1.00 57.64  ? 153 LEU A CA  1 
ATOM   227  C  C   . LEU A 1 48  ? -7.878  -33.071 -7.049  1.00 57.84  ? 153 LEU A C   1 
ATOM   228  O  O   . LEU A 1 48  ? -7.699  -34.245 -7.356  1.00 59.00  ? 153 LEU A O   1 
ATOM   229  C  CB  . LEU A 1 48  ? -9.621  -31.552 -8.021  1.00 54.78  ? 153 LEU A CB  1 
ATOM   230  C  CG  . LEU A 1 48  ? -11.032 -30.960 -8.041  1.00 55.09  ? 153 LEU A CG  1 
ATOM   231  C  CD1 . LEU A 1 48  ? -11.131 -30.095 -9.276  1.00 52.62  ? 153 LEU A CD1 1 
ATOM   232  C  CD2 . LEU A 1 48  ? -12.114 -32.051 -8.058  1.00 53.20  ? 153 LEU A CD2 1 
ATOM   233  N  N   . ILE A 1 49  ? -6.868  -32.234 -6.809  1.00 57.59  ? 154 ILE A N   1 
ATOM   234  C  CA  . ILE A 1 49  ? -5.478  -32.662 -6.970  1.00 58.59  ? 154 ILE A CA  1 
ATOM   235  C  C   . ILE A 1 49  ? -5.156  -33.914 -6.170  1.00 60.45  ? 154 ILE A C   1 
ATOM   236  O  O   . ILE A 1 49  ? -4.888  -34.967 -6.745  1.00 61.56  ? 154 ILE A O   1 
ATOM   237  C  CB  . ILE A 1 49  ? -4.488  -31.539 -6.568  1.00 56.32  ? 154 ILE A CB  1 
ATOM   238  C  CG1 . ILE A 1 49  ? -4.694  -30.321 -7.476  1.00 55.74  ? 154 ILE A CG1 1 
ATOM   239  C  CG2 . ILE A 1 49  ? -3.040  -32.034 -6.662  1.00 50.02  ? 154 ILE A CG2 1 
ATOM   240  C  CD1 . ILE A 1 49  ? -3.792  -29.122 -7.106  1.00 57.72  ? 154 ILE A CD1 1 
ATOM   241  N  N   . LEU A 1 50  ? -5.181  -33.801 -4.845  1.00 62.62  ? 155 LEU A N   1 
ATOM   242  C  CA  . LEU A 1 50  ? -4.908  -34.946 -3.986  1.00 63.84  ? 155 LEU A CA  1 
ATOM   243  C  C   . LEU A 1 50  ? -5.683  -36.190 -4.424  1.00 64.51  ? 155 LEU A C   1 
ATOM   244  O  O   . LEU A 1 50  ? -5.127  -37.285 -4.495  1.00 65.34  ? 155 LEU A O   1 
ATOM   245  C  CB  . LEU A 1 50  ? -5.244  -34.606 -2.538  1.00 63.04  ? 155 LEU A CB  1 
ATOM   246  C  CG  . LEU A 1 50  ? -4.279  -33.639 -1.863  1.00 62.62  ? 155 LEU A CG  1 
ATOM   247  C  CD1 . LEU A 1 50  ? -4.724  -33.469 -0.423  1.00 60.98  ? 155 LEU A CD1 1 
ATOM   248  C  CD2 . LEU A 1 50  ? -2.835  -34.155 -1.951  1.00 61.55  ? 155 LEU A CD2 1 
ATOM   249  N  N   . ALA A 1 51  ? -6.969  -36.034 -4.710  1.00 65.44  ? 156 ALA A N   1 
ATOM   250  C  CA  . ALA A 1 51  ? -7.769  -37.176 -5.143  1.00 66.53  ? 156 ALA A CA  1 
ATOM   251  C  C   . ALA A 1 51  ? -7.118  -37.801 -6.381  1.00 69.15  ? 156 ALA A C   1 
ATOM   252  O  O   . ALA A 1 51  ? -7.052  -39.025 -6.521  1.00 70.86  ? 156 ALA A O   1 
ATOM   253  C  CB  . ALA A 1 51  ? -9.210  -36.736 -5.464  1.00 62.29  ? 156 ALA A CB  1 
ATOM   254  N  N   . GLU A 1 52  ? -6.624  -36.954 -7.278  1.00 70.93  ? 157 GLU A N   1 
ATOM   255  C  CA  . GLU A 1 52  ? -6.003  -37.457 -8.488  1.00 72.77  ? 157 GLU A CA  1 
ATOM   256  C  C   . GLU A 1 52  ? -4.754  -38.220 -8.115  1.00 73.03  ? 157 GLU A C   1 
ATOM   257  O  O   . GLU A 1 52  ? -4.467  -39.280 -8.673  1.00 71.43  ? 157 GLU A O   1 
ATOM   258  C  CB  . GLU A 1 52  ? -5.651  -36.315 -9.431  1.00 72.61  ? 157 GLU A CB  1 
ATOM   259  C  CG  . GLU A 1 52  ? -5.190  -36.770 -10.814 1.00 77.03  ? 157 GLU A CG  1 
ATOM   260  C  CD  . GLU A 1 52  ? -6.232  -37.585 -11.588 1.00 79.72  ? 157 GLU A CD  1 
ATOM   261  O  OE1 . GLU A 1 52  ? -7.340  -37.078 -11.893 1.00 78.75  ? 157 GLU A OE1 1 
ATOM   262  O  OE2 . GLU A 1 52  ? -5.926  -38.748 -11.915 1.00 82.18  ? 157 GLU A OE2 1 
ATOM   263  N  N   . LYS A 1 53  ? -4.005  -37.671 -7.167  1.00 74.09  ? 158 LYS A N   1 
ATOM   264  C  CA  . LYS A 1 53  ? -2.781  -38.315 -6.713  1.00 76.24  ? 158 LYS A CA  1 
ATOM   265  C  C   . LYS A 1 53  ? -3.144  -39.678 -6.131  1.00 79.17  ? 158 LYS A C   1 
ATOM   266  O  O   . LYS A 1 53  ? -2.386  -40.635 -6.259  1.00 78.83  ? 158 LYS A O   1 
ATOM   267  C  CB  . LYS A 1 53  ? -2.093  -37.459 -5.651  1.00 73.41  ? 158 LYS A CB  1 
ATOM   268  C  CG  . LYS A 1 53  ? -0.869  -38.114 -5.019  1.00 71.88  ? 158 LYS A CG  1 
ATOM   269  C  CD  . LYS A 1 53  ? -0.300  -37.247 -3.911  1.00 70.37  ? 158 LYS A CD  1 
ATOM   270  C  CE  . LYS A 1 53  ? 0.764   -37.970 -3.110  1.00 69.19  ? 158 LYS A CE  1 
ATOM   271  N  NZ  . LYS A 1 53  ? 1.286   -37.062 -2.058  1.00 70.62  ? 158 LYS A NZ  1 
ATOM   272  N  N   . GLU A 1 54  ? -4.306  -39.755 -5.490  1.00 82.71  ? 159 GLU A N   1 
ATOM   273  C  CA  . GLU A 1 54  ? -4.757  -41.004 -4.909  1.00 86.68  ? 159 GLU A CA  1 
ATOM   274  C  C   . GLU A 1 54  ? -4.946  -42.012 -6.044  1.00 88.26  ? 159 GLU A C   1 
ATOM   275  O  O   . GLU A 1 54  ? -4.342  -43.085 -6.047  1.00 88.61  ? 159 GLU A O   1 
ATOM   276  C  CB  . GLU A 1 54  ? -6.075  -40.793 -4.166  1.00 89.09  ? 159 GLU A CB  1 
ATOM   277  C  CG  . GLU A 1 54  ? -6.550  -42.009 -3.394  1.00 93.56  ? 159 GLU A CG  1 
ATOM   278  C  CD  . GLU A 1 54  ? -6.422  -41.839 -1.900  1.00 97.08  ? 159 GLU A CD  1 
ATOM   279  O  OE1 . GLU A 1 54  ? -5.390  -41.295 -1.440  1.00 98.91  ? 159 GLU A OE1 1 
ATOM   280  O  OE2 . GLU A 1 54  ? -7.352  -42.265 -1.174  1.00 98.82  ? 159 GLU A OE2 1 
ATOM   281  N  N   . ARG A 1 55  ? -5.780  -41.652 -7.015  1.00 89.16  ? 160 ARG A N   1 
ATOM   282  C  CA  . ARG A 1 55  ? -6.043  -42.510 -8.160  1.00 90.51  ? 160 ARG A CA  1 
ATOM   283  C  C   . ARG A 1 55  ? -4.773  -42.929 -8.898  1.00 92.68  ? 160 ARG A C   1 
ATOM   284  O  O   . ARG A 1 55  ? -4.673  -44.052 -9.390  1.00 93.42  ? 160 ARG A O   1 
ATOM   285  C  CB  . ARG A 1 55  ? -6.995  -41.818 -9.133  1.00 89.16  ? 160 ARG A CB  1 
ATOM   286  C  CG  . ARG A 1 55  ? -8.430  -41.786 -8.653  1.00 88.86  ? 160 ARG A CG  1 
ATOM   287  C  CD  . ARG A 1 55  ? -9.363  -41.253 -9.730  1.00 89.48  ? 160 ARG A CD  1 
ATOM   288  N  NE  . ARG A 1 55  ? -9.302  -39.799 -9.847  1.00 91.11  ? 160 ARG A NE  1 
ATOM   289  C  CZ  . ARG A 1 55  ? -9.796  -38.951 -8.949  1.00 90.09  ? 160 ARG A CZ  1 
ATOM   290  N  NH1 . ARG A 1 55  ? -10.398 -39.407 -7.859  1.00 89.81  ? 160 ARG A NH1 1 
ATOM   291  N  NH2 . ARG A 1 55  ? -9.666  -37.645 -9.131  1.00 91.74  ? 160 ARG A NH2 1 
ATOM   292  N  N   . GLU A 1 56  ? -3.802  -42.031 -8.986  1.00 95.32  ? 161 GLU A N   1 
ATOM   293  C  CA  . GLU A 1 56  ? -2.561  -42.365 -9.665  1.00 97.80  ? 161 GLU A CA  1 
ATOM   294  C  C   . GLU A 1 56  ? -1.798  -43.401 -8.846  1.00 99.68  ? 161 GLU A C   1 
ATOM   295  O  O   . GLU A 1 56  ? -1.431  -44.459 -9.358  1.00 99.36  ? 161 GLU A O   1 
ATOM   296  C  CB  . GLU A 1 56  ? -1.691  -41.117 -9.844  1.00 98.78  ? 161 GLU A CB  1 
ATOM   297  C  CG  . GLU A 1 56  ? -0.397  -41.370 -10.606 1.00 98.90  ? 161 GLU A CG  1 
ATOM   298  C  CD  . GLU A 1 56  ? 0.592   -40.225 -10.496 1.00 99.52  ? 161 GLU A CD  1 
ATOM   299  O  OE1 . GLU A 1 56  ? 1.086   -39.956 -9.375  1.00 99.84  ? 161 GLU A OE1 1 
ATOM   300  O  OE2 . GLU A 1 56  ? 0.878   -39.593 -11.536 1.00 99.65  ? 161 GLU A OE2 1 
ATOM   301  N  N   . LEU A 1 57  ? -1.568  -43.087 -7.572  1.00 102.75 ? 162 LEU A N   1 
ATOM   302  C  CA  . LEU A 1 57  ? -0.842  -43.971 -6.660  1.00 105.56 ? 162 LEU A CA  1 
ATOM   303  C  C   . LEU A 1 57  ? -1.708  -45.140 -6.227  1.00 107.33 ? 162 LEU A C   1 
ATOM   304  O  O   . LEU A 1 57  ? -1.541  -45.688 -5.136  1.00 107.54 ? 162 LEU A O   1 
ATOM   305  C  CB  . LEU A 1 57  ? -0.366  -43.199 -5.424  1.00 106.37 ? 162 LEU A CB  1 
ATOM   306  C  CG  . LEU A 1 57  ? 0.616   -42.044 -5.670  1.00 107.22 ? 162 LEU A CG  1 
ATOM   307  C  CD1 . LEU A 1 57  ? 0.928   -41.340 -4.359  1.00 107.95 ? 162 LEU A CD1 1 
ATOM   308  C  CD2 . LEU A 1 57  ? 1.894   -42.576 -6.305  1.00 107.76 ? 162 LEU A CD2 1 
ATOM   309  N  N   . ASP A 1 58  ? -2.645  -45.507 -7.094  1.00 109.37 ? 163 ASP A N   1 
ATOM   310  C  CA  . ASP A 1 58  ? -3.546  -46.619 -6.838  1.00 110.73 ? 163 ASP A CA  1 
ATOM   311  C  C   . ASP A 1 58  ? -3.368  -47.653 -7.935  1.00 111.21 ? 163 ASP A C   1 
ATOM   312  O  O   . ASP A 1 58  ? -3.978  -48.718 -7.891  1.00 111.73 ? 163 ASP A O   1 
ATOM   313  C  CB  . ASP A 1 58  ? -4.999  -46.137 -6.816  1.00 111.75 ? 163 ASP A CB  1 
ATOM   314  C  CG  . ASP A 1 58  ? -5.634  -46.263 -5.444  1.00 112.30 ? 163 ASP A CG  1 
ATOM   315  O  OD1 . ASP A 1 58  ? -5.024  -45.801 -4.453  1.00 112.72 ? 163 ASP A OD1 1 
ATOM   316  O  OD2 . ASP A 1 58  ? -6.746  -46.820 -5.357  1.00 112.70 ? 163 ASP A OD2 1 
ATOM   317  N  N   . ASP A 1 59  ? -2.537  -47.329 -8.923  1.00 111.31 ? 164 ASP A N   1 
ATOM   318  C  CA  . ASP A 1 59  ? -2.272  -48.240 -10.034 1.00 111.71 ? 164 ASP A CA  1 
ATOM   319  C  C   . ASP A 1 59  ? -0.795  -48.613 -10.070 1.00 110.72 ? 164 ASP A C   1 
ATOM   320  O  O   . ASP A 1 59  ? -0.178  -48.831 -9.030  1.00 109.74 ? 164 ASP A O   1 
ATOM   321  C  CB  . ASP A 1 59  ? -2.676  -47.604 -11.374 1.00 113.30 ? 164 ASP A CB  1 
ATOM   322  C  CG  . ASP A 1 59  ? -4.181  -47.380 -11.497 1.00 114.86 ? 164 ASP A CG  1 
ATOM   323  O  OD1 . ASP A 1 59  ? -4.966  -48.318 -11.228 1.00 115.67 ? 164 ASP A OD1 1 
ATOM   324  O  OD2 . ASP A 1 59  ? -4.583  -46.262 -11.879 1.00 115.86 ? 164 ASP A OD2 1 
ATOM   325  N  N   . SER A 1 78  ? 5.624   -37.574 -6.284  1.00 88.55  ? 183 SER A N   1 
ATOM   326  C  CA  . SER A 1 78  ? 4.785   -37.532 -7.472  1.00 87.19  ? 183 SER A CA  1 
ATOM   327  C  C   . SER A 1 78  ? 4.779   -36.144 -8.103  1.00 88.21  ? 183 SER A C   1 
ATOM   328  O  O   . SER A 1 78  ? 5.069   -35.145 -7.439  1.00 89.90  ? 183 SER A O   1 
ATOM   329  C  CB  . SER A 1 78  ? 3.350   -37.941 -7.116  1.00 87.18  ? 183 SER A CB  1 
ATOM   330  O  OG  . SER A 1 78  ? 2.470   -37.826 -8.228  1.00 84.40  ? 183 SER A OG  1 
ATOM   331  N  N   . LYS A 1 79  ? 4.451   -36.091 -9.391  1.00 87.35  ? 184 LYS A N   1 
ATOM   332  C  CA  . LYS A 1 79  ? 4.385   -34.827 -10.112 1.00 86.00  ? 184 LYS A CA  1 
ATOM   333  C  C   . LYS A 1 79  ? 3.236   -33.991 -9.525  1.00 84.89  ? 184 LYS A C   1 
ATOM   334  O  O   . LYS A 1 79  ? 3.280   -32.763 -9.547  1.00 84.81  ? 184 LYS A O   1 
ATOM   335  C  CB  . LYS A 1 79  ? 4.146   -35.081 -11.606 1.00 85.77  ? 184 LYS A CB  1 
ATOM   336  C  CG  . LYS A 1 79  ? 2.786   -35.696 -11.920 1.00 87.50  ? 184 LYS A CG  1 
ATOM   337  C  CD  . LYS A 1 79  ? 2.420   -35.555 -13.398 1.00 87.97  ? 184 LYS A CD  1 
ATOM   338  C  CE  . LYS A 1 79  ? 0.954   -35.910 -13.674 1.00 87.19  ? 184 LYS A CE  1 
ATOM   339  N  NZ  . LYS A 1 79  ? 0.529   -35.541 -15.061 1.00 86.01  ? 184 LYS A NZ  1 
ATOM   340  N  N   . HIS A 1 80  ? 2.214   -34.661 -8.997  1.00 83.43  ? 185 HIS A N   1 
ATOM   341  C  CA  . HIS A 1 80  ? 1.077   -33.970 -8.400  1.00 81.78  ? 185 HIS A CA  1 
ATOM   342  C  C   . HIS A 1 80  ? 1.498   -33.081 -7.238  1.00 81.45  ? 185 HIS A C   1 
ATOM   343  O  O   . HIS A 1 80  ? 1.057   -31.937 -7.119  1.00 82.22  ? 185 HIS A O   1 
ATOM   344  C  CB  . HIS A 1 80  ? 0.040   -34.972 -7.906  1.00 80.52  ? 185 HIS A CB  1 
ATOM   345  C  CG  . HIS A 1 80  ? -0.653  -35.712 -9.008  1.00 81.60  ? 185 HIS A CG  1 
ATOM   346  N  ND1 . HIS A 1 80  ? -0.248  -36.956 -9.441  1.00 82.26  ? 185 HIS A ND1 1 
ATOM   347  C  CD2 . HIS A 1 80  ? -1.714  -35.369 -9.775  1.00 80.52  ? 185 HIS A CD2 1 
ATOM   348  C  CE1 . HIS A 1 80  ? -1.034  -37.347 -10.431 1.00 82.24  ? 185 HIS A CE1 1 
ATOM   349  N  NE2 . HIS A 1 80  ? -1.931  -36.402 -10.653 1.00 81.71  ? 185 HIS A NE2 1 
ATOM   350  N  N   . ASP A 1 81  ? 2.359   -33.603 -6.376  1.00 80.96  ? 186 ASP A N   1 
ATOM   351  C  CA  . ASP A 1 81  ? 2.821   -32.843 -5.226  1.00 80.11  ? 186 ASP A CA  1 
ATOM   352  C  C   . ASP A 1 81  ? 3.388   -31.488 -5.625  1.00 78.62  ? 186 ASP A C   1 
ATOM   353  O  O   . ASP A 1 81  ? 3.377   -30.540 -4.832  1.00 79.25  ? 186 ASP A O   1 
ATOM   354  C  CB  . ASP A 1 81  ? 3.867   -33.651 -4.457  1.00 82.56  ? 186 ASP A CB  1 
ATOM   355  C  CG  . ASP A 1 81  ? 3.248   -34.778 -3.644  1.00 84.57  ? 186 ASP A CG  1 
ATOM   356  O  OD1 . ASP A 1 81  ? 2.535   -35.630 -4.216  1.00 84.36  ? 186 ASP A OD1 1 
ATOM   357  O  OD2 . ASP A 1 81  ? 3.478   -34.811 -2.419  1.00 87.53  ? 186 ASP A OD2 1 
ATOM   358  N  N   . LYS A 1 82  ? 3.875   -31.394 -6.859  1.00 76.78  ? 187 LYS A N   1 
ATOM   359  C  CA  . LYS A 1 82  ? 4.460   -30.153 -7.359  1.00 74.06  ? 187 LYS A CA  1 
ATOM   360  C  C   . LYS A 1 82  ? 3.339   -29.219 -7.794  1.00 71.16  ? 187 LYS A C   1 
ATOM   361  O  O   . LYS A 1 82  ? 3.420   -28.003 -7.600  1.00 69.49  ? 187 LYS A O   1 
ATOM   362  C  CB  . LYS A 1 82  ? 5.399   -30.449 -8.532  1.00 77.16  ? 187 LYS A CB  1 
ATOM   363  C  CG  . LYS A 1 82  ? 6.742   -29.716 -8.459  1.00 80.84  ? 187 LYS A CG  1 
ATOM   364  C  CD  . LYS A 1 82  ? 6.581   -28.204 -8.570  1.00 84.73  ? 187 LYS A CD  1 
ATOM   365  C  CE  . LYS A 1 82  ? 7.906   -27.486 -8.343  1.00 87.48  ? 187 LYS A CE  1 
ATOM   366  N  NZ  . LYS A 1 82  ? 7.773   -26.008 -8.479  1.00 88.68  ? 187 LYS A NZ  1 
ATOM   367  N  N   . TYR A 1 83  ? 2.286   -29.789 -8.374  1.00 67.67  ? 188 TYR A N   1 
ATOM   368  C  CA  . TYR A 1 83  ? 1.154   -28.989 -8.816  1.00 64.93  ? 188 TYR A CA  1 
ATOM   369  C  C   . TYR A 1 83  ? 0.460   -28.374 -7.617  1.00 63.35  ? 188 TYR A C   1 
ATOM   370  O  O   . TYR A 1 83  ? -0.129  -27.298 -7.716  1.00 61.69  ? 188 TYR A O   1 
ATOM   371  C  CB  . TYR A 1 83  ? 0.136   -29.843 -9.593  1.00 66.78  ? 188 TYR A CB  1 
ATOM   372  C  CG  . TYR A 1 83  ? 0.531   -30.178 -11.021 1.00 67.97  ? 188 TYR A CG  1 
ATOM   373  C  CD1 . TYR A 1 83  ? 1.215   -31.358 -11.321 1.00 70.66  ? 188 TYR A CD1 1 
ATOM   374  C  CD2 . TYR A 1 83  ? 0.244   -29.302 -12.067 1.00 67.54  ? 188 TYR A CD2 1 
ATOM   375  C  CE1 . TYR A 1 83  ? 1.609   -31.656 -12.640 1.00 72.31  ? 188 TYR A CE1 1 
ATOM   376  C  CE2 . TYR A 1 83  ? 0.633   -29.588 -13.385 1.00 69.82  ? 188 TYR A CE2 1 
ATOM   377  C  CZ  . TYR A 1 83  ? 1.309   -30.757 -13.666 1.00 72.39  ? 188 TYR A CZ  1 
ATOM   378  O  OH  . TYR A 1 83  ? 1.692   -31.032 -14.967 1.00 73.84  ? 188 TYR A OH  1 
ATOM   379  N  N   . LEU A 1 84  ? 0.533   -29.063 -6.482  1.00 60.71  ? 189 LEU A N   1 
ATOM   380  C  CA  . LEU A 1 84  ? -0.115  -28.600 -5.258  1.00 58.92  ? 189 LEU A CA  1 
ATOM   381  C  C   . LEU A 1 84  ? 0.650   -27.424 -4.677  1.00 61.02  ? 189 LEU A C   1 
ATOM   382  O  O   . LEU A 1 84  ? 0.054   -26.440 -4.254  1.00 61.98  ? 189 LEU A O   1 
ATOM   383  C  CB  . LEU A 1 84  ? -0.193  -29.746 -4.264  1.00 56.00  ? 189 LEU A CB  1 
ATOM   384  C  CG  . LEU A 1 84  ? -1.272  -29.642 -3.188  1.00 53.72  ? 189 LEU A CG  1 
ATOM   385  C  CD1 . LEU A 1 84  ? -2.665  -29.442 -3.787  1.00 52.61  ? 189 LEU A CD1 1 
ATOM   386  C  CD2 . LEU A 1 84  ? -1.205  -30.922 -2.396  1.00 52.13  ? 189 LEU A CD2 1 
ATOM   387  N  N   . MET A 1 85  ? 1.972   -27.532 -4.656  1.00 63.94  ? 190 MET A N   1 
ATOM   388  C  CA  . MET A 1 85  ? 2.805   -26.448 -4.167  1.00 65.62  ? 190 MET A CA  1 
ATOM   389  C  C   . MET A 1 85  ? 2.549   -25.162 -4.967  1.00 64.64  ? 190 MET A C   1 
ATOM   390  O  O   . MET A 1 85  ? 2.240   -24.125 -4.387  1.00 64.23  ? 190 MET A O   1 
ATOM   391  C  CB  . MET A 1 85  ? 4.275   -26.819 -4.301  1.00 71.64  ? 190 MET A CB  1 
ATOM   392  C  CG  . MET A 1 85  ? 4.785   -27.750 -3.230  1.00 79.85  ? 190 MET A CG  1 
ATOM   393  S  SD  . MET A 1 85  ? 6.450   -28.328 -3.625  1.00 89.49  ? 190 MET A SD  1 
ATOM   394  C  CE  . MET A 1 85  ? 7.280   -26.770 -3.970  1.00 88.10  ? 190 MET A CE  1 
ATOM   395  N  N   . ASP A 1 86  ? 2.697   -25.233 -6.294  1.00 63.18  ? 191 ASP A N   1 
ATOM   396  C  CA  . ASP A 1 86  ? 2.495   -24.072 -7.171  1.00 61.71  ? 191 ASP A CA  1 
ATOM   397  C  C   . ASP A 1 86  ? 1.066   -23.551 -7.040  1.00 61.48  ? 191 ASP A C   1 
ATOM   398  O  O   . ASP A 1 86  ? 0.817   -22.341 -7.057  1.00 60.77  ? 191 ASP A O   1 
ATOM   399  C  CB  . ASP A 1 86  ? 2.772   -24.438 -8.639  1.00 61.87  ? 191 ASP A CB  1 
ATOM   400  C  CG  . ASP A 1 86  ? 4.200   -24.913 -8.867  1.00 64.78  ? 191 ASP A CG  1 
ATOM   401  O  OD1 . ASP A 1 86  ? 4.548   -25.275 -10.018 1.00 65.88  ? 191 ASP A OD1 1 
ATOM   402  O  OD2 . ASP A 1 86  ? 4.982   -24.928 -7.893  1.00 65.82  ? 191 ASP A OD2 1 
ATOM   403  N  N   . MET A 1 87  ? 0.120   -24.472 -6.916  1.00 60.59  ? 192 MET A N   1 
ATOM   404  C  CA  . MET A 1 87  ? -1.265  -24.081 -6.774  1.00 59.01  ? 192 MET A CA  1 
ATOM   405  C  C   . MET A 1 87  ? -1.408  -23.311 -5.457  1.00 59.22  ? 192 MET A C   1 
ATOM   406  O  O   . MET A 1 87  ? -2.090  -22.288 -5.405  1.00 57.53  ? 192 MET A O   1 
ATOM   407  C  CB  . MET A 1 87  ? -2.149  -25.322 -6.785  1.00 57.42  ? 192 MET A CB  1 
ATOM   408  C  CG  . MET A 1 87  ? -3.628  -25.042 -6.978  1.00 58.61  ? 192 MET A CG  1 
ATOM   409  S  SD  . MET A 1 87  ? -4.470  -24.324 -5.556  1.00 59.06  ? 192 MET A SD  1 
ATOM   410  C  CE  . MET A 1 87  ? -4.804  -25.799 -4.567  1.00 57.23  ? 192 MET A CE  1 
ATOM   411  N  N   . ASP A 1 88  ? -0.756  -23.781 -4.394  1.00 57.92  ? 193 ASP A N   1 
ATOM   412  C  CA  . ASP A 1 88  ? -0.867  -23.082 -3.115  1.00 59.06  ? 193 ASP A CA  1 
ATOM   413  C  C   . ASP A 1 88  ? -0.191  -21.712 -3.228  1.00 60.45  ? 193 ASP A C   1 
ATOM   414  O  O   . ASP A 1 88  ? -0.767  -20.678 -2.880  1.00 59.19  ? 193 ASP A O   1 
ATOM   415  C  CB  . ASP A 1 88  ? -0.213  -23.874 -1.978  1.00 56.02  ? 193 ASP A CB  1 
ATOM   416  C  CG  . ASP A 1 88  ? -0.957  -25.151 -1.634  1.00 56.26  ? 193 ASP A CG  1 
ATOM   417  O  OD1 . ASP A 1 88  ? -2.219  -25.174 -1.608  1.00 53.20  ? 193 ASP A OD1 1 
ATOM   418  O  OD2 . ASP A 1 88  ? -0.255  -26.152 -1.360  1.00 56.81  ? 193 ASP A OD2 1 
ATOM   419  N  N   . GLU A 1 89  ? 1.040   -21.734 -3.728  1.00 62.60  ? 194 GLU A N   1 
ATOM   420  C  CA  . GLU A 1 89  ? 1.841   -20.544 -3.911  1.00 63.92  ? 194 GLU A CA  1 
ATOM   421  C  C   . GLU A 1 89  ? 1.055   -19.504 -4.680  1.00 63.58  ? 194 GLU A C   1 
ATOM   422  O  O   . GLU A 1 89  ? 1.157   -18.312 -4.410  1.00 64.47  ? 194 GLU A O   1 
ATOM   423  C  CB  . GLU A 1 89  ? 3.109   -20.890 -4.680  1.00 67.64  ? 194 GLU A CB  1 
ATOM   424  C  CG  . GLU A 1 89  ? 4.139   -19.779 -4.738  1.00 74.42  ? 194 GLU A CG  1 
ATOM   425  C  CD  . GLU A 1 89  ? 4.591   -19.343 -3.368  1.00 79.78  ? 194 GLU A CD  1 
ATOM   426  O  OE1 . GLU A 1 89  ? 4.917   -20.224 -2.535  1.00 81.25  ? 194 GLU A OE1 1 
ATOM   427  O  OE2 . GLU A 1 89  ? 4.640   -18.114 -3.122  1.00 83.19  ? 194 GLU A OE2 1 
ATOM   428  N  N   . LEU A 1 90  ? 0.266   -19.953 -5.644  1.00 62.91  ? 195 LEU A N   1 
ATOM   429  C  CA  . LEU A 1 90  ? -0.524  -19.036 -6.440  1.00 62.02  ? 195 LEU A CA  1 
ATOM   430  C  C   . LEU A 1 90  ? -1.474  -18.282 -5.536  1.00 63.15  ? 195 LEU A C   1 
ATOM   431  O  O   . LEU A 1 90  ? -1.566  -17.054 -5.610  1.00 65.63  ? 195 LEU A O   1 
ATOM   432  C  CB  . LEU A 1 90  ? -1.301  -19.803 -7.500  1.00 61.80  ? 195 LEU A CB  1 
ATOM   433  C  CG  . LEU A 1 90  ? -1.712  -19.063 -8.769  1.00 62.91  ? 195 LEU A CG  1 
ATOM   434  C  CD1 . LEU A 1 90  ? -2.404  -20.026 -9.684  1.00 61.62  ? 195 LEU A CD1 1 
ATOM   435  C  CD2 . LEU A 1 90  ? -2.640  -17.934 -8.445  1.00 63.05  ? 195 LEU A CD2 1 
ATOM   436  N  N   . PHE A 1 91  ? -2.192  -18.998 -4.675  1.00 62.86  ? 196 PHE A N   1 
ATOM   437  C  CA  . PHE A 1 91  ? -3.121  -18.319 -3.770  1.00 60.37  ? 196 PHE A CA  1 
ATOM   438  C  C   . PHE A 1 91  ? -2.383  -17.648 -2.619  1.00 62.41  ? 196 PHE A C   1 
ATOM   439  O  O   . PHE A 1 91  ? -2.840  -16.633 -2.099  1.00 62.53  ? 196 PHE A O   1 
ATOM   440  C  CB  . PHE A 1 91  ? -4.148  -19.296 -3.211  1.00 56.18  ? 196 PHE A CB  1 
ATOM   441  C  CG  . PHE A 1 91  ? -5.174  -19.722 -4.210  1.00 51.71  ? 196 PHE A CG  1 
ATOM   442  C  CD1 . PHE A 1 91  ? -4.864  -20.661 -5.178  1.00 51.67  ? 196 PHE A CD1 1 
ATOM   443  C  CD2 . PHE A 1 91  ? -6.460  -19.204 -4.167  1.00 51.62  ? 196 PHE A CD2 1 
ATOM   444  C  CE1 . PHE A 1 91  ? -5.820  -21.084 -6.089  1.00 51.12  ? 196 PHE A CE1 1 
ATOM   445  C  CE2 . PHE A 1 91  ? -7.423  -19.624 -5.076  1.00 51.91  ? 196 PHE A CE2 1 
ATOM   446  C  CZ  . PHE A 1 91  ? -7.103  -20.566 -6.033  1.00 50.53  ? 196 PHE A CZ  1 
ATOM   447  N  N   . SER A 1 92  ? -1.252  -18.225 -2.230  1.00 63.25  ? 197 SER A N   1 
ATOM   448  C  CA  . SER A 1 92  ? -0.434  -17.690 -1.159  1.00 66.56  ? 197 SER A CA  1 
ATOM   449  C  C   . SER A 1 92  ? 0.134   -16.319 -1.562  1.00 69.77  ? 197 SER A C   1 
ATOM   450  O  O   . SER A 1 92  ? 0.196   -15.393 -0.747  1.00 70.40  ? 197 SER A O   1 
ATOM   451  C  CB  . SER A 1 92  ? 0.707   -18.664 -0.854  1.00 67.49  ? 197 SER A CB  1 
ATOM   452  O  OG  . SER A 1 92  ? 1.444   -18.266 0.290   1.00 71.07  ? 197 SER A OG  1 
ATOM   453  N  N   . GLN A 1 93  ? 0.542   -16.195 -2.825  1.00 73.30  ? 198 GLN A N   1 
ATOM   454  C  CA  . GLN A 1 93  ? 1.080   -14.945 -3.350  1.00 76.71  ? 198 GLN A CA  1 
ATOM   455  C  C   . GLN A 1 93  ? -0.019  -13.895 -3.418  1.00 79.23  ? 198 GLN A C   1 
ATOM   456  O  O   . GLN A 1 93  ? 0.172   -12.760 -2.979  1.00 80.18  ? 198 GLN A O   1 
ATOM   457  C  CB  . GLN A 1 93  ? 1.665   -15.143 -4.758  1.00 77.77  ? 198 GLN A CB  1 
ATOM   458  C  CG  . GLN A 1 93  ? 2.905   -16.031 -4.795  1.00 82.19  ? 198 GLN A CG  1 
ATOM   459  C  CD  . GLN A 1 93  ? 3.381   -16.347 -6.208  1.00 84.84  ? 198 GLN A CD  1 
ATOM   460  O  OE1 . GLN A 1 93  ? 2.574   -16.548 -7.120  1.00 85.88  ? 198 GLN A OE1 1 
ATOM   461  N  NE2 . GLN A 1 93  ? 4.696   -16.423 -6.387  1.00 85.89  ? 198 GLN A NE2 1 
ATOM   462  N  N   . VAL A 1 94  ? -1.177  -14.259 -3.957  1.00 81.29  ? 199 VAL A N   1 
ATOM   463  C  CA  . VAL A 1 94  ? -2.261  -13.290 -4.060  1.00 84.82  ? 199 VAL A CA  1 
ATOM   464  C  C   . VAL A 1 94  ? -2.784  -12.954 -2.676  1.00 87.94  ? 199 VAL A C   1 
ATOM   465  O  O   . VAL A 1 94  ? -3.825  -12.316 -2.532  1.00 87.77  ? 199 VAL A O   1 
ATOM   466  C  CB  . VAL A 1 94  ? -3.429  -13.808 -4.929  1.00 84.22  ? 199 VAL A CB  1 
ATOM   467  C  CG1 . VAL A 1 94  ? -2.930  -14.174 -6.317  1.00 84.45  ? 199 VAL A CG1 1 
ATOM   468  C  CG2 . VAL A 1 94  ? -4.086  -14.991 -4.266  1.00 85.61  ? 199 VAL A CG2 1 
ATOM   469  N  N   . ASP A 1 95  ? -2.041  -13.386 -1.661  1.00 92.00  ? 200 ASP A N   1 
ATOM   470  C  CA  . ASP A 1 95  ? -2.401  -13.143 -0.269  1.00 95.90  ? 200 ASP A CA  1 
ATOM   471  C  C   . ASP A 1 95  ? -1.241  -12.427 0.417   1.00 98.38  ? 200 ASP A C   1 
ATOM   472  O  O   . ASP A 1 95  ? -1.437  -11.712 1.400   1.00 97.54  ? 200 ASP A O   1 
ATOM   473  C  CB  . ASP A 1 95  ? -2.699  -14.472 0.432   1.00 96.91  ? 200 ASP A CB  1 
ATOM   474  C  CG  . ASP A 1 95  ? -3.445  -14.291 1.738   1.00 99.30  ? 200 ASP A CG  1 
ATOM   475  O  OD1 . ASP A 1 95  ? -4.579  -13.750 1.713   1.00 101.31 ? 200 ASP A OD1 1 
ATOM   476  O  OD2 . ASP A 1 95  ? -2.906  -14.695 2.790   1.00 98.36  ? 200 ASP A OD2 1 
ATOM   477  N  N   . GLU A 1 96  ? -0.033  -12.634 -0.106  1.00 101.72 ? 201 GLU A N   1 
ATOM   478  C  CA  . GLU A 1 96  ? 1.166   -11.990 0.426   1.00 105.04 ? 201 GLU A CA  1 
ATOM   479  C  C   . GLU A 1 96  ? 1.066   -10.493 0.162   1.00 106.24 ? 201 GLU A C   1 
ATOM   480  O  O   . GLU A 1 96  ? 1.426   -9.680  1.011   1.00 106.35 ? 201 GLU A O   1 
ATOM   481  C  CB  . GLU A 1 96  ? 2.417   -12.526 -0.268  1.00 106.96 ? 201 GLU A CB  1 
ATOM   482  C  CG  . GLU A 1 96  ? 2.688   -13.987 -0.027  1.00 110.60 ? 201 GLU A CG  1 
ATOM   483  C  CD  . GLU A 1 96  ? 3.039   -14.278 1.411   1.00 112.52 ? 201 GLU A CD  1 
ATOM   484  O  OE1 . GLU A 1 96  ? 2.197   -14.022 2.300   1.00 113.89 ? 201 GLU A OE1 1 
ATOM   485  O  OE2 . GLU A 1 96  ? 4.162   -14.764 1.651   1.00 113.74 ? 201 GLU A OE2 1 
ATOM   486  N  N   . LYS A 1 97  ? 0.589   -10.142 -1.030  1.00 107.22 ? 202 LYS A N   1 
ATOM   487  C  CA  . LYS A 1 97  ? 0.426   -8.747  -1.421  1.00 108.27 ? 202 LYS A CA  1 
ATOM   488  C  C   . LYS A 1 97  ? -0.801  -8.156  -0.715  1.00 108.04 ? 202 LYS A C   1 
ATOM   489  O  O   . LYS A 1 97  ? -0.958  -6.936  -0.617  1.00 108.19 ? 202 LYS A O   1 
ATOM   490  C  CB  . LYS A 1 97  ? 0.278   -8.641  -2.947  1.00 109.38 ? 202 LYS A CB  1 
ATOM   491  C  CG  . LYS A 1 97  ? 0.367   -7.217  -3.496  1.00 110.63 ? 202 LYS A CG  1 
ATOM   492  C  CD  . LYS A 1 97  ? 0.330   -7.199  -5.023  1.00 111.17 ? 202 LYS A CD  1 
ATOM   493  C  CE  . LYS A 1 97  ? 0.480   -5.789  -5.590  1.00 111.52 ? 202 LYS A CE  1 
ATOM   494  N  NZ  . LYS A 1 97  ? 0.427   -5.781  -7.084  1.00 110.76 ? 202 LYS A NZ  1 
ATOM   495  N  N   . ARG A 1 98  ? -1.666  -9.032  -0.214  1.00 107.45 ? 203 ARG A N   1 
ATOM   496  C  CA  . ARG A 1 98  ? -2.867  -8.602  0.492   1.00 107.04 ? 203 ARG A CA  1 
ATOM   497  C  C   . ARG A 1 98  ? -2.464  -8.134  1.886   1.00 107.43 ? 203 ARG A C   1 
ATOM   498  O  O   . ARG A 1 98  ? -3.239  -7.484  2.587   1.00 106.88 ? 203 ARG A O   1 
ATOM   499  C  CB  . ARG A 1 98  ? -3.863  -9.755  0.573   1.00 106.32 ? 203 ARG A CB  1 
ATOM   500  C  CG  . ARG A 1 98  ? -5.153  -9.433  1.292   1.00 105.10 ? 203 ARG A CG  1 
ATOM   501  C  CD  . ARG A 1 98  ? -6.192  -10.478 0.938   1.00 104.73 ? 203 ARG A CD  1 
ATOM   502  N  NE  . ARG A 1 98  ? -6.708  -10.281 -0.410  1.00 104.14 ? 203 ARG A NE  1 
ATOM   503  C  CZ  . ARG A 1 98  ? -7.264  -11.238 -1.147  1.00 105.02 ? 203 ARG A CZ  1 
ATOM   504  N  NH1 . ARG A 1 98  ? -7.368  -12.470 -0.669  1.00 104.90 ? 203 ARG A NH1 1 
ATOM   505  N  NH2 . ARG A 1 98  ? -7.736  -10.958 -2.356  1.00 105.19 ? 203 ARG A NH2 1 
ATOM   506  N  N   . LYS A 1 99  ? -1.239  -8.479  2.276   1.00 107.95 ? 204 LYS A N   1 
ATOM   507  C  CA  . LYS A 1 99  ? -0.694  -8.063  3.560   1.00 108.39 ? 204 LYS A CA  1 
ATOM   508  C  C   . LYS A 1 99  ? -0.771  -6.538  3.560   1.00 108.57 ? 204 LYS A C   1 
ATOM   509  O  O   . LYS A 1 99  ? -0.936  -5.902  4.604   1.00 108.81 ? 204 LYS A O   1 
ATOM   510  C  CB  . LYS A 1 99  ? 0.763   -8.513  3.678   1.00 108.84 ? 204 LYS A CB  1 
ATOM   511  C  CG  . LYS A 1 99  ? 1.505   -7.970  4.891   1.00 108.85 ? 204 LYS A CG  1 
ATOM   512  C  CD  . LYS A 1 99  ? 2.957   -8.432  4.875   1.00 109.80 ? 204 LYS A CD  1 
ATOM   513  C  CE  . LYS A 1 99  ? 3.708   -8.063  6.153   1.00 110.38 ? 204 LYS A CE  1 
ATOM   514  N  NZ  . LYS A 1 99  ? 5.053   -8.717  6.238   1.00 109.06 ? 204 LYS A NZ  1 
ATOM   515  N  N   . LYS A 1 100 ? -0.649  -5.976  2.357   1.00 108.21 ? 205 LYS A N   1 
ATOM   516  C  CA  . LYS A 1 100 ? -0.708  -4.538  2.114   1.00 107.43 ? 205 LYS A CA  1 
ATOM   517  C  C   . LYS A 1 100 ? -0.134  -3.735  3.266   1.00 108.07 ? 205 LYS A C   1 
ATOM   518  O  O   . LYS A 1 100 ? 0.920   -4.075  3.802   1.00 108.62 ? 205 LYS A O   1 
ATOM   519  C  CB  . LYS A 1 100 ? -2.160  -4.133  1.854   1.00 105.59 ? 205 LYS A CB  1 
ATOM   520  C  CG  . LYS A 1 100 ? -2.791  -4.950  0.753   1.00 103.82 ? 205 LYS A CG  1 
ATOM   521  C  CD  . LYS A 1 100 ? -4.282  -4.758  0.675   1.00 103.16 ? 205 LYS A CD  1 
ATOM   522  C  CE  . LYS A 1 100 ? -4.865  -5.723  -0.335  1.00 103.04 ? 205 LYS A CE  1 
ATOM   523  N  NZ  . LYS A 1 100 ? -4.198  -5.581  -1.657  1.00 102.36 ? 205 LYS A NZ  1 
ATOM   524  N  N   . ARG A 1 101 ? -0.837  -2.668  3.642   1.00 108.23 ? 206 ARG A N   1 
ATOM   525  C  CA  . ARG A 1 101 ? -0.413  -1.797  4.740   1.00 106.96 ? 206 ARG A CA  1 
ATOM   526  C  C   . ARG A 1 101 ? 0.953   -1.194  4.419   1.00 103.49 ? 206 ARG A C   1 
ATOM   527  O  O   . ARG A 1 101 ? 1.512   -0.421  5.201   1.00 104.06 ? 206 ARG A O   1 
ATOM   528  C  CB  . ARG A 1 101 ? -0.345  -2.600  6.047   1.00 110.13 ? 206 ARG A CB  1 
ATOM   529  C  CG  . ARG A 1 101 ? -1.678  -3.194  6.494   1.00 112.76 ? 206 ARG A CG  1 
ATOM   530  C  CD  . ARG A 1 101 ? -1.513  -4.065  7.732   1.00 115.61 ? 206 ARG A CD  1 
ATOM   531  N  NE  . ARG A 1 101 ? -2.801  -4.516  8.254   1.00 117.77 ? 206 ARG A NE  1 
ATOM   532  C  CZ  . ARG A 1 101 ? -3.728  -3.708  8.762   1.00 118.55 ? 206 ARG A CZ  1 
ATOM   533  N  NH1 . ARG A 1 101 ? -3.516  -2.399  8.822   1.00 118.59 ? 206 ARG A NH1 1 
ATOM   534  N  NH2 . ARG A 1 101 ? -4.870  -4.209  9.208   1.00 119.19 ? 206 ARG A NH2 1 
ATOM   535  N  N   . GLU A 1 102 ? 1.470   -1.548  3.248   1.00 98.12  ? 207 GLU A N   1 
ATOM   536  C  CA  . GLU A 1 102 ? 2.759   -1.060  2.809   1.00 93.20  ? 207 GLU A CA  1 
ATOM   537  C  C   . GLU A 1 102 ? 2.663   0.301   2.147   1.00 88.49  ? 207 GLU A C   1 
ATOM   538  O  O   . GLU A 1 102 ? 2.739   0.410   0.925   1.00 88.34  ? 207 GLU A O   1 
ATOM   539  C  CB  . GLU A 1 102 ? 3.411   -2.051  1.839   1.00 95.94  ? 207 GLU A CB  1 
ATOM   540  C  CG  . GLU A 1 102 ? 4.452   -2.971  2.478   1.00 100.09 ? 207 GLU A CG  1 
ATOM   541  C  CD  . GLU A 1 102 ? 5.638   -2.215  3.065   1.00 101.51 ? 207 GLU A CD  1 
ATOM   542  O  OE1 . GLU A 1 102 ? 6.308   -1.467  2.318   1.00 102.70 ? 207 GLU A OE1 1 
ATOM   543  O  OE2 . GLU A 1 102 ? 5.908   -2.372  4.275   1.00 103.01 ? 207 GLU A OE2 1 
ATOM   544  N  N   . ILE A 1 103 ? 2.481   1.340   2.954   1.00 82.28  ? 208 ILE A N   1 
ATOM   545  C  CA  . ILE A 1 103 ? 2.415   2.693   2.420   1.00 76.79  ? 208 ILE A CA  1 
ATOM   546  C  C   . ILE A 1 103 ? 3.828   3.176   2.114   1.00 72.70  ? 208 ILE A C   1 
ATOM   547  O  O   . ILE A 1 103 ? 4.622   3.439   3.018   1.00 72.33  ? 208 ILE A O   1 
ATOM   548  C  CB  . ILE A 1 103 ? 1.770   3.673   3.420   1.00 76.96  ? 208 ILE A CB  1 
ATOM   549  C  CG1 . ILE A 1 103 ? 0.307   3.301   3.638   1.00 76.33  ? 208 ILE A CG1 1 
ATOM   550  C  CG2 . ILE A 1 103 ? 1.866   5.109   2.890   1.00 75.58  ? 208 ILE A CG2 1 
ATOM   551  C  CD1 . ILE A 1 103 ? -0.430  4.282   4.520   1.00 76.86  ? 208 ILE A CD1 1 
ATOM   552  N  N   . PRO A 1 104 ? 4.162   3.304   0.827   1.00 69.51  ? 209 PRO A N   1 
ATOM   553  C  CA  . PRO A 1 104 ? 5.504   3.763   0.454   1.00 68.59  ? 209 PRO A CA  1 
ATOM   554  C  C   . PRO A 1 104 ? 5.996   4.948   1.307   1.00 67.78  ? 209 PRO A C   1 
ATOM   555  O  O   . PRO A 1 104 ? 5.300   5.943   1.466   1.00 66.62  ? 209 PRO A O   1 
ATOM   556  C  CB  . PRO A 1 104 ? 5.345   4.160   -1.012  1.00 68.87  ? 209 PRO A CB  1 
ATOM   557  C  CG  . PRO A 1 104 ? 4.218   3.316   -1.503  1.00 65.65  ? 209 PRO A CG  1 
ATOM   558  C  CD  . PRO A 1 104 ? 3.296   3.094   -0.345  1.00 67.34  ? 209 PRO A CD  1 
ATOM   559  N  N   . ASP A 1 105 ? 7.209   4.830   1.836   1.00 67.91  ? 210 ASP A N   1 
ATOM   560  C  CA  . ASP A 1 105 ? 7.792   5.883   2.656   1.00 67.67  ? 210 ASP A CA  1 
ATOM   561  C  C   . ASP A 1 105 ? 8.019   7.154   1.824   1.00 65.96  ? 210 ASP A C   1 
ATOM   562  O  O   . ASP A 1 105 ? 7.926   8.269   2.341   1.00 66.75  ? 210 ASP A O   1 
ATOM   563  C  CB  . ASP A 1 105 ? 9.114   5.398   3.263   1.00 71.87  ? 210 ASP A CB  1 
ATOM   564  C  CG  . ASP A 1 105 ? 10.093  4.874   2.213   1.00 75.33  ? 210 ASP A CG  1 
ATOM   565  O  OD1 . ASP A 1 105 ? 11.228  4.502   2.586   1.00 77.98  ? 210 ASP A OD1 1 
ATOM   566  O  OD2 . ASP A 1 105 ? 9.738   4.827   1.018   1.00 76.67  ? 210 ASP A OD2 1 
ATOM   567  N  N   . TYR A 1 106 ? 8.309   6.996   0.537   1.00 63.82  ? 211 TYR A N   1 
ATOM   568  C  CA  . TYR A 1 106 ? 8.523   8.156   -0.314  1.00 62.92  ? 211 TYR A CA  1 
ATOM   569  C  C   . TYR A 1 106 ? 7.215   8.885   -0.664  1.00 62.99  ? 211 TYR A C   1 
ATOM   570  O  O   . TYR A 1 106 ? 7.215   9.782   -1.504  1.00 64.45  ? 211 TYR A O   1 
ATOM   571  C  CB  . TYR A 1 106 ? 9.256   7.754   -1.598  1.00 63.11  ? 211 TYR A CB  1 
ATOM   572  C  CG  . TYR A 1 106 ? 8.545   6.717   -2.435  1.00 63.34  ? 211 TYR A CG  1 
ATOM   573  C  CD1 . TYR A 1 106 ? 7.460   7.063   -3.246  1.00 65.07  ? 211 TYR A CD1 1 
ATOM   574  C  CD2 . TYR A 1 106 ? 8.963   5.388   -2.430  1.00 62.21  ? 211 TYR A CD2 1 
ATOM   575  C  CE1 . TYR A 1 106 ? 6.817   6.107   -4.040  1.00 63.75  ? 211 TYR A CE1 1 
ATOM   576  C  CE2 . TYR A 1 106 ? 8.326   4.427   -3.218  1.00 64.24  ? 211 TYR A CE2 1 
ATOM   577  C  CZ  . TYR A 1 106 ? 7.252   4.793   -4.021  1.00 65.04  ? 211 TYR A CZ  1 
ATOM   578  O  OH  . TYR A 1 106 ? 6.611   3.855   -4.807  1.00 66.65  ? 211 TYR A OH  1 
ATOM   579  N  N   . LEU A 1 107 ? 6.106   8.488   -0.041  1.00 61.37  ? 212 LEU A N   1 
ATOM   580  C  CA  . LEU A 1 107 ? 4.820   9.152   -0.258  1.00 60.48  ? 212 LEU A CA  1 
ATOM   581  C  C   . LEU A 1 107 ? 4.419   9.793   1.068   1.00 62.15  ? 212 LEU A C   1 
ATOM   582  O  O   . LEU A 1 107 ? 3.370   10.424  1.178   1.00 61.72  ? 212 LEU A O   1 
ATOM   583  C  CB  . LEU A 1 107 ? 3.729   8.168   -0.705  1.00 57.64  ? 212 LEU A CB  1 
ATOM   584  C  CG  . LEU A 1 107 ? 3.893   7.513   -2.088  1.00 55.10  ? 212 LEU A CG  1 
ATOM   585  C  CD1 . LEU A 1 107 ? 2.638   6.779   -2.430  1.00 53.69  ? 212 LEU A CD1 1 
ATOM   586  C  CD2 . LEU A 1 107 ? 4.132   8.540   -3.159  1.00 52.94  ? 212 LEU A CD2 1 
ATOM   587  N  N   . CYS A 1 108 ? 5.270   9.625   2.074   1.00 63.34  ? 213 CYS A N   1 
ATOM   588  C  CA  . CYS A 1 108 ? 5.018   10.194  3.390   1.00 65.58  ? 213 CYS A CA  1 
ATOM   589  C  C   . CYS A 1 108 ? 5.876   11.446  3.602   1.00 66.17  ? 213 CYS A C   1 
ATOM   590  O  O   . CYS A 1 108 ? 6.946   11.582  3.005   1.00 66.30  ? 213 CYS A O   1 
ATOM   591  C  CB  . CYS A 1 108 ? 5.313   9.165   4.484   1.00 66.57  ? 213 CYS A CB  1 
ATOM   592  S  SG  . CYS A 1 108 ? 4.284   7.675   4.396   1.00 66.52  ? 213 CYS A SG  1 
ATOM   593  N  N   . GLY A 1 109 ? 5.389   12.352  4.450   1.00 65.85  ? 214 GLY A N   1 
ATOM   594  C  CA  . GLY A 1 109 ? 6.092   13.593  4.733   1.00 66.23  ? 214 GLY A CA  1 
ATOM   595  C  C   . GLY A 1 109 ? 7.298   13.396  5.622   1.00 66.59  ? 214 GLY A C   1 
ATOM   596  O  O   . GLY A 1 109 ? 7.372   12.416  6.357   1.00 65.79  ? 214 GLY A O   1 
ATOM   597  N  N   . LYS A 1 110 ? 8.254   14.315  5.553   1.00 67.91  ? 215 LYS A N   1 
ATOM   598  C  CA  . LYS A 1 110 ? 9.456   14.202  6.375   1.00 67.74  ? 215 LYS A CA  1 
ATOM   599  C  C   . LYS A 1 110 ? 9.126   14.592  7.814   1.00 68.36  ? 215 LYS A C   1 
ATOM   600  O  O   . LYS A 1 110 ? 9.789   14.158  8.760   1.00 69.06  ? 215 LYS A O   1 
ATOM   601  C  CB  . LYS A 1 110 ? 10.551  15.098  5.806   1.00 65.29  ? 215 LYS A CB  1 
ATOM   602  C  CG  . LYS A 1 110 ? 10.866  14.800  4.341   1.00 64.00  ? 215 LYS A CG  1 
ATOM   603  C  CD  . LYS A 1 110 ? 11.390  13.374  4.154   1.00 63.73  ? 215 LYS A CD  1 
ATOM   604  C  CE  . LYS A 1 110 ? 11.476  12.980  2.672   1.00 66.97  ? 215 LYS A CE  1 
ATOM   605  N  NZ  . LYS A 1 110 ? 10.187  13.206  1.941   1.00 67.80  ? 215 LYS A NZ  1 
ATOM   606  N  N   . ILE A 1 111 ? 8.087   15.404  7.968   1.00 67.58  ? 216 ILE A N   1 
ATOM   607  C  CA  . ILE A 1 111 ? 7.660   15.848  9.278   1.00 68.46  ? 216 ILE A CA  1 
ATOM   608  C  C   . ILE A 1 111 ? 6.538   14.974  9.839   1.00 71.21  ? 216 ILE A C   1 
ATOM   609  O  O   . ILE A 1 111 ? 6.651   14.463  10.952  1.00 73.03  ? 216 ILE A O   1 
ATOM   610  C  CB  . ILE A 1 111 ? 7.177   17.314  9.223   1.00 67.41  ? 216 ILE A CB  1 
ATOM   611  C  CG1 . ILE A 1 111 ? 8.356   18.238  8.927   1.00 65.23  ? 216 ILE A CG1 1 
ATOM   612  C  CG2 . ILE A 1 111 ? 6.524   17.697  10.536  1.00 66.02  ? 216 ILE A CG2 1 
ATOM   613  C  CD1 . ILE A 1 111 ? 7.945   19.592  8.420   1.00 63.45  ? 216 ILE A CD1 1 
ATOM   614  N  N   . SER A 1 112 ? 5.465   14.791  9.067   1.00 73.47  ? 217 SER A N   1 
ATOM   615  C  CA  . SER A 1 112 ? 4.319   13.991  9.505   1.00 75.19  ? 217 SER A CA  1 
ATOM   616  C  C   . SER A 1 112 ? 4.616   12.497  9.539   1.00 77.50  ? 217 SER A C   1 
ATOM   617  O  O   . SER A 1 112 ? 3.998   11.752  10.299  1.00 77.51  ? 217 SER A O   1 
ATOM   618  C  CB  . SER A 1 112 ? 3.121   14.214  8.587   1.00 75.81  ? 217 SER A CB  1 
ATOM   619  O  OG  . SER A 1 112 ? 3.272   13.452  7.401   1.00 77.22  ? 217 SER A OG  1 
ATOM   620  N  N   . PHE A 1 113 ? 5.557   12.059  8.711   1.00 79.63  ? 218 PHE A N   1 
ATOM   621  C  CA  . PHE A 1 113 ? 5.911   10.646  8.656   1.00 81.95  ? 218 PHE A CA  1 
ATOM   622  C  C   . PHE A 1 113 ? 4.676   9.825   8.310   1.00 81.04  ? 218 PHE A C   1 
ATOM   623  O  O   . PHE A 1 113 ? 4.374   8.831   8.970   1.00 80.80  ? 218 PHE A O   1 
ATOM   624  C  CB  . PHE A 1 113 ? 6.484   10.174  10.001  1.00 85.08  ? 218 PHE A CB  1 
ATOM   625  C  CG  . PHE A 1 113 ? 7.931   10.542  10.211  1.00 90.73  ? 218 PHE A CG  1 
ATOM   626  C  CD1 . PHE A 1 113 ? 8.923   10.048  9.355   1.00 92.10  ? 218 PHE A CD1 1 
ATOM   627  C  CD2 . PHE A 1 113 ? 8.305   11.396  11.250  1.00 91.96  ? 218 PHE A CD2 1 
ATOM   628  C  CE1 . PHE A 1 113 ? 10.269  10.400  9.524   1.00 92.53  ? 218 PHE A CE1 1 
ATOM   629  C  CE2 . PHE A 1 113 ? 9.646   11.758  11.434  1.00 93.58  ? 218 PHE A CE2 1 
ATOM   630  C  CZ  . PHE A 1 113 ? 10.635  11.257  10.565  1.00 93.77  ? 218 PHE A CZ  1 
ATOM   631  N  N   . GLU A 1 114 ? 3.962   10.250  7.274   1.00 79.99  ? 219 GLU A N   1 
ATOM   632  C  CA  . GLU A 1 114 ? 2.769   9.545   6.846   1.00 78.40  ? 219 GLU A CA  1 
ATOM   633  C  C   . GLU A 1 114 ? 2.238   10.127  5.537   1.00 75.55  ? 219 GLU A C   1 
ATOM   634  O  O   . GLU A 1 114 ? 2.560   11.256  5.171   1.00 74.89  ? 219 GLU A O   1 
ATOM   635  C  CB  . GLU A 1 114 ? 1.708   9.620   7.941   1.00 79.37  ? 219 GLU A CB  1 
ATOM   636  C  CG  . GLU A 1 114 ? 1.233   11.022  8.229   1.00 84.02  ? 219 GLU A CG  1 
ATOM   637  C  CD  . GLU A 1 114 ? 0.248   11.060  9.366   1.00 87.16  ? 219 GLU A CD  1 
ATOM   638  O  OE1 . GLU A 1 114 ? -0.414  12.107  9.550   1.00 90.09  ? 219 GLU A OE1 1 
ATOM   639  O  OE2 . GLU A 1 114 ? 0.139   10.043  10.083  1.00 87.24  ? 219 GLU A OE2 1 
ATOM   640  N  N   . LEU A 1 115 ? 1.436   9.335   4.833   1.00 73.56  ? 220 LEU A N   1 
ATOM   641  C  CA  . LEU A 1 115 ? 0.865   9.743   3.557   1.00 71.23  ? 220 LEU A CA  1 
ATOM   642  C  C   . LEU A 1 115 ? 0.527   11.236  3.515   1.00 69.69  ? 220 LEU A C   1 
ATOM   643  O  O   . LEU A 1 115 ? -0.220  11.722  4.359   1.00 68.10  ? 220 LEU A O   1 
ATOM   644  C  CB  . LEU A 1 115 ? -0.388  8.924   3.270   1.00 69.05  ? 220 LEU A CB  1 
ATOM   645  C  CG  . LEU A 1 115 ? -0.949  9.076   1.860   1.00 69.26  ? 220 LEU A CG  1 
ATOM   646  C  CD1 . LEU A 1 115 ? 0.116   8.678   0.828   1.00 67.45  ? 220 LEU A CD1 1 
ATOM   647  C  CD2 . LEU A 1 115 ? -2.201  8.221   1.729   1.00 69.88  ? 220 LEU A CD2 1 
ATOM   648  N  N   . MET A 1 116 ? 1.083   11.951  2.536   1.00 68.62  ? 221 MET A N   1 
ATOM   649  C  CA  . MET A 1 116 ? 0.830   13.382  2.378   1.00 67.84  ? 221 MET A CA  1 
ATOM   650  C  C   . MET A 1 116 ? -0.467  13.677  1.629   1.00 68.62  ? 221 MET A C   1 
ATOM   651  O  O   . MET A 1 116 ? -0.749  13.101  0.571   1.00 66.67  ? 221 MET A O   1 
ATOM   652  C  CB  . MET A 1 116 ? 1.985   14.048  1.640   1.00 65.56  ? 221 MET A CB  1 
ATOM   653  C  CG  . MET A 1 116 ? 3.331   13.814  2.273   1.00 65.03  ? 221 MET A CG  1 
ATOM   654  S  SD  . MET A 1 116 ? 4.624   14.583  1.293   1.00 64.92  ? 221 MET A SD  1 
ATOM   655  C  CE  . MET A 1 116 ? 5.007   13.259  0.095   1.00 61.47  ? 221 MET A CE  1 
ATOM   656  N  N   . ARG A 1 117 ? -1.251  14.591  2.189   1.00 69.80  ? 222 ARG A N   1 
ATOM   657  C  CA  . ARG A 1 117 ? -2.514  15.003  1.591   1.00 69.89  ? 222 ARG A CA  1 
ATOM   658  C  C   . ARG A 1 117 ? -2.265  16.157  0.613   1.00 70.53  ? 222 ARG A C   1 
ATOM   659  O  O   . ARG A 1 117 ? -2.787  16.162  -0.501  1.00 71.72  ? 222 ARG A O   1 
ATOM   660  C  CB  . ARG A 1 117 ? -3.497  15.419  2.702   1.00 69.46  ? 222 ARG A CB  1 
ATOM   661  N  N   . GLU A 1 118 ? -1.454  17.126  1.031   1.00 69.80  ? 223 GLU A N   1 
ATOM   662  C  CA  . GLU A 1 118 ? -1.131  18.286  0.195   1.00 69.39  ? 223 GLU A CA  1 
ATOM   663  C  C   . GLU A 1 118 ? 0.382   18.412  0.099   1.00 65.54  ? 223 GLU A C   1 
ATOM   664  O  O   . GLU A 1 118 ? 1.012   19.152  0.859   1.00 65.47  ? 223 GLU A O   1 
ATOM   665  C  CB  . GLU A 1 118 ? -1.717  19.555  0.810   1.00 71.85  ? 223 GLU A CB  1 
ATOM   666  C  CG  . GLU A 1 118 ? -3.147  19.874  0.411   1.00 76.80  ? 223 GLU A CG  1 
ATOM   667  C  CD  . GLU A 1 118 ? -3.684  21.061  1.171   1.00 81.96  ? 223 GLU A CD  1 
ATOM   668  O  OE1 . GLU A 1 118 ? -4.194  20.876  2.304   1.00 82.45  ? 223 GLU A OE1 1 
ATOM   669  O  OE2 . GLU A 1 118 ? -3.578  22.192  0.647   1.00 83.73  ? 223 GLU A OE2 1 
ATOM   670  N  N   . PRO A 1 119 ? 0.985   17.680  -0.838  1.00 61.72  ? 224 PRO A N   1 
ATOM   671  C  CA  . PRO A 1 119 ? 2.429   17.693  -1.043  1.00 60.20  ? 224 PRO A CA  1 
ATOM   672  C  C   . PRO A 1 119 ? 2.971   18.982  -1.673  1.00 59.05  ? 224 PRO A C   1 
ATOM   673  O  O   . PRO A 1 119 ? 2.570   19.382  -2.768  1.00 58.93  ? 224 PRO A O   1 
ATOM   674  C  CB  . PRO A 1 119 ? 2.655   16.458  -1.903  1.00 59.80  ? 224 PRO A CB  1 
ATOM   675  C  CG  . PRO A 1 119 ? 1.418   16.423  -2.738  1.00 60.73  ? 224 PRO A CG  1 
ATOM   676  C  CD  . PRO A 1 119 ? 0.335   16.713  -1.733  1.00 60.64  ? 224 PRO A CD  1 
ATOM   677  N  N   . CYS A 1 120 ? 3.864   19.640  -0.946  1.00 55.98  ? 225 CYS A N   1 
ATOM   678  C  CA  . CYS A 1 120 ? 4.465   20.853  -1.430  1.00 56.59  ? 225 CYS A CA  1 
ATOM   679  C  C   . CYS A 1 120 ? 5.979   20.732  -1.285  1.00 55.15  ? 225 CYS A C   1 
ATOM   680  O  O   . CYS A 1 120 ? 6.484   20.155  -0.312  1.00 54.72  ? 225 CYS A O   1 
ATOM   681  C  CB  . CYS A 1 120 ? 3.924   22.077  -0.680  1.00 58.40  ? 225 CYS A CB  1 
ATOM   682  S  SG  . CYS A 1 120 ? 4.244   22.080  1.090   1.00 68.56  ? 225 CYS A SG  1 
ATOM   683  N  N   . ILE A 1 121 ? 6.697   21.233  -2.284  1.00 52.43  ? 226 ILE A N   1 
ATOM   684  C  CA  . ILE A 1 121 ? 8.139   21.159  -2.282  1.00 50.25  ? 226 ILE A CA  1 
ATOM   685  C  C   . ILE A 1 121 ? 8.852   22.485  -1.970  1.00 52.20  ? 226 ILE A C   1 
ATOM   686  O  O   . ILE A 1 121 ? 8.368   23.579  -2.284  1.00 47.39  ? 226 ILE A O   1 
ATOM   687  C  CB  . ILE A 1 121 ? 8.642   20.578  -3.651  1.00 47.99  ? 226 ILE A CB  1 
ATOM   688  C  CG1 . ILE A 1 121 ? 10.122  20.186  -3.575  1.00 44.14  ? 226 ILE A CG1 1 
ATOM   689  C  CG2 . ILE A 1 121 ? 8.448   21.584  -4.755  1.00 47.71  ? 226 ILE A CG2 1 
ATOM   690  C  CD1 . ILE A 1 121 ? 10.556  19.410  -4.801  1.00 42.55  ? 226 ILE A CD1 1 
ATOM   691  N  N   . THR A 1 122 ? 9.995   22.382  -1.303  1.00 52.16  ? 227 THR A N   1 
ATOM   692  C  CA  . THR A 1 122 ? 10.744  23.583  -0.982  1.00 53.96  ? 227 THR A CA  1 
ATOM   693  C  C   . THR A 1 122 ? 11.792  23.817  -2.058  1.00 53.90  ? 227 THR A C   1 
ATOM   694  O  O   . THR A 1 122 ? 12.035  22.940  -2.878  1.00 56.02  ? 227 THR A O   1 
ATOM   695  C  CB  . THR A 1 122 ? 11.423  23.459  0.389   1.00 53.26  ? 227 THR A CB  1 
ATOM   696  O  OG1 . THR A 1 122 ? 12.380  22.383  0.366   1.00 52.79  ? 227 THR A OG1 1 
ATOM   697  C  CG2 . THR A 1 122 ? 10.383  23.208  1.446   1.00 48.87  ? 227 THR A CG2 1 
ATOM   698  N  N   . PRO A 1 123 ? 12.394  25.031  -2.141  1.00 56.03  ? 228 PRO A N   1 
ATOM   699  C  CA  . PRO A 1 123 ? 13.449  25.292  -3.101  1.00 55.50  ? 228 PRO A CA  1 
ATOM   700  C  C   . PRO A 1 123 ? 14.670  24.413  -2.986  1.00 54.38  ? 228 PRO A C   1 
ATOM   701  O  O   . PRO A 1 123 ? 15.522  24.422  -3.861  1.00 55.32  ? 228 PRO A O   1 
ATOM   702  C  CB  . PRO A 1 123 ? 13.801  26.768  -2.882  1.00 56.38  ? 228 PRO A CB  1 
ATOM   703  C  CG  . PRO A 1 123 ? 13.320  27.073  -1.495  1.00 58.22  ? 228 PRO A CG  1 
ATOM   704  C  CD  . PRO A 1 123 ? 12.115  26.194  -1.297  1.00 58.35  ? 228 PRO A CD  1 
ATOM   705  N  N   . SER A 1 124 ? 14.749  23.650  -1.904  1.00 53.08  ? 229 SER A N   1 
ATOM   706  C  CA  . SER A 1 124 ? 15.851  22.713  -1.744  1.00 51.57  ? 229 SER A CA  1 
ATOM   707  C  C   . SER A 1 124 ? 15.444  21.372  -2.395  1.00 52.09  ? 229 SER A C   1 
ATOM   708  O  O   . SER A 1 124 ? 16.265  20.460  -2.506  1.00 51.24  ? 229 SER A O   1 
ATOM   709  C  CB  . SER A 1 124 ? 16.144  22.440  -0.260  1.00 52.62  ? 229 SER A CB  1 
ATOM   710  O  OG  . SER A 1 124 ? 16.481  23.605  0.454   1.00 51.97  ? 229 SER A OG  1 
ATOM   711  N  N   . GLY A 1 125 ? 14.171  21.259  -2.781  1.00 49.24  ? 230 GLY A N   1 
ATOM   712  C  CA  . GLY A 1 125 ? 13.667  20.046  -3.406  1.00 46.03  ? 230 GLY A CA  1 
ATOM   713  C  C   . GLY A 1 125 ? 13.125  18.990  -2.451  1.00 44.21  ? 230 GLY A C   1 
ATOM   714  O  O   . GLY A 1 125 ? 12.969  17.820  -2.823  1.00 45.15  ? 230 GLY A O   1 
ATOM   715  N  N   . ILE A 1 126 ? 12.848  19.390  -1.214  1.00 44.22  ? 231 ILE A N   1 
ATOM   716  C  CA  . ILE A 1 126 ? 12.305  18.469  -0.228  1.00 44.17  ? 231 ILE A CA  1 
ATOM   717  C  C   . ILE A 1 126 ? 10.791  18.637  -0.133  1.00 47.65  ? 231 ILE A C   1 
ATOM   718  O  O   . ILE A 1 126 ? 10.275  19.752  0.049   1.00 50.38  ? 231 ILE A O   1 
ATOM   719  C  CB  . ILE A 1 126 ? 12.919  18.680  1.164   1.00 45.17  ? 231 ILE A CB  1 
ATOM   720  C  CG1 . ILE A 1 126 ? 14.409  18.279  1.153   1.00 47.08  ? 231 ILE A CG1 1 
ATOM   721  C  CG2 . ILE A 1 126 ? 12.255  17.779  2.162   1.00 42.83  ? 231 ILE A CG2 1 
ATOM   722  C  CD1 . ILE A 1 126 ? 15.274  19.151  0.306   1.00 50.98  ? 231 ILE A CD1 1 
ATOM   723  N  N   . THR A 1 127 ? 10.063  17.531  -0.261  1.00 47.94  ? 232 THR A N   1 
ATOM   724  C  CA  . THR A 1 127 ? 8.599   17.582  -0.202  1.00 46.52  ? 232 THR A CA  1 
ATOM   725  C  C   . THR A 1 127 ? 7.987   17.294  1.168   1.00 47.27  ? 232 THR A C   1 
ATOM   726  O  O   . THR A 1 127 ? 8.308   16.302  1.812   1.00 50.61  ? 232 THR A O   1 
ATOM   727  C  CB  . THR A 1 127 ? 8.022   16.634  -1.250  1.00 47.06  ? 232 THR A CB  1 
ATOM   728  O  OG1 . THR A 1 127 ? 8.370   17.126  -2.568  1.00 45.66  ? 232 THR A OG1 1 
ATOM   729  C  CG2 . THR A 1 127 ? 6.483   16.514  -1.091  1.00 46.12  ? 232 THR A CG2 1 
ATOM   730  N  N   . TYR A 1 128 ? 7.112   18.183  1.623   1.00 49.04  ? 233 TYR A N   1 
ATOM   731  C  CA  . TYR A 1 128 ? 6.469   18.003  2.923   1.00 49.64  ? 233 TYR A CA  1 
ATOM   732  C  C   . TYR A 1 128 ? 4.978   18.141  2.743   1.00 51.06  ? 233 TYR A C   1 
ATOM   733  O  O   . TYR A 1 128 ? 4.517   18.614  1.703   1.00 50.48  ? 233 TYR A O   1 
ATOM   734  C  CB  . TYR A 1 128 ? 6.889   19.072  3.933   1.00 47.51  ? 233 TYR A CB  1 
ATOM   735  C  CG  . TYR A 1 128 ? 8.370   19.245  4.155   1.00 48.80  ? 233 TYR A CG  1 
ATOM   736  C  CD1 . TYR A 1 128 ? 9.138   20.025  3.284   1.00 50.15  ? 233 TYR A CD1 1 
ATOM   737  C  CD2 . TYR A 1 128 ? 9.000   18.671  5.255   1.00 48.48  ? 233 TYR A CD2 1 
ATOM   738  C  CE1 . TYR A 1 128 ? 10.490  20.232  3.512   1.00 51.62  ? 233 TYR A CE1 1 
ATOM   739  C  CE2 . TYR A 1 128 ? 10.355  18.870  5.492   1.00 51.23  ? 233 TYR A CE2 1 
ATOM   740  C  CZ  . TYR A 1 128 ? 11.093  19.648  4.626   1.00 52.44  ? 233 TYR A CZ  1 
ATOM   741  O  OH  . TYR A 1 128 ? 12.425  19.882  4.873   1.00 57.36  ? 233 TYR A OH  1 
ATOM   742  N  N   . ASP A 1 129 ? 4.216   17.756  3.758   1.00 53.11  ? 234 ASP A N   1 
ATOM   743  C  CA  . ASP A 1 129 ? 2.769   17.905  3.676   1.00 55.23  ? 234 ASP A CA  1 
ATOM   744  C  C   . ASP A 1 129 ? 2.528   19.363  4.114   1.00 54.99  ? 234 ASP A C   1 
ATOM   745  O  O   . ASP A 1 129 ? 3.063   19.800  5.131   1.00 54.40  ? 234 ASP A O   1 
ATOM   746  C  CB  . ASP A 1 129 ? 2.080   16.918  4.628   1.00 57.52  ? 234 ASP A CB  1 
ATOM   747  C  CG  . ASP A 1 129 ? 0.664   16.542  4.176   1.00 60.98  ? 234 ASP A CG  1 
ATOM   748  O  OD1 . ASP A 1 129 ? 0.079   17.235  3.311   1.00 57.64  ? 234 ASP A OD1 1 
ATOM   749  O  OD2 . ASP A 1 129 ? 0.127   15.547  4.706   1.00 63.28  ? 234 ASP A OD2 1 
ATOM   750  N  N   . ARG A 1 130 ? 1.727   20.103  3.351   1.00 54.63  ? 235 ARG A N   1 
ATOM   751  C  CA  . ARG A 1 130 ? 1.477   21.512  3.635   1.00 58.29  ? 235 ARG A CA  1 
ATOM   752  C  C   . ARG A 1 130 ? 1.195   21.848  5.091   1.00 60.94  ? 235 ARG A C   1 
ATOM   753  O  O   . ARG A 1 130 ? 1.911   22.642  5.713   1.00 63.04  ? 235 ARG A O   1 
ATOM   754  C  CB  . ARG A 1 130 ? 0.342   22.050  2.751   1.00 59.92  ? 235 ARG A CB  1 
ATOM   755  C  CG  . ARG A 1 130 ? 0.144   23.562  2.805   1.00 61.40  ? 235 ARG A CG  1 
ATOM   756  C  CD  . ARG A 1 130 ? -0.825  24.046  1.725   1.00 63.15  ? 235 ARG A CD  1 
ATOM   757  N  NE  . ARG A 1 130 ? -0.248  24.184  0.383   1.00 63.21  ? 235 ARG A NE  1 
ATOM   758  C  CZ  . ARG A 1 130 ? 0.701   25.059  0.036   1.00 66.62  ? 235 ARG A CZ  1 
ATOM   759  N  NH1 . ARG A 1 130 ? 1.214   25.898  0.930   1.00 66.44  ? 235 ARG A NH1 1 
ATOM   760  N  NH2 . ARG A 1 130 ? 1.123   25.118  -1.226  1.00 64.88  ? 235 ARG A NH2 1 
ATOM   761  N  N   . LYS A 1 131 ? 0.169   21.230  5.649   1.00 62.17  ? 236 LYS A N   1 
ATOM   762  C  CA  . LYS A 1 131 ? -0.173  21.513  7.021   1.00 62.53  ? 236 LYS A CA  1 
ATOM   763  C  C   . LYS A 1 131 ? 1.021   21.370  7.952   1.00 63.20  ? 236 LYS A C   1 
ATOM   764  O  O   . LYS A 1 131 ? 1.220   22.206  8.829   1.00 63.14  ? 236 LYS A O   1 
ATOM   765  C  CB  . LYS A 1 131 ? -1.310  20.597  7.477   1.00 65.19  ? 236 LYS A CB  1 
ATOM   766  C  CG  . LYS A 1 131 ? -1.017  19.106  7.312   1.00 68.69  ? 236 LYS A CG  1 
ATOM   767  C  CD  . LYS A 1 131 ? -2.220  18.239  7.713   1.00 70.96  ? 236 LYS A CD  1 
ATOM   768  C  CE  . LYS A 1 131 ? -1.947  16.733  7.568   1.00 72.18  ? 236 LYS A CE  1 
ATOM   769  N  NZ  . LYS A 1 131 ? -0.976  16.209  8.577   1.00 73.42  ? 236 LYS A NZ  1 
ATOM   770  N  N   . ASP A 1 132 ? 1.825   20.327  7.753   1.00 63.40  ? 237 ASP A N   1 
ATOM   771  C  CA  . ASP A 1 132 ? 2.975   20.090  8.620   1.00 64.26  ? 237 ASP A CA  1 
ATOM   772  C  C   . ASP A 1 132 ? 4.074   21.125  8.442   1.00 63.68  ? 237 ASP A C   1 
ATOM   773  O  O   . ASP A 1 132 ? 4.601   21.654  9.428   1.00 63.36  ? 237 ASP A O   1 
ATOM   774  C  CB  . ASP A 1 132 ? 3.553   18.691  8.405   1.00 65.38  ? 237 ASP A CB  1 
ATOM   775  C  CG  . ASP A 1 132 ? 2.592   17.596  8.825   1.00 68.74  ? 237 ASP A CG  1 
ATOM   776  O  OD1 . ASP A 1 132 ? 1.607   17.370  8.092   1.00 70.63  ? 237 ASP A OD1 1 
ATOM   777  O  OD2 . ASP A 1 132 ? 2.802   16.963  9.890   1.00 68.09  ? 237 ASP A OD2 1 
ATOM   778  N  N   . ILE A 1 133 ? 4.417   21.414  7.190   1.00 60.53  ? 238 ILE A N   1 
ATOM   779  C  CA  . ILE A 1 133 ? 5.452   22.389  6.904   1.00 59.61  ? 238 ILE A CA  1 
ATOM   780  C  C   . ILE A 1 133 ? 5.041   23.805  7.316   1.00 60.90  ? 238 ILE A C   1 
ATOM   781  O  O   . ILE A 1 133 ? 5.839   24.538  7.901   1.00 62.32  ? 238 ILE A O   1 
ATOM   782  C  CB  . ILE A 1 133 ? 5.858   22.386  5.406   1.00 55.99  ? 238 ILE A CB  1 
ATOM   783  C  CG1 . ILE A 1 133 ? 7.142   23.186  5.245   1.00 52.10  ? 238 ILE A CG1 1 
ATOM   784  C  CG2 . ILE A 1 133 ? 4.768   23.002  4.537   1.00 55.77  ? 238 ILE A CG2 1 
ATOM   785  C  CD1 . ILE A 1 133 ? 8.283   22.701  6.157   1.00 53.03  ? 238 ILE A CD1 1 
ATOM   786  N  N   . GLU A 1 134 ? 3.804   24.194  7.025   1.00 61.57  ? 239 GLU A N   1 
ATOM   787  C  CA  . GLU A 1 134 ? 3.344   25.525  7.409   1.00 62.39  ? 239 GLU A CA  1 
ATOM   788  C  C   . GLU A 1 134 ? 3.257   25.637  8.926   1.00 63.74  ? 239 GLU A C   1 
ATOM   789  O  O   . GLU A 1 134 ? 3.270   26.738  9.473   1.00 63.23  ? 239 GLU A O   1 
ATOM   790  C  CB  . GLU A 1 134 ? 1.987   25.825  6.792   1.00 59.71  ? 239 GLU A CB  1 
ATOM   791  C  CG  . GLU A 1 134 ? 2.010   25.703  5.294   1.00 61.12  ? 239 GLU A CG  1 
ATOM   792  C  CD  . GLU A 1 134 ? 0.842   26.387  4.625   1.00 63.51  ? 239 GLU A CD  1 
ATOM   793  O  OE1 . GLU A 1 134 ? -0.280  26.338  5.167   1.00 64.25  ? 239 GLU A OE1 1 
ATOM   794  O  OE2 . GLU A 1 134 ? 1.054   26.966  3.538   1.00 64.86  ? 239 GLU A OE2 1 
ATOM   795  N  N   . GLU A 1 135 ? 3.159   24.487  9.591   1.00 66.18  ? 240 GLU A N   1 
ATOM   796  C  CA  . GLU A 1 135 ? 3.078   24.411  11.047  1.00 68.04  ? 240 GLU A CA  1 
ATOM   797  C  C   . GLU A 1 135 ? 4.462   24.704  11.581  1.00 67.34  ? 240 GLU A C   1 
ATOM   798  O  O   . GLU A 1 135 ? 4.641   25.523  12.480  1.00 67.25  ? 240 GLU A O   1 
ATOM   799  C  CB  . GLU A 1 135 ? 2.656   23.004  11.473  1.00 72.18  ? 240 GLU A CB  1 
ATOM   800  C  CG  . GLU A 1 135 ? 2.884   22.689  12.940  1.00 79.06  ? 240 GLU A CG  1 
ATOM   801  C  CD  . GLU A 1 135 ? 1.757   23.165  13.809  1.00 84.03  ? 240 GLU A CD  1 
ATOM   802  O  OE1 . GLU A 1 135 ? 1.314   24.321  13.627  1.00 87.31  ? 240 GLU A OE1 1 
ATOM   803  O  OE2 . GLU A 1 135 ? 1.313   22.387  14.683  1.00 87.16  ? 240 GLU A OE2 1 
ATOM   804  N  N   . HIS A 1 136 ? 5.435   23.999  11.019  1.00 65.98  ? 241 HIS A N   1 
ATOM   805  C  CA  . HIS A 1 136 ? 6.841   24.159  11.357  1.00 64.80  ? 241 HIS A CA  1 
ATOM   806  C  C   . HIS A 1 136 ? 7.320   25.606  11.138  1.00 66.49  ? 241 HIS A C   1 
ATOM   807  O  O   . HIS A 1 136 ? 7.989   26.172  11.999  1.00 68.01  ? 241 HIS A O   1 
ATOM   808  C  CB  . HIS A 1 136 ? 7.682   23.239  10.473  1.00 64.70  ? 241 HIS A CB  1 
ATOM   809  C  CG  . HIS A 1 136 ? 9.147   23.534  10.512  1.00 61.32  ? 241 HIS A CG  1 
ATOM   810  N  ND1 . HIS A 1 136 ? 9.999   22.957  11.430  1.00 61.35  ? 241 HIS A ND1 1 
ATOM   811  C  CD2 . HIS A 1 136 ? 9.915   24.353  9.754   1.00 59.75  ? 241 HIS A CD2 1 
ATOM   812  C  CE1 . HIS A 1 136 ? 11.224  23.404  11.236  1.00 59.64  ? 241 HIS A CE1 1 
ATOM   813  N  NE2 . HIS A 1 136 ? 11.200  24.255  10.222  1.00 60.50  ? 241 HIS A NE2 1 
ATOM   814  N  N   . LEU A 1 137 ? 6.993   26.191  9.983   1.00 65.58  ? 242 LEU A N   1 
ATOM   815  C  CA  . LEU A 1 137 ? 7.431   27.548  9.661   1.00 65.60  ? 242 LEU A CA  1 
ATOM   816  C  C   . LEU A 1 137 ? 6.797   28.597  10.540  1.00 69.31  ? 242 LEU A C   1 
ATOM   817  O  O   . LEU A 1 137 ? 7.246   29.747  10.583  1.00 70.90  ? 242 LEU A O   1 
ATOM   818  C  CB  . LEU A 1 137 ? 7.122   27.898  8.207   1.00 61.33  ? 242 LEU A CB  1 
ATOM   819  C  CG  . LEU A 1 137 ? 7.826   27.073  7.132   1.00 60.45  ? 242 LEU A CG  1 
ATOM   820  C  CD1 . LEU A 1 137 ? 7.295   27.462  5.760   1.00 58.55  ? 242 LEU A CD1 1 
ATOM   821  C  CD2 . LEU A 1 137 ? 9.334   27.285  7.220   1.00 60.82  ? 242 LEU A CD2 1 
ATOM   822  N  N   . GLN A 1 138 ? 5.742   28.218  11.244  1.00 71.78  ? 243 GLN A N   1 
ATOM   823  C  CA  . GLN A 1 138 ? 5.049   29.184  12.080  1.00 73.99  ? 243 GLN A CA  1 
ATOM   824  C  C   . GLN A 1 138 ? 5.265   28.933  13.550  1.00 73.60  ? 243 GLN A C   1 
ATOM   825  O  O   . GLN A 1 138 ? 5.149   29.851  14.358  1.00 73.96  ? 243 GLN A O   1 
ATOM   826  C  CB  . GLN A 1 138 ? 3.547   29.169  11.769  1.00 76.17  ? 243 GLN A CB  1 
ATOM   827  C  CG  . GLN A 1 138 ? 2.749   30.265  12.510  1.00 84.65  ? 243 GLN A CG  1 
ATOM   828  C  CD  . GLN A 1 138 ? 3.064   31.696  12.040  1.00 89.12  ? 243 GLN A CD  1 
ATOM   829  O  OE1 . GLN A 1 138 ? 2.650   32.111  10.956  1.00 90.17  ? 243 GLN A OE1 1 
ATOM   830  N  NE2 . GLN A 1 138 ? 3.806   32.447  12.859  1.00 90.32  ? 243 GLN A NE2 1 
ATOM   831  N  N   . ARG A 1 139 ? 5.595   27.696  13.892  1.00 73.92  ? 244 ARG A N   1 
ATOM   832  C  CA  . ARG A 1 139 ? 5.785   27.324  15.282  1.00 75.50  ? 244 ARG A CA  1 
ATOM   833  C  C   . ARG A 1 139 ? 7.239   27.047  15.645  1.00 74.45  ? 244 ARG A C   1 
ATOM   834  O  O   . ARG A 1 139 ? 7.669   27.383  16.743  1.00 74.42  ? 244 ARG A O   1 
ATOM   835  C  CB  . ARG A 1 139 ? 4.926   26.089  15.598  1.00 80.09  ? 244 ARG A CB  1 
ATOM   836  C  CG  . ARG A 1 139 ? 5.037   25.563  17.032  1.00 85.15  ? 244 ARG A CG  1 
ATOM   837  C  CD  . ARG A 1 139 ? 4.462   24.146  17.180  1.00 90.35  ? 244 ARG A CD  1 
ATOM   838  N  NE  . ARG A 1 139 ? 4.277   23.768  18.582  1.00 93.42  ? 244 ARG A NE  1 
ATOM   839  C  CZ  . ARG A 1 139 ? 3.398   24.344  19.400  1.00 96.07  ? 244 ARG A CZ  1 
ATOM   840  N  NH1 . ARG A 1 139 ? 2.620   25.324  18.955  1.00 97.56  ? 244 ARG A NH1 1 
ATOM   841  N  NH2 . ARG A 1 139 ? 3.302   23.949  20.662  1.00 97.27  ? 244 ARG A NH2 1 
ATOM   842  N  N   . VAL A 1 140 ? 7.988   26.441  14.725  1.00 72.65  ? 245 VAL A N   1 
ATOM   843  C  CA  . VAL A 1 140 ? 9.393   26.125  14.970  1.00 70.45  ? 245 VAL A CA  1 
ATOM   844  C  C   . VAL A 1 140 ? 10.388  27.189  14.471  1.00 69.58  ? 245 VAL A C   1 
ATOM   845  O  O   . VAL A 1 140 ? 11.203  27.693  15.245  1.00 69.35  ? 245 VAL A O   1 
ATOM   846  C  CB  . VAL A 1 140 ? 9.773   24.781  14.340  1.00 69.82  ? 245 VAL A CB  1 
ATOM   847  C  CG1 . VAL A 1 140 ? 11.182  24.430  14.715  1.00 69.39  ? 245 VAL A CG1 1 
ATOM   848  C  CG2 . VAL A 1 140 ? 8.828   23.697  14.817  1.00 70.24  ? 245 VAL A CG2 1 
ATOM   849  N  N   . GLY A 1 141 ? 10.336  27.520  13.185  1.00 68.04  ? 246 GLY A N   1 
ATOM   850  C  CA  . GLY A 1 141 ? 11.251  28.515  12.662  1.00 64.74  ? 246 GLY A CA  1 
ATOM   851  C  C   . GLY A 1 141 ? 11.190  28.642  11.161  1.00 63.51  ? 246 GLY A C   1 
ATOM   852  O  O   . GLY A 1 141 ? 10.533  27.844  10.494  1.00 63.47  ? 246 GLY A O   1 
ATOM   853  N  N   . HIS A 1 142 ? 11.880  29.642  10.624  1.00 62.58  ? 247 HIS A N   1 
ATOM   854  C  CA  . HIS A 1 142 ? 11.890  29.866  9.179   1.00 62.04  ? 247 HIS A CA  1 
ATOM   855  C  C   . HIS A 1 142 ? 13.050  29.169  8.506   1.00 59.45  ? 247 HIS A C   1 
ATOM   856  O  O   . HIS A 1 142 ? 13.909  29.824  7.927   1.00 62.09  ? 247 HIS A O   1 
ATOM   857  C  CB  . HIS A 1 142 ? 11.956  31.369  8.875   1.00 62.55  ? 247 HIS A CB  1 
ATOM   858  C  CG  . HIS A 1 142 ? 10.687  32.099  9.188   1.00 62.93  ? 247 HIS A CG  1 
ATOM   859  N  ND1 . HIS A 1 142 ? 10.452  33.398  8.789   1.00 62.10  ? 247 HIS A ND1 1 
ATOM   860  C  CD2 . HIS A 1 142 ? 9.585   31.702  9.860   1.00 61.82  ? 247 HIS A CD2 1 
ATOM   861  C  CE1 . HIS A 1 142 ? 9.255   33.769  9.205   1.00 62.12  ? 247 HIS A CE1 1 
ATOM   862  N  NE2 . HIS A 1 142 ? 8.706   32.761  9.858   1.00 62.17  ? 247 HIS A NE2 1 
ATOM   863  N  N   . PHE A 1 143 ? 13.068  27.846  8.565   1.00 58.18  ? 248 PHE A N   1 
ATOM   864  C  CA  . PHE A 1 143 ? 14.149  27.097  7.946   1.00 58.52  ? 248 PHE A CA  1 
ATOM   865  C  C   . PHE A 1 143 ? 13.691  25.726  7.482   1.00 58.84  ? 248 PHE A C   1 
ATOM   866  O  O   . PHE A 1 143 ? 12.787  25.136  8.073   1.00 58.05  ? 248 PHE A O   1 
ATOM   867  C  CB  . PHE A 1 143 ? 15.305  26.939  8.930   1.00 56.85  ? 248 PHE A CB  1 
ATOM   868  C  CG  . PHE A 1 143 ? 14.959  26.127  10.144  1.00 54.25  ? 248 PHE A CG  1 
ATOM   869  C  CD1 . PHE A 1 143 ? 15.159  24.751  10.155  1.00 54.15  ? 248 PHE A CD1 1 
ATOM   870  C  CD2 . PHE A 1 143 ? 14.462  26.744  11.289  1.00 52.77  ? 248 PHE A CD2 1 
ATOM   871  C  CE1 . PHE A 1 143 ? 14.867  24.003  11.282  1.00 54.27  ? 248 PHE A CE1 1 
ATOM   872  C  CE2 . PHE A 1 143 ? 14.165  26.005  12.423  1.00 53.15  ? 248 PHE A CE2 1 
ATOM   873  C  CZ  . PHE A 1 143 ? 14.372  24.629  12.424  1.00 53.90  ? 248 PHE A CZ  1 
ATOM   874  N  N   . ASP A 1 144 ? 14.334  25.232  6.425   1.00 60.18  ? 249 ASP A N   1 
ATOM   875  C  CA  . ASP A 1 144 ? 14.023  23.930  5.852   1.00 58.73  ? 249 ASP A CA  1 
ATOM   876  C  C   . ASP A 1 144 ? 14.357  22.851  6.869   1.00 58.89  ? 249 ASP A C   1 
ATOM   877  O  O   . ASP A 1 144 ? 15.513  22.629  7.229   1.00 58.00  ? 249 ASP A O   1 
ATOM   878  C  CB  . ASP A 1 144 ? 14.814  23.718  4.559   1.00 59.29  ? 249 ASP A CB  1 
ATOM   879  C  CG  . ASP A 1 144 ? 14.338  22.514  3.775   1.00 59.44  ? 249 ASP A CG  1 
ATOM   880  O  OD1 . ASP A 1 144 ? 14.544  21.386  4.263   1.00 54.26  ? 249 ASP A OD1 1 
ATOM   881  O  OD2 . ASP A 1 144 ? 13.751  22.703  2.680   1.00 57.48  ? 249 ASP A OD2 1 
ATOM   882  N  N   . PRO A 1 145 ? 13.327  22.160  7.354   1.00 58.44  ? 250 PRO A N   1 
ATOM   883  C  CA  . PRO A 1 145 ? 13.522  21.099  8.347   1.00 58.26  ? 250 PRO A CA  1 
ATOM   884  C  C   . PRO A 1 145 ? 14.720  20.188  8.072   1.00 58.90  ? 250 PRO A C   1 
ATOM   885  O  O   . PRO A 1 145 ? 15.380  19.731  9.008   1.00 62.80  ? 250 PRO A O   1 
ATOM   886  C  CB  . PRO A 1 145 ? 12.206  20.340  8.300   1.00 58.68  ? 250 PRO A CB  1 
ATOM   887  C  CG  . PRO A 1 145 ? 11.196  21.436  7.914   1.00 59.39  ? 250 PRO A CG  1 
ATOM   888  C  CD  . PRO A 1 145 ? 11.925  22.254  6.902   1.00 57.45  ? 250 PRO A CD  1 
ATOM   889  N  N   . VAL A 1 146 ? 15.017  19.913  6.807   1.00 56.51  ? 251 VAL A N   1 
ATOM   890  C  CA  . VAL A 1 146 ? 16.141  19.030  6.515   1.00 55.19  ? 251 VAL A CA  1 
ATOM   891  C  C   . VAL A 1 146 ? 17.416  19.734  6.054   1.00 54.48  ? 251 VAL A C   1 
ATOM   892  O  O   . VAL A 1 146 ? 18.495  19.439  6.560   1.00 54.67  ? 251 VAL A O   1 
ATOM   893  C  CB  . VAL A 1 146 ? 15.752  17.935  5.464   1.00 56.74  ? 251 VAL A CB  1 
ATOM   894  C  CG1 . VAL A 1 146 ? 15.018  18.552  4.314   1.00 60.42  ? 251 VAL A CG1 1 
ATOM   895  C  CG2 . VAL A 1 146 ? 17.005  17.231  4.934   1.00 54.40  ? 251 VAL A CG2 1 
ATOM   896  N  N   . THR A 1 147 ? 17.303  20.660  5.109   1.00 51.95  ? 252 THR A N   1 
ATOM   897  C  CA  . THR A 1 147 ? 18.485  21.345  4.636   1.00 52.32  ? 252 THR A CA  1 
ATOM   898  C  C   . THR A 1 147 ? 18.883  22.565  5.481   1.00 53.81  ? 252 THR A C   1 
ATOM   899  O  O   . THR A 1 147 ? 19.936  23.158  5.241   1.00 55.97  ? 252 THR A O   1 
ATOM   900  C  CB  . THR A 1 147 ? 18.329  21.820  3.192   1.00 51.37  ? 252 THR A CB  1 
ATOM   901  O  OG1 . THR A 1 147 ? 17.337  22.848  3.164   1.00 54.19  ? 252 THR A OG1 1 
ATOM   902  C  CG2 . THR A 1 147 ? 17.938  20.651  2.259   1.00 46.65  ? 252 THR A CG2 1 
ATOM   903  N  N   . ARG A 1 148 ? 18.052  22.954  6.446   1.00 54.74  ? 253 ARG A N   1 
ATOM   904  C  CA  . ARG A 1 148 ? 18.354  24.090  7.323   1.00 56.79  ? 253 ARG A CA  1 
ATOM   905  C  C   . ARG A 1 148 ? 18.350  25.394  6.535   1.00 55.55  ? 253 ARG A C   1 
ATOM   906  O  O   . ARG A 1 148 ? 18.447  26.497  7.079   1.00 54.69  ? 253 ARG A O   1 
ATOM   907  C  CB  . ARG A 1 148 ? 19.718  23.880  7.982   1.00 61.24  ? 253 ARG A CB  1 
ATOM   908  C  CG  . ARG A 1 148 ? 19.682  23.595  9.474   1.00 64.92  ? 253 ARG A CG  1 
ATOM   909  C  CD  . ARG A 1 148 ? 18.884  22.370  9.848   1.00 67.54  ? 253 ARG A CD  1 
ATOM   910  N  NE  . ARG A 1 148 ? 19.143  21.967  11.233  1.00 75.05  ? 253 ARG A NE  1 
ATOM   911  C  CZ  . ARG A 1 148 ? 19.093  22.767  12.306  1.00 77.87  ? 253 ARG A CZ  1 
ATOM   912  N  NH1 . ARG A 1 148 ? 18.792  24.058  12.208  1.00 78.02  ? 253 ARG A NH1 1 
ATOM   913  N  NH2 . ARG A 1 148 ? 19.345  22.258  13.504  1.00 80.24  ? 253 ARG A NH2 1 
ATOM   914  N  N   . SER A 1 149 ? 18.237  25.266  5.231   1.00 53.73  ? 254 SER A N   1 
ATOM   915  C  CA  . SER A 1 149 ? 18.199  26.438  4.406   1.00 55.08  ? 254 SER A CA  1 
ATOM   916  C  C   . SER A 1 149 ? 17.051  27.396  4.848   1.00 54.98  ? 254 SER A C   1 
ATOM   917  O  O   . SER A 1 149 ? 15.983  26.962  5.273   1.00 54.78  ? 254 SER A O   1 
ATOM   918  C  CB  . SER A 1 149 ? 18.046  25.977  2.967   1.00 53.12  ? 254 SER A CB  1 
ATOM   919  O  OG  . SER A 1 149 ? 17.614  27.044  2.146   1.00 61.23  ? 254 SER A OG  1 
ATOM   920  N  N   . PRO A 1 150 ? 17.290  28.722  4.780   1.00 57.03  ? 255 PRO A N   1 
ATOM   921  C  CA  . PRO A 1 150 ? 16.251  29.683  5.182   1.00 55.31  ? 255 PRO A CA  1 
ATOM   922  C  C   . PRO A 1 150 ? 14.992  29.472  4.347   1.00 55.03  ? 255 PRO A C   1 
ATOM   923  O  O   . PRO A 1 150 ? 15.050  29.278  3.133   1.00 55.75  ? 255 PRO A O   1 
ATOM   924  C  CB  . PRO A 1 150 ? 16.944  31.037  4.962   1.00 55.30  ? 255 PRO A CB  1 
ATOM   925  C  CG  . PRO A 1 150 ? 17.860  30.764  3.829   1.00 59.33  ? 255 PRO A CG  1 
ATOM   926  C  CD  . PRO A 1 150 ? 18.462  29.427  4.219   1.00 58.38  ? 255 PRO A CD  1 
ATOM   927  N  N   . LEU A 1 151 ? 13.844  29.481  5.007   1.00 54.97  ? 256 LEU A N   1 
ATOM   928  C  CA  . LEU A 1 151 ? 12.594  29.237  4.298   1.00 53.08  ? 256 LEU A CA  1 
ATOM   929  C  C   . LEU A 1 151 ? 11.438  29.958  4.939   1.00 53.88  ? 256 LEU A C   1 
ATOM   930  O  O   . LEU A 1 151 ? 11.409  30.129  6.161   1.00 55.04  ? 256 LEU A O   1 
ATOM   931  C  CB  . LEU A 1 151 ? 12.289  27.734  4.311   1.00 49.76  ? 256 LEU A CB  1 
ATOM   932  C  CG  . LEU A 1 151 ? 11.017  27.221  3.628   1.00 46.72  ? 256 LEU A CG  1 
ATOM   933  C  CD1 . LEU A 1 151 ? 11.206  27.307  2.115   1.00 46.78  ? 256 LEU A CD1 1 
ATOM   934  C  CD2 . LEU A 1 151 ? 10.715  25.775  4.076   1.00 46.67  ? 256 LEU A CD2 1 
ATOM   935  N  N   . THR A 1 152 ? 10.492  30.360  4.091   1.00 54.43  ? 257 THR A N   1 
ATOM   936  C  CA  . THR A 1 152 ? 9.249   31.023  4.487   1.00 55.54  ? 257 THR A CA  1 
ATOM   937  C  C   . THR A 1 152 ? 8.090   30.487  3.648   1.00 57.54  ? 257 THR A C   1 
ATOM   938  O  O   . THR A 1 152 ? 8.253   30.225  2.458   1.00 59.67  ? 257 THR A O   1 
ATOM   939  C  CB  . THR A 1 152 ? 9.313   32.533  4.279   1.00 54.51  ? 257 THR A CB  1 
ATOM   940  O  OG1 . THR A 1 152 ? 9.742   32.822  2.939   1.00 58.28  ? 257 THR A OG1 1 
ATOM   941  C  CG2 . THR A 1 152 ? 10.251  33.139  5.277   1.00 52.68  ? 257 THR A CG2 1 
ATOM   942  N  N   . GLN A 1 153 ? 6.923   30.342  4.277   1.00 60.86  ? 258 GLN A N   1 
ATOM   943  C  CA  . GLN A 1 153 ? 5.709   29.809  3.641   1.00 62.11  ? 258 GLN A CA  1 
ATOM   944  C  C   . GLN A 1 153 ? 5.465   30.221  2.196   1.00 60.26  ? 258 GLN A C   1 
ATOM   945  O  O   . GLN A 1 153 ? 4.983   29.427  1.389   1.00 58.82  ? 258 GLN A O   1 
ATOM   946  C  CB  . GLN A 1 153 ? 4.481   30.164  4.492   1.00 66.96  ? 258 GLN A CB  1 
ATOM   947  C  CG  . GLN A 1 153 ? 3.181   29.479  4.080   1.00 73.89  ? 258 GLN A CG  1 
ATOM   948  C  CD  . GLN A 1 153 ? 2.269   30.388  3.282   1.00 79.14  ? 258 GLN A CD  1 
ATOM   949  O  OE1 . GLN A 1 153 ? 2.569   30.751  2.149   1.00 82.05  ? 258 GLN A OE1 1 
ATOM   950  N  NE2 . GLN A 1 153 ? 1.146   30.770  3.885   1.00 83.06  ? 258 GLN A NE2 1 
ATOM   951  N  N   . ASP A 1 154 ? 5.794   31.460  1.864   1.00 59.08  ? 259 ASP A N   1 
ATOM   952  C  CA  . ASP A 1 154 ? 5.588   31.946  0.503   1.00 58.88  ? 259 ASP A CA  1 
ATOM   953  C  C   . ASP A 1 154 ? 6.483   31.284  -0.544  1.00 57.07  ? 259 ASP A C   1 
ATOM   954  O  O   . ASP A 1 154 ? 6.251   31.448  -1.740  1.00 56.56  ? 259 ASP A O   1 
ATOM   955  C  CB  . ASP A 1 154 ? 5.799   33.465  0.464   1.00 62.03  ? 259 ASP A CB  1 
ATOM   956  C  CG  . ASP A 1 154 ? 7.122   33.891  1.089   1.00 63.27  ? 259 ASP A CG  1 
ATOM   957  O  OD1 . ASP A 1 154 ? 7.241   33.845  2.336   1.00 63.63  ? 259 ASP A OD1 1 
ATOM   958  O  OD2 . ASP A 1 154 ? 8.041   34.277  0.336   1.00 62.74  ? 259 ASP A OD2 1 
ATOM   959  N  N   . GLN A 1 155 ? 7.502   30.548  -0.103  1.00 55.28  ? 260 GLN A N   1 
ATOM   960  C  CA  . GLN A 1 155 ? 8.419   29.903  -1.047  1.00 54.23  ? 260 GLN A CA  1 
ATOM   961  C  C   . GLN A 1 155 ? 7.936   28.485  -1.378  1.00 52.97  ? 260 GLN A C   1 
ATOM   962  O  O   . GLN A 1 155 ? 8.363   27.890  -2.361  1.00 51.95  ? 260 GLN A O   1 
ATOM   963  C  CB  . GLN A 1 155 ? 9.851   29.851  -0.482  1.00 55.36  ? 260 GLN A CB  1 
ATOM   964  C  CG  . GLN A 1 155 ? 10.446  31.225  -0.110  1.00 56.56  ? 260 GLN A CG  1 
ATOM   965  C  CD  . GLN A 1 155 ? 11.841  31.136  0.519   1.00 58.55  ? 260 GLN A CD  1 
ATOM   966  O  OE1 . GLN A 1 155 ? 12.857  31.324  -0.154  1.00 57.39  ? 260 GLN A OE1 1 
ATOM   967  N  NE2 . GLN A 1 155 ? 11.887  30.853  1.819   1.00 58.76  ? 260 GLN A NE2 1 
ATOM   968  N  N   . LEU A 1 156 ? 7.038   27.960  -0.552  1.00 51.15  ? 261 LEU A N   1 
ATOM   969  C  CA  . LEU A 1 156 ? 6.493   26.645  -0.781  1.00 50.90  ? 261 LEU A CA  1 
ATOM   970  C  C   . LEU A 1 156 ? 5.838   26.520  -2.163  1.00 53.10  ? 261 LEU A C   1 
ATOM   971  O  O   . LEU A 1 156 ? 5.038   27.367  -2.566  1.00 55.16  ? 261 LEU A O   1 
ATOM   972  C  CB  . LEU A 1 156 ? 5.463   26.301  0.280   1.00 47.16  ? 261 LEU A CB  1 
ATOM   973  C  CG  . LEU A 1 156 ? 5.997   26.173  1.700   1.00 48.36  ? 261 LEU A CG  1 
ATOM   974  C  CD1 . LEU A 1 156 ? 4.839   25.709  2.587   1.00 46.72  ? 261 LEU A CD1 1 
ATOM   975  C  CD2 . LEU A 1 156 ? 7.208   25.213  1.751   1.00 45.66  ? 261 LEU A CD2 1 
ATOM   976  N  N   . ILE A 1 157 ? 6.175   25.447  -2.873  1.00 52.65  ? 262 ILE A N   1 
ATOM   977  C  CA  . ILE A 1 157 ? 5.619   25.194  -4.188  1.00 52.01  ? 262 ILE A CA  1 
ATOM   978  C  C   . ILE A 1 157 ? 4.778   23.914  -4.146  1.00 51.06  ? 262 ILE A C   1 
ATOM   979  O  O   . ILE A 1 157 ? 5.174   22.914  -3.555  1.00 51.80  ? 262 ILE A O   1 
ATOM   980  C  CB  . ILE A 1 157 ? 6.748   25.042  -5.221  1.00 53.03  ? 262 ILE A CB  1 
ATOM   981  C  CG1 . ILE A 1 157 ? 7.595   26.327  -5.228  1.00 52.65  ? 262 ILE A CG1 1 
ATOM   982  C  CG2 . ILE A 1 157 ? 6.171   24.691  -6.587  1.00 52.34  ? 262 ILE A CG2 1 
ATOM   983  C  CD1 . ILE A 1 157 ? 8.811   26.275  -6.128  1.00 50.52  ? 262 ILE A CD1 1 
ATOM   984  N  N   . PRO A 1 158 ? 3.581   23.946  -4.747  1.00 50.43  ? 263 PRO A N   1 
ATOM   985  C  CA  . PRO A 1 158 ? 2.705   22.768  -4.765  1.00 49.02  ? 263 PRO A CA  1 
ATOM   986  C  C   . PRO A 1 158 ? 3.259   21.707  -5.713  1.00 46.92  ? 263 PRO A C   1 
ATOM   987  O  O   . PRO A 1 158 ? 3.472   21.959  -6.899  1.00 45.55  ? 263 PRO A O   1 
ATOM   988  C  CB  . PRO A 1 158 ? 1.354   23.342  -5.215  1.00 50.67  ? 263 PRO A CB  1 
ATOM   989  C  CG  . PRO A 1 158 ? 1.765   24.524  -6.083  1.00 50.33  ? 263 PRO A CG  1 
ATOM   990  C  CD  . PRO A 1 158 ? 2.917   25.125  -5.333  1.00 50.73  ? 263 PRO A CD  1 
ATOM   991  N  N   . ASN A 1 159 ? 3.531   20.534  -5.161  1.00 45.03  ? 264 ASN A N   1 
ATOM   992  C  CA  . ASN A 1 159 ? 4.088   19.449  -5.928  1.00 45.51  ? 264 ASN A CA  1 
ATOM   993  C  C   . ASN A 1 159 ? 2.924   18.738  -6.603  1.00 47.37  ? 264 ASN A C   1 
ATOM   994  O  O   . ASN A 1 159 ? 2.495   17.679  -6.140  1.00 48.94  ? 264 ASN A O   1 
ATOM   995  C  CB  . ASN A 1 159 ? 4.822   18.499  -4.996  1.00 46.38  ? 264 ASN A CB  1 
ATOM   996  C  CG  . ASN A 1 159 ? 5.776   17.627  -5.731  1.00 45.73  ? 264 ASN A CG  1 
ATOM   997  O  OD1 . ASN A 1 159 ? 5.554   17.311  -6.891  1.00 46.06  ? 264 ASN A OD1 1 
ATOM   998  N  ND2 . ASN A 1 159 ? 6.860   17.230  -5.067  1.00 47.36  ? 264 ASN A ND2 1 
ATOM   999  N  N   . LEU A 1 160 ? 2.405   19.339  -7.676  1.00 46.49  ? 265 LEU A N   1 
ATOM   1000 C  CA  . LEU A 1 160 ? 1.264   18.801  -8.415  1.00 47.17  ? 265 LEU A CA  1 
ATOM   1001 C  C   . LEU A 1 160 ? 1.476   17.356  -8.880  1.00 49.11  ? 265 LEU A C   1 
ATOM   1002 O  O   . LEU A 1 160 ? 0.572   16.523  -8.789  1.00 47.58  ? 265 LEU A O   1 
ATOM   1003 C  CB  . LEU A 1 160 ? 0.941   19.704  -9.627  1.00 45.67  ? 265 LEU A CB  1 
ATOM   1004 C  CG  . LEU A 1 160 ? 0.609   21.166  -9.266  1.00 45.47  ? 265 LEU A CG  1 
ATOM   1005 C  CD1 . LEU A 1 160 ? 0.519   22.038  -10.498 1.00 42.71  ? 265 LEU A CD1 1 
ATOM   1006 C  CD2 . LEU A 1 160 ? -0.696  21.205  -8.506  1.00 43.97  ? 265 LEU A CD2 1 
ATOM   1007 N  N   . ALA A 1 161 ? 2.674   17.056  -9.372  1.00 50.04  ? 266 ALA A N   1 
ATOM   1008 C  CA  . ALA A 1 161 ? 2.986   15.708  -9.833  1.00 49.45  ? 266 ALA A CA  1 
ATOM   1009 C  C   . ALA A 1 161 ? 2.793   14.701  -8.690  1.00 52.25  ? 266 ALA A C   1 
ATOM   1010 O  O   . ALA A 1 161 ? 2.136   13.670  -8.863  1.00 53.99  ? 266 ALA A O   1 
ATOM   1011 C  CB  . ALA A 1 161 ? 4.402   15.653  -10.361 1.00 44.15  ? 266 ALA A CB  1 
ATOM   1012 N  N   . MET A 1 162 ? 3.363   14.990  -7.523  1.00 52.21  ? 267 MET A N   1 
ATOM   1013 C  CA  . MET A 1 162 ? 3.227   14.092  -6.378  1.00 51.81  ? 267 MET A CA  1 
ATOM   1014 C  C   . MET A 1 162 ? 1.762   13.941  -5.924  1.00 52.59  ? 267 MET A C   1 
ATOM   1015 O  O   . MET A 1 162 ? 1.334   12.861  -5.512  1.00 49.76  ? 267 MET A O   1 
ATOM   1016 C  CB  . MET A 1 162 ? 4.099   14.590  -5.215  1.00 52.86  ? 267 MET A CB  1 
ATOM   1017 C  CG  . MET A 1 162 ? 5.603   14.277  -5.333  1.00 54.08  ? 267 MET A CG  1 
ATOM   1018 S  SD  . MET A 1 162 ? 6.059   12.498  -5.401  1.00 56.72  ? 267 MET A SD  1 
ATOM   1019 C  CE  . MET A 1 162 ? 5.410   11.935  -3.821  1.00 45.96  ? 267 MET A CE  1 
ATOM   1020 N  N   . LYS A 1 163 ? 0.998   15.025  -5.994  1.00 53.81  ? 268 LYS A N   1 
ATOM   1021 C  CA  . LYS A 1 163 ? -0.410  14.987  -5.612  1.00 55.53  ? 268 LYS A CA  1 
ATOM   1022 C  C   . LYS A 1 163 ? -1.135  13.932  -6.488  1.00 55.36  ? 268 LYS A C   1 
ATOM   1023 O  O   . LYS A 1 163 ? -1.941  13.145  -5.984  1.00 53.11  ? 268 LYS A O   1 
ATOM   1024 C  CB  . LYS A 1 163 ? -1.026  16.365  -5.808  1.00 60.04  ? 268 LYS A CB  1 
ATOM   1025 C  CG  . LYS A 1 163 ? -2.443  16.492  -5.308  1.00 64.78  ? 268 LYS A CG  1 
ATOM   1026 C  CD  . LYS A 1 163 ? -2.528  16.237  -3.813  1.00 71.45  ? 268 LYS A CD  1 
ATOM   1027 C  CE  . LYS A 1 163 ? -3.884  16.665  -3.255  1.00 76.20  ? 268 LYS A CE  1 
ATOM   1028 N  NZ  . LYS A 1 163 ? -5.056  15.961  -3.864  1.00 79.55  ? 268 LYS A NZ  1 
ATOM   1029 N  N   . GLU A 1 164 ? -0.835  13.925  -7.788  1.00 53.75  ? 269 GLU A N   1 
ATOM   1030 C  CA  . GLU A 1 164 ? -1.403  12.954  -8.715  1.00 55.27  ? 269 GLU A CA  1 
ATOM   1031 C  C   . GLU A 1 164 ? -0.986  11.526  -8.352  1.00 55.09  ? 269 GLU A C   1 
ATOM   1032 O  O   . GLU A 1 164 ? -1.812  10.611  -8.379  1.00 55.98  ? 269 GLU A O   1 
ATOM   1033 C  CB  . GLU A 1 164 ? -0.955  13.237  -10.149 1.00 54.99  ? 269 GLU A CB  1 
ATOM   1034 C  CG  . GLU A 1 164 ? -1.348  14.606  -10.647 1.00 56.88  ? 269 GLU A CG  1 
ATOM   1035 C  CD  . GLU A 1 164 ? -1.112  14.773  -12.135 1.00 58.04  ? 269 GLU A CD  1 
ATOM   1036 O  OE1 . GLU A 1 164 ? -1.078  15.923  -12.611 1.00 61.94  ? 269 GLU A OE1 1 
ATOM   1037 O  OE2 . GLU A 1 164 ? -0.968  13.753  -12.834 1.00 58.43  ? 269 GLU A OE2 1 
ATOM   1038 N  N   . VAL A 1 165 ? 0.297   11.334  -8.035  1.00 54.59  ? 270 VAL A N   1 
ATOM   1039 C  CA  . VAL A 1 165 ? 0.832   10.022  -7.651  1.00 51.31  ? 270 VAL A CA  1 
ATOM   1040 C  C   . VAL A 1 165 ? 0.063   9.494   -6.440  1.00 52.66  ? 270 VAL A C   1 
ATOM   1041 O  O   . VAL A 1 165 ? -0.429  8.366   -6.449  1.00 53.60  ? 270 VAL A O   1 
ATOM   1042 C  CB  . VAL A 1 165 ? 2.350   10.100  -7.253  1.00 50.05  ? 270 VAL A CB  1 
ATOM   1043 C  CG1 . VAL A 1 165 ? 2.741   8.844   -6.467  1.00 39.21  ? 270 VAL A CG1 1 
ATOM   1044 C  CG2 . VAL A 1 165 ? 3.242   10.288  -8.512  1.00 47.25  ? 270 VAL A CG2 1 
ATOM   1045 N  N   . ILE A 1 166 ? -0.047  10.319  -5.402  1.00 53.82  ? 271 ILE A N   1 
ATOM   1046 C  CA  . ILE A 1 166 ? -0.750  9.916   -4.190  1.00 58.08  ? 271 ILE A CA  1 
ATOM   1047 C  C   . ILE A 1 166 ? -2.229  9.643   -4.444  1.00 59.64  ? 271 ILE A C   1 
ATOM   1048 O  O   . ILE A 1 166 ? -2.767  8.679   -3.902  1.00 63.06  ? 271 ILE A O   1 
ATOM   1049 C  CB  . ILE A 1 166 ? -0.595  10.989  -3.067  1.00 57.86  ? 271 ILE A CB  1 
ATOM   1050 C  CG1 . ILE A 1 166 ? 0.858   11.024  -2.595  1.00 58.97  ? 271 ILE A CG1 1 
ATOM   1051 C  CG2 . ILE A 1 166 ? -1.461  10.643  -1.857  1.00 56.31  ? 271 ILE A CG2 1 
ATOM   1052 C  CD1 . ILE A 1 166 ? 1.134   12.151  -1.633  1.00 61.95  ? 271 ILE A CD1 1 
ATOM   1053 N  N   . ASP A 1 167 ? -2.877  10.472  -5.270  1.00 60.45  ? 272 ASP A N   1 
ATOM   1054 C  CA  . ASP A 1 167 ? -4.302  10.292  -5.575  1.00 60.93  ? 272 ASP A CA  1 
ATOM   1055 C  C   . ASP A 1 167 ? -4.493  8.943   -6.274  1.00 61.34  ? 272 ASP A C   1 
ATOM   1056 O  O   . ASP A 1 167 ? -5.372  8.171   -5.907  1.00 61.76  ? 272 ASP A O   1 
ATOM   1057 C  CB  . ASP A 1 167 ? -4.843  11.409  -6.488  1.00 59.81  ? 272 ASP A CB  1 
ATOM   1058 C  CG  . ASP A 1 167 ? -5.077  12.727  -5.753  1.00 60.42  ? 272 ASP A CG  1 
ATOM   1059 O  OD1 . ASP A 1 167 ? -5.189  12.720  -4.502  1.00 59.53  ? 272 ASP A OD1 1 
ATOM   1060 O  OD2 . ASP A 1 167 ? -5.167  13.771  -6.429  1.00 58.55  ? 272 ASP A OD2 1 
ATOM   1061 N  N   . ALA A 1 168 ? -3.665  8.671   -7.275  1.00 59.53  ? 273 ALA A N   1 
ATOM   1062 C  CA  . ALA A 1 168 ? -3.746  7.420   -7.984  1.00 59.94  ? 273 ALA A CA  1 
ATOM   1063 C  C   . ALA A 1 168 ? -3.480  6.259   -7.026  1.00 61.53  ? 273 ALA A C   1 
ATOM   1064 O  O   . ALA A 1 168 ? -3.992  5.153   -7.220  1.00 63.91  ? 273 ALA A O   1 
ATOM   1065 C  CB  . ALA A 1 168 ? -2.735  7.385   -9.120  1.00 59.29  ? 273 ALA A CB  1 
ATOM   1066 N  N   . PHE A 1 169 ? -2.684  6.509   -5.989  1.00 61.25  ? 274 PHE A N   1 
ATOM   1067 C  CA  . PHE A 1 169 ? -2.349  5.484   -5.001  1.00 60.84  ? 274 PHE A CA  1 
ATOM   1068 C  C   . PHE A 1 169 ? -3.529  5.208   -4.085  1.00 62.97  ? 274 PHE A C   1 
ATOM   1069 O  O   . PHE A 1 169 ? -3.844  4.055   -3.791  1.00 62.41  ? 274 PHE A O   1 
ATOM   1070 C  CB  . PHE A 1 169 ? -1.154  5.917   -4.146  1.00 57.56  ? 274 PHE A CB  1 
ATOM   1071 C  CG  . PHE A 1 169 ? -0.854  4.975   -3.016  1.00 50.83  ? 274 PHE A CG  1 
ATOM   1072 C  CD1 . PHE A 1 169 ? -0.090  3.840   -3.230  1.00 48.32  ? 274 PHE A CD1 1 
ATOM   1073 C  CD2 . PHE A 1 169 ? -1.346  5.230   -1.731  1.00 49.72  ? 274 PHE A CD2 1 
ATOM   1074 C  CE1 . PHE A 1 169 ? 0.179   2.967   -2.191  1.00 49.38  ? 274 PHE A CE1 1 
ATOM   1075 C  CE2 . PHE A 1 169 ? -1.081  4.359   -0.677  1.00 49.07  ? 274 PHE A CE2 1 
ATOM   1076 C  CZ  . PHE A 1 169 ? -0.317  3.228   -0.904  1.00 49.86  ? 274 PHE A CZ  1 
ATOM   1077 N  N   . ILE A 1 170 ? -4.173  6.275   -3.629  1.00 65.02  ? 275 ILE A N   1 
ATOM   1078 C  CA  . ILE A 1 170 ? -5.325  6.132   -2.757  1.00 68.31  ? 275 ILE A CA  1 
ATOM   1079 C  C   . ILE A 1 170 ? -6.495  5.438   -3.468  1.00 71.76  ? 275 ILE A C   1 
ATOM   1080 O  O   . ILE A 1 170 ? -7.297  4.763   -2.826  1.00 73.32  ? 275 ILE A O   1 
ATOM   1081 C  CB  . ILE A 1 170 ? -5.788  7.497   -2.225  1.00 67.64  ? 275 ILE A CB  1 
ATOM   1082 C  CG1 . ILE A 1 170 ? -4.701  8.105   -1.338  1.00 66.58  ? 275 ILE A CG1 1 
ATOM   1083 C  CG2 . ILE A 1 170 ? -7.041  7.324   -1.396  1.00 69.73  ? 275 ILE A CG2 1 
ATOM   1084 C  CD1 . ILE A 1 170 ? -5.134  9.352   -0.579  1.00 63.66  ? 275 ILE A CD1 1 
ATOM   1085 N  N   . GLN A 1 171 ? -6.581  5.602   -4.787  1.00 74.53  ? 276 GLN A N   1 
ATOM   1086 C  CA  . GLN A 1 171 ? -7.637  4.981   -5.574  1.00 77.37  ? 276 GLN A CA  1 
ATOM   1087 C  C   . GLN A 1 171 ? -7.407  3.492   -5.718  1.00 79.24  ? 276 GLN A C   1 
ATOM   1088 O  O   . GLN A 1 171 ? -8.255  2.683   -5.338  1.00 79.51  ? 276 GLN A O   1 
ATOM   1089 C  CB  . GLN A 1 171 ? -7.712  5.583   -6.973  1.00 78.90  ? 276 GLN A CB  1 
ATOM   1090 C  CG  . GLN A 1 171 ? -8.663  6.746   -7.088  1.00 81.85  ? 276 GLN A CG  1 
ATOM   1091 C  CD  . GLN A 1 171 ? -8.742  7.289   -8.499  1.00 85.81  ? 276 GLN A CD  1 
ATOM   1092 O  OE1 . GLN A 1 171 ? -9.480  8.239   -8.769  1.00 88.79  ? 276 GLN A OE1 1 
ATOM   1093 N  NE2 . GLN A 1 171 ? -7.980  6.692   -9.409  1.00 85.47  ? 276 GLN A NE2 1 
ATOM   1094 N  N   . GLU A 1 172 ? -6.255  3.134   -6.278  1.00 80.32  ? 277 GLU A N   1 
ATOM   1095 C  CA  . GLU A 1 172 ? -5.902  1.734   -6.483  1.00 81.47  ? 277 GLU A CA  1 
ATOM   1096 C  C   . GLU A 1 172 ? -5.697  0.969   -5.168  1.00 80.47  ? 277 GLU A C   1 
ATOM   1097 O  O   . GLU A 1 172 ? -5.476  -0.243  -5.178  1.00 80.49  ? 277 GLU A O   1 
ATOM   1098 C  CB  . GLU A 1 172 ? -4.650  1.622   -7.363  1.00 84.39  ? 277 GLU A CB  1 
ATOM   1099 C  CG  . GLU A 1 172 ? -4.278  0.178   -7.708  1.00 91.32  ? 277 GLU A CG  1 
ATOM   1100 C  CD  . GLU A 1 172 ? -5.456  -0.642  -8.234  1.00 93.73  ? 277 GLU A CD  1 
ATOM   1101 O  OE1 . GLU A 1 172 ? -5.969  -0.329  -9.333  1.00 95.42  ? 277 GLU A OE1 1 
ATOM   1102 O  OE2 . GLU A 1 172 ? -5.872  -1.600  -7.546  1.00 93.65  ? 277 GLU A OE2 1 
ATOM   1103 N  N   . ASN A 1 173 ? -5.791  1.673   -4.041  1.00 79.21  ? 278 ASN A N   1 
ATOM   1104 C  CA  . ASN A 1 173 ? -5.625  1.046   -2.730  1.00 79.39  ? 278 ASN A CA  1 
ATOM   1105 C  C   . ASN A 1 173 ? -6.668  1.558   -1.736  1.00 81.01  ? 278 ASN A C   1 
ATOM   1106 O  O   . ASN A 1 173 ? -6.425  2.494   -0.976  1.00 81.58  ? 278 ASN A O   1 
ATOM   1107 C  CB  . ASN A 1 173 ? -4.218  1.315   -2.203  1.00 78.19  ? 278 ASN A CB  1 
ATOM   1108 C  CG  . ASN A 1 173 ? -3.147  0.836   -3.160  1.00 78.71  ? 278 ASN A CG  1 
ATOM   1109 O  OD1 . ASN A 1 173 ? -2.967  -0.363  -3.357  1.00 79.59  ? 278 ASN A OD1 1 
ATOM   1110 N  ND2 . ASN A 1 173 ? -2.444  1.778   -3.781  1.00 77.74  ? 278 ASN A ND2 1 
ATOM   1111 N  N   . GLY A 1 174 ? -7.837  0.928   -1.743  1.00 82.43  ? 279 GLY A N   1 
ATOM   1112 C  CA  . GLY A 1 174 ? -8.898  1.350   -0.850  1.00 85.45  ? 279 GLY A CA  1 
ATOM   1113 C  C   . GLY A 1 174 ? -8.609  1.182   0.631   1.00 87.46  ? 279 GLY A C   1 
ATOM   1114 O  O   . GLY A 1 174 ? -9.162  1.914   1.457   1.00 88.43  ? 279 GLY A O   1 
ATOM   1115 N  N   . TRP A 1 175 ? -7.759  0.217   0.975   1.00 88.02  ? 280 TRP A N   1 
ATOM   1116 C  CA  . TRP A 1 175 ? -7.411  -0.035  2.369   1.00 87.84  ? 280 TRP A CA  1 
ATOM   1117 C  C   . TRP A 1 175 ? -6.838  1.210   3.031   1.00 89.85  ? 280 TRP A C   1 
ATOM   1118 O  O   . TRP A 1 175 ? -6.767  1.298   4.256   1.00 90.58  ? 280 TRP A O   1 
ATOM   1119 C  CB  . TRP A 1 175 ? -6.408  -1.189  2.475   1.00 85.63  ? 280 TRP A CB  1 
ATOM   1120 C  CG  . TRP A 1 175 ? -5.340  -1.162  1.440   1.00 84.27  ? 280 TRP A CG  1 
ATOM   1121 C  CD1 . TRP A 1 175 ? -5.431  -1.604  0.151   1.00 84.29  ? 280 TRP A CD1 1 
ATOM   1122 C  CD2 . TRP A 1 175 ? -4.014  -0.655  1.599   1.00 83.31  ? 280 TRP A CD2 1 
ATOM   1123 N  NE1 . TRP A 1 175 ? -4.235  -1.408  -0.503  1.00 84.48  ? 280 TRP A NE1 1 
ATOM   1124 C  CE2 . TRP A 1 175 ? -3.347  -0.829  0.367   1.00 83.51  ? 280 TRP A CE2 1 
ATOM   1125 C  CE3 . TRP A 1 175 ? -3.321  -0.079  2.668   1.00 81.67  ? 280 TRP A CE3 1 
ATOM   1126 C  CZ2 . TRP A 1 175 ? -2.024  -0.438  0.171   1.00 82.92  ? 280 TRP A CZ2 1 
ATOM   1127 C  CZ3 . TRP A 1 175 ? -2.007  0.311   2.476   1.00 83.13  ? 280 TRP A CZ3 1 
ATOM   1128 C  CH2 . TRP A 1 175 ? -1.368  0.126   1.237   1.00 83.30  ? 280 TRP A CH2 1 
ATOM   1129 N  N   . VAL A 1 176 ? -6.432  2.179   2.220   1.00 91.06  ? 281 VAL A N   1 
ATOM   1130 C  CA  . VAL A 1 176 ? -5.876  3.415   2.754   1.00 92.43  ? 281 VAL A CA  1 
ATOM   1131 C  C   . VAL A 1 176 ? -6.936  4.201   3.538   1.00 94.45  ? 281 VAL A C   1 
ATOM   1132 O  O   . VAL A 1 176 ? -8.135  4.015   3.331   1.00 94.56  ? 281 VAL A O   1 
ATOM   1133 C  CB  . VAL A 1 176 ? -5.320  4.289   1.616   1.00 91.72  ? 281 VAL A CB  1 
ATOM   1134 C  CG1 . VAL A 1 176 ? -4.667  5.531   2.189   1.00 89.61  ? 281 VAL A CG1 1 
ATOM   1135 C  CG2 . VAL A 1 176 ? -4.316  3.493   0.803   1.00 89.74  ? 281 VAL A CG2 1 
ATOM   1136 N  N   . GLU A 1 177 ? -6.488  5.066   4.445   1.00 96.47  ? 282 GLU A N   1 
ATOM   1137 C  CA  . GLU A 1 177 ? -7.387  5.883   5.268   1.00 98.34  ? 282 GLU A CA  1 
ATOM   1138 C  C   . GLU A 1 177 ? -8.154  5.039   6.283   1.00 99.36  ? 282 GLU A C   1 
ATOM   1139 O  O   . GLU A 1 177 ? -8.001  5.296   7.495   1.00 72.72  ? 282 GLU A O   1 
ATOM   1140 C  CB  . GLU A 1 177 ? -8.393  6.648   4.392   1.00 98.52  ? 282 GLU A CB  1 
ATOM   1141 C  CG  . GLU A 1 177 ? -7.760  7.564   3.346   1.00 99.04  ? 282 GLU A CG  1 
ATOM   1142 C  CD  . GLU A 1 177 ? -8.787  8.321   2.511   1.00 97.96  ? 282 GLU A CD  1 
ATOM   1143 O  OE1 . GLU A 1 177 ? -9.733  7.682   1.996   1.00 96.71  ? 282 GLU A OE1 1 
ATOM   1144 O  OE2 . GLU A 1 177 ? -8.630  9.549   2.357   1.00 97.23  ? 282 GLU A OE2 1 
HETATM 1145 CL CL  . CL  B 2 .   ? 5.705   16.459  6.235   1.00 60.63  ? 572 CL  A CL  1 
HETATM 1146 O  O   . HOH C 3 .   ? 10.914  16.164  -2.723  1.00 50.42  ? 501 HOH A O   1 
HETATM 1147 O  O   . HOH C 3 .   ? 10.094  10.294  5.875   1.00 74.55  ? 502 HOH A O   1 
HETATM 1148 O  O   . HOH C 3 .   ? 13.340  33.583  2.397   1.00 55.49  ? 503 HOH A O   1 
HETATM 1149 O  O   . HOH C 3 .   ? 1.945   27.449  -1.999  1.00 68.59  ? 504 HOH A O   1 
HETATM 1150 O  O   . HOH C 3 .   ? -0.289  18.641  -13.285 1.00 60.18  ? 505 HOH A O   1 
HETATM 1151 O  O   . HOH C 3 .   ? 6.893   30.495  -6.022  1.00 80.49  ? 506 HOH A O   1 
HETATM 1152 O  O   . HOH C 3 .   ? 9.716   29.433  -4.576  1.00 54.35  ? 507 HOH A O   1 
HETATM 1153 O  O   . HOH C 3 .   ? -8.370  -23.054 0.853   1.00 74.06  ? 508 HOH A O   1 
HETATM 1154 O  O   . HOH C 3 .   ? -17.040 -4.310  7.656   1.00 97.29  ? 509 HOH A O   1 
HETATM 1155 O  O   . HOH C 3 .   ? -4.317  -8.239  -2.564  1.00 77.08  ? 510 HOH A O   1 
HETATM 1156 O  O   . HOH C 3 .   ? 0.299   -1.285  -1.985  1.00 72.44  ? 511 HOH A O   1 
HETATM 1157 O  O   . HOH C 3 .   ? -3.988  -3.118  4.787   1.00 58.30  ? 512 HOH A O   1 
HETATM 1158 O  O   . HOH C 3 .   ? -8.457  2.251   -10.116 1.00 66.24  ? 513 HOH A O   1 
HETATM 1159 O  O   . HOH C 3 .   ? -5.736  14.497  -9.033  1.00 79.57  ? 514 HOH A O   1 
HETATM 1160 O  O   . HOH C 3 .   ? 11.814  31.266  -3.542  1.00 72.87  ? 515 HOH A O   1 
HETATM 1161 O  O   . HOH C 3 .   ? 2.314   28.653  0.172   1.00 90.76  ? 516 HOH A O   1 
HETATM 1162 O  O   . HOH C 3 .   ? 23.516  20.922  14.333  1.00 73.94  ? 517 HOH A O   1 
HETATM 1163 O  O   . HOH C 3 .   ? 9.863   26.733  17.696  1.00 89.66  ? 518 HOH A O   1 
HETATM 1164 O  O   . HOH C 3 .   ? 5.984   32.844  10.648  1.00 56.61  ? 519 HOH A O   1 
HETATM 1165 O  O   . HOH C 3 .   ? 18.897  26.158  -2.478  1.00 54.47  ? 520 HOH A O   1 
HETATM 1166 O  O   . HOH C 3 .   ? 2.592   -42.687 -9.395  1.00 73.06  ? 521 HOH A O   1 
HETATM 1167 O  O   . HOH C 3 .   ? -7.958  -45.693 -2.289  1.00 73.45  ? 522 HOH A O   1 
HETATM 1168 O  O   . HOH C 3 .   ? -8.697  -34.991 -2.617  1.00 82.57  ? 523 HOH A O   1 
HETATM 1169 O  O   . HOH C 3 .   ? 5.492   -40.023 -8.510  1.00 90.04  ? 524 HOH A O   1 
HETATM 1170 O  O   . HOH C 3 .   ? 18.639  24.951  14.555  1.00 72.11  ? 525 HOH A O   1 
HETATM 1171 O  O   . HOH C 3 .   ? -2.295  -10.018 -2.440  1.00 98.55  ? 526 HOH A O   1 
HETATM 1172 O  O   . HOH C 3 .   ? 14.402  24.726  0.967   1.00 60.57  ? 527 HOH A O   1 
HETATM 1173 O  O   . HOH C 3 .   ? 5.015   20.748  11.785  1.00 65.68  ? 528 HOH A O   1 
HETATM 1174 O  O   . HOH C 3 .   ? -1.706  19.364  4.106   1.00 67.93  ? 529 HOH A O   1 
HETATM 1175 O  O   . HOH C 3 .   ? 8.124   -34.416 -7.086  1.00 71.53  ? 530 HOH A O   1 
HETATM 1176 O  O   . HOH C 3 .   ? 9.707   20.308  13.594  1.00 65.73  ? 531 HOH A O   1 
HETATM 1177 O  O   . HOH C 3 .   ? -13.264 -16.501 -6.214  1.00 61.57  ? 532 HOH A O   1 
HETATM 1178 O  O   . HOH C 3 .   ? -14.924 -20.072 2.228   1.00 56.90  ? 533 HOH A O   1 
HETATM 1179 O  O   . HOH C 3 .   ? -6.092  13.398  -11.058 1.00 62.51  ? 534 HOH A O   1 
HETATM 1180 O  O   . HOH C 3 .   ? -5.735  -4.406  3.620   1.00 91.28  ? 535 HOH A O   1 
HETATM 1181 O  O   . HOH C 3 .   ? -18.918 -2.456  7.623   1.00 96.37  ? 536 HOH A O   1 
HETATM 1182 O  O   . HOH C 3 .   ? -17.855 7.910   8.788   1.00 80.20  ? 537 HOH A O   1 
HETATM 1183 O  O   . HOH C 3 .   ? 3.217   4.332   -6.409  1.00 62.35  ? 538 HOH A O   1 
HETATM 1184 O  O   . HOH C 3 .   ? 15.316  30.915  0.808   1.00 62.43  ? 539 HOH A O   1 
HETATM 1185 O  O   . HOH C 3 .   ? -7.281  2.917   8.651   1.00 76.55  ? 540 HOH A O   1 
HETATM 1186 O  O   . HOH C 3 .   ? 8.495   2.192   1.910   1.00 68.98  ? 541 HOH A O   1 
HETATM 1187 O  O   . HOH C 3 .   ? -7.124  -16.110 1.700   1.00 73.28  ? 542 HOH A O   1 
HETATM 1188 O  O   . HOH C 3 .   ? -0.259  20.384  -16.192 1.00 79.74  ? 543 HOH A O   1 
HETATM 1189 O  O   . HOH C 3 .   ? 6.684   -40.949 -6.084  1.00 73.01  ? 544 HOH A O   1 
HETATM 1190 O  O   . HOH C 3 .   ? -3.655  1.440   5.193   1.00 105.15 ? 545 HOH A O   1 
HETATM 1191 O  O   . HOH C 3 .   ? -15.353 -19.566 -4.310  1.00 82.07  ? 546 HOH A O   1 
HETATM 1192 O  O   . HOH C 3 .   ? -19.145 -14.081 3.376   1.00 79.51  ? 547 HOH A O   1 
HETATM 1193 O  O   . HOH C 3 .   ? -7.753  -1.129  6.027   1.00 79.03  ? 548 HOH A O   1 
HETATM 1194 O  O   . HOH C 3 .   ? -10.983 4.657   -2.844  1.00 81.62  ? 549 HOH A O   1 
HETATM 1195 O  O   . HOH C 3 .   ? 12.682  36.303  3.222   1.00 70.03  ? 550 HOH A O   1 
HETATM 1196 O  O   . HOH C 3 .   ? 18.769  18.944  -1.262  1.00 76.75  ? 551 HOH A O   1 
HETATM 1197 O  O   . HOH C 3 .   ? -2.663  26.032  -0.679  1.00 73.71  ? 552 HOH A O   1 
HETATM 1198 O  O   . HOH C 3 .   ? 4.756   31.008  9.525   1.00 85.52  ? 553 HOH A O   1 
HETATM 1199 O  O   . HOH C 3 .   ? -21.669 -0.959  9.134   1.00 77.40  ? 554 HOH A O   1 
HETATM 1200 O  O   . HOH C 3 .   ? -3.043  -18.857 0.891   1.00 68.89  ? 555 HOH A O   1 
HETATM 1201 O  O   . HOH C 3 .   ? 14.109  35.081  -0.937  1.00 99.10  ? 556 HOH A O   1 
HETATM 1202 O  O   . HOH C 3 .   ? -4.470  11.062  -11.088 1.00 61.74  ? 557 HOH A O   1 
HETATM 1203 O  O   . HOH C 3 .   ? -3.294  -44.185 -2.044  1.00 77.52  ? 558 HOH A O   1 
HETATM 1204 O  O   . HOH C 3 .   ? 3.706   -4.581  5.545   1.00 64.95  ? 559 HOH A O   1 
HETATM 1205 O  O   . HOH C 3 .   ? 2.433   27.434  17.054  1.00 96.33  ? 560 HOH A O   1 
HETATM 1206 O  O   . HOH C 3 .   ? 0.923   15.456  12.198  1.00 66.99  ? 561 HOH A O   1 
HETATM 1207 O  O   . HOH C 3 .   ? -2.657  -21.000 -0.749  1.00 80.73  ? 562 HOH A O   1 
HETATM 1208 O  O   . HOH C 3 .   ? -7.721  15.952  -4.419  1.00 82.49  ? 563 HOH A O   1 
HETATM 1209 O  O   . HOH C 3 .   ? 3.412   -26.521 -12.185 1.00 65.25  ? 564 HOH A O   1 
HETATM 1210 O  O   . HOH C 3 .   ? 0.620   -14.450 5.058   1.00 84.05  ? 565 HOH A O   1 
HETATM 1211 O  O   . HOH C 3 .   ? 4.770   35.052  9.811   1.00 80.61  ? 566 HOH A O   1 
HETATM 1212 O  O   . HOH C 3 .   ? 14.788  27.663  0.954   1.00 50.69  ? 567 HOH A O   1 
HETATM 1213 O  O   . HOH C 3 .   ? -3.698  -3.372  -3.331  1.00 75.92  ? 568 HOH A O   1 
HETATM 1214 O  O   . HOH C 3 .   ? 20.319  27.982  1.028   1.00 72.90  ? 569 HOH A O   1 
HETATM 1215 O  O   . HOH C 3 .   ? -6.125  13.334  -2.291  1.00 84.40  ? 570 HOH A O   1 
HETATM 1216 O  O   . HOH C 3 .   ? 2.429   18.456  -13.261 1.00 63.48  ? 571 HOH A O   1 
# 
